data_7QI3
#
_entry.id   7QI3
#
_cell.length_a   72.580
_cell.length_b   76.880
_cell.length_c   92.544
_cell.angle_alpha   76.220
_cell.angle_beta   73.060
_cell.angle_gamma   72.490
#
_symmetry.space_group_name_H-M   'P 1'
#
loop_
_entity.id
_entity.type
_entity.pdbx_description
1 polymer 'Arylamine N-acetyltransferase'
2 non-polymer DI(HYDROXYETHYL)ETHER
3 non-polymer 1,2-ETHANEDIOL
4 non-polymer 'TRIETHYLENE GLYCOL'
5 non-polymer 'TETRAETHYLENE GLYCOL'
6 water water
#
_entity_poly.entity_id   1
_entity_poly.type   'polypeptide(L)'
_entity_poly.pdbx_seq_one_letter_code
;MARLEDPTALTQLPDESARVRYTSSELQDYFETLKFPQRFLDLGNSVLKDPSLARTKENGLPLLQAITRYHTCNVPFENL
VLHYDPHKIVTLDPAELYTKIVTRRRGGRCMENNIFLGTALRSLGYEVRNCGGRVSRAMSPYPEVRKNQSATYDGWNHML
LLVFLGDEWYGVDVGMGSMGPNLPFPLQDGFESLSIAPREIRIQKRSISETHATGPSHATKMWCYDVCYNPAESKKTWTP
VYCFTETEFLPQDYEVMSWFTSTNPRSFFTRYITCTKMIMDEDKEVIIGNLTLFKDTVRETIGSDRKVVKKFETEEERIK
GLVEIFDVNLTEEEKNSLPQEKRL
;
_entity_poly.pdbx_strand_id   A,B,C,D
#
loop_
_chem_comp.id
_chem_comp.type
_chem_comp.name
_chem_comp.formula
EDO non-polymer 1,2-ETHANEDIOL 'C2 H6 O2'
PEG non-polymer DI(HYDROXYETHYL)ETHER 'C4 H10 O3'
PG4 non-polymer 'TETRAETHYLENE GLYCOL' 'C8 H18 O5'
PGE non-polymer 'TRIETHYLENE GLYCOL' 'C6 H14 O4'
#
# COMPACT_ATOMS: atom_id res chain seq x y z
N GLU A 5 -30.02 13.95 -25.98
CA GLU A 5 -28.65 13.81 -26.45
C GLU A 5 -27.80 13.08 -25.43
N ASP A 6 -26.77 12.40 -25.92
CA ASP A 6 -25.88 11.69 -25.02
C ASP A 6 -25.14 12.66 -24.12
N PRO A 7 -24.95 12.30 -22.85
CA PRO A 7 -24.15 13.15 -21.95
C PRO A 7 -22.74 13.35 -22.49
N THR A 8 -22.20 14.55 -22.28
CA THR A 8 -20.79 14.82 -22.56
C THR A 8 -19.94 14.86 -21.30
N ALA A 9 -20.56 14.89 -20.11
CA ALA A 9 -19.86 14.94 -18.84
C ALA A 9 -20.76 14.34 -17.78
N LEU A 10 -20.18 13.52 -16.93
CA LEU A 10 -20.94 12.96 -15.81
C LEU A 10 -20.44 13.59 -14.53
N THR A 11 -21.24 13.43 -13.48
CA THR A 11 -20.87 13.97 -12.19
C THR A 11 -19.56 13.35 -11.74
N GLN A 12 -18.66 14.18 -11.23
CA GLN A 12 -17.40 13.68 -10.72
C GLN A 12 -16.98 14.56 -9.55
N LEU A 13 -15.95 14.11 -8.85
N LEU A 13 -15.96 14.10 -8.84
CA LEU A 13 -15.27 14.95 -7.87
CA LEU A 13 -15.28 14.96 -7.89
C LEU A 13 -14.21 15.77 -8.60
C LEU A 13 -14.24 15.78 -8.63
N PRO A 14 -14.32 17.10 -8.64
CA PRO A 14 -13.35 17.89 -9.41
C PRO A 14 -11.95 17.77 -8.82
N ASP A 15 -10.96 17.96 -9.68
CA ASP A 15 -9.58 18.07 -9.23
C ASP A 15 -9.46 19.19 -8.19
N GLU A 16 -8.47 19.02 -7.30
CA GLU A 16 -8.34 19.89 -6.13
C GLU A 16 -8.37 21.36 -6.51
N SER A 17 -7.77 21.72 -7.64
CA SER A 17 -7.73 23.13 -8.02
C SER A 17 -9.06 23.65 -8.55
N ALA A 18 -9.98 22.76 -8.97
CA ALA A 18 -11.27 23.18 -9.48
C ALA A 18 -12.40 23.08 -8.47
N ARG A 19 -12.12 22.68 -7.23
CA ARG A 19 -13.18 22.46 -6.25
C ARG A 19 -13.70 23.77 -5.68
N VAL A 20 -14.99 23.79 -5.37
CA VAL A 20 -15.60 24.96 -4.73
C VAL A 20 -15.00 25.16 -3.36
N ARG A 21 -14.53 26.38 -3.08
CA ARG A 21 -14.14 26.80 -1.74
C ARG A 21 -14.97 28.01 -1.34
N TYR A 22 -15.43 28.03 -0.09
CA TYR A 22 -16.13 29.19 0.46
C TYR A 22 -15.11 30.17 1.01
N THR A 23 -15.20 31.44 0.59
CA THR A 23 -14.26 32.48 1.02
C THR A 23 -14.42 32.78 2.51
N SER A 24 -13.47 33.56 3.05
N SER A 24 -13.48 33.56 3.04
CA SER A 24 -13.59 33.99 4.44
CA SER A 24 -13.58 34.00 4.44
C SER A 24 -14.89 34.76 4.67
C SER A 24 -14.88 34.76 4.68
N SER A 25 -15.26 35.62 3.73
N SER A 25 -15.27 35.61 3.73
CA SER A 25 -16.51 36.37 3.86
CA SER A 25 -16.52 36.36 3.88
C SER A 25 -17.72 35.45 3.77
C SER A 25 -17.73 35.45 3.77
N GLU A 26 -17.67 34.46 2.88
CA GLU A 26 -18.78 33.52 2.77
C GLU A 26 -18.93 32.69 4.04
N LEU A 27 -17.80 32.31 4.64
CA LEU A 27 -17.85 31.58 5.89
C LEU A 27 -18.39 32.46 7.01
N GLN A 28 -17.94 33.72 7.07
CA GLN A 28 -18.54 34.66 8.00
C GLN A 28 -20.05 34.76 7.82
N ASP A 29 -20.52 34.81 6.57
CA ASP A 29 -21.97 34.90 6.36
C ASP A 29 -22.67 33.62 6.83
N TYR A 30 -22.01 32.47 6.70
CA TYR A 30 -22.54 31.23 7.27
C TYR A 30 -22.65 31.31 8.79
N PHE A 31 -21.61 31.84 9.47
CA PHE A 31 -21.67 31.98 10.92
C PHE A 31 -22.83 32.86 11.35
N GLU A 32 -23.20 33.86 10.54
CA GLU A 32 -24.34 34.69 10.89
C GLU A 32 -25.65 33.95 10.64
N THR A 33 -25.71 33.12 9.60
CA THR A 33 -26.88 32.29 9.35
C THR A 33 -27.08 31.28 10.46
N LEU A 34 -25.97 30.76 11.01
CA LEU A 34 -26.01 29.92 12.20
C LEU A 34 -26.48 30.68 13.43
N LYS A 35 -26.45 32.01 13.40
CA LYS A 35 -26.79 32.87 14.54
C LYS A 35 -25.81 32.68 15.70
N PHE A 36 -24.52 32.51 15.38
CA PHE A 36 -23.50 32.42 16.41
C PHE A 36 -23.60 33.60 17.37
N PRO A 37 -23.49 33.36 18.68
CA PRO A 37 -23.29 34.49 19.60
C PRO A 37 -21.85 34.96 19.47
N GLN A 38 -21.49 36.01 20.20
N GLN A 38 -21.50 36.03 20.20
CA GLN A 38 -20.20 36.65 19.97
CA GLN A 38 -20.21 36.67 20.02
C GLN A 38 -19.02 35.72 20.26
C GLN A 38 -19.05 35.70 20.24
N ARG A 39 -19.14 34.86 21.27
CA ARG A 39 -18.00 34.01 21.63
C ARG A 39 -17.69 32.99 20.55
N PHE A 40 -18.70 32.55 19.80
CA PHE A 40 -18.43 31.61 18.71
C PHE A 40 -18.12 32.33 17.40
N LEU A 41 -18.61 33.56 17.21
CA LEU A 41 -18.08 34.40 16.14
C LEU A 41 -16.60 34.63 16.36
N ASP A 42 -16.19 34.93 17.60
CA ASP A 42 -14.78 35.08 17.93
C ASP A 42 -14.01 33.81 17.63
N LEU A 43 -14.57 32.66 18.00
CA LEU A 43 -13.87 31.41 17.77
C LEU A 43 -13.76 31.10 16.28
N GLY A 44 -14.85 31.30 15.54
CA GLY A 44 -14.79 31.12 14.10
C GLY A 44 -13.78 32.04 13.43
N ASN A 45 -13.73 33.30 13.86
N ASN A 45 -13.76 33.30 13.85
CA ASN A 45 -12.82 34.23 13.21
CA ASN A 45 -12.82 34.26 13.26
C ASN A 45 -11.36 33.94 13.57
C ASN A 45 -11.38 33.88 13.55
N SER A 46 -11.11 33.31 14.72
CA SER A 46 -9.74 32.93 15.04
C SER A 46 -9.26 31.80 14.13
N VAL A 47 -10.18 30.94 13.67
CA VAL A 47 -9.80 29.87 12.74
C VAL A 47 -9.70 30.40 11.31
N LEU A 48 -10.58 31.33 10.92
CA LEU A 48 -10.43 32.02 9.64
C LEU A 48 -9.07 32.72 9.55
N LYS A 49 -8.54 33.20 10.67
CA LYS A 49 -7.24 33.88 10.67
C LYS A 49 -6.07 32.92 10.76
N ASP A 50 -6.28 31.71 11.28
CA ASP A 50 -5.22 30.71 11.43
C ASP A 50 -5.79 29.34 11.13
N PRO A 51 -5.85 28.96 9.84
CA PRO A 51 -6.44 27.67 9.48
C PRO A 51 -5.76 26.47 10.11
N SER A 52 -4.51 26.60 10.57
CA SER A 52 -3.85 25.46 11.21
C SER A 52 -4.57 25.03 12.49
N LEU A 53 -5.39 25.90 13.08
CA LEU A 53 -6.14 25.51 14.28
C LEU A 53 -7.16 24.42 13.98
N ALA A 54 -7.66 24.36 12.75
CA ALA A 54 -8.63 23.33 12.39
C ALA A 54 -8.01 21.93 12.33
N ARG A 55 -6.69 21.84 12.41
CA ARG A 55 -6.04 20.53 12.36
C ARG A 55 -5.91 19.88 13.73
N THR A 56 -6.08 20.63 14.80
CA THR A 56 -5.85 20.12 16.15
C THR A 56 -7.19 19.82 16.82
N LYS A 57 -7.15 18.87 17.76
CA LYS A 57 -8.32 18.64 18.59
C LYS A 57 -8.56 19.81 19.54
N GLU A 58 -7.50 20.34 20.13
N GLU A 58 -7.50 20.35 20.15
CA GLU A 58 -7.63 21.37 21.16
CA GLU A 58 -7.69 21.37 21.17
C GLU A 58 -8.24 22.66 20.61
C GLU A 58 -8.26 22.67 20.61
N ASN A 59 -7.96 22.99 19.35
CA ASN A 59 -8.50 24.20 18.74
C ASN A 59 -9.53 23.95 17.67
N GLY A 60 -9.53 22.77 17.06
CA GLY A 60 -10.51 22.49 16.03
C GLY A 60 -11.82 21.94 16.55
N LEU A 61 -11.79 21.21 17.67
CA LEU A 61 -13.02 20.55 18.11
C LEU A 61 -14.04 21.53 18.65
N PRO A 62 -13.67 22.52 19.49
CA PRO A 62 -14.69 23.47 20.00
C PRO A 62 -15.48 24.15 18.89
N LEU A 63 -14.80 24.70 17.88
CA LEU A 63 -15.52 25.31 16.77
C LEU A 63 -16.40 24.30 16.06
N LEU A 64 -15.90 23.06 15.92
CA LEU A 64 -16.69 22.02 15.30
C LEU A 64 -17.94 21.73 16.11
N GLN A 65 -17.81 21.62 17.43
N GLN A 65 -17.81 21.62 17.43
CA GLN A 65 -18.99 21.42 18.27
CA GLN A 65 -18.98 21.42 18.28
C GLN A 65 -20.00 22.54 18.08
C GLN A 65 -20.00 22.53 18.08
N ALA A 66 -19.53 23.78 18.09
CA ALA A 66 -20.45 24.93 17.96
C ALA A 66 -21.11 24.97 16.58
N ILE A 67 -20.32 24.75 15.51
CA ILE A 67 -20.88 24.73 14.16
C ILE A 67 -21.99 23.69 14.05
N THR A 68 -21.71 22.45 14.48
CA THR A 68 -22.70 21.39 14.29
C THR A 68 -23.95 21.65 15.12
N ARG A 69 -23.80 22.20 16.32
CA ARG A 69 -24.96 22.46 17.16
C ARG A 69 -25.83 23.55 16.58
N TYR A 70 -25.23 24.68 16.15
CA TYR A 70 -26.06 25.77 15.61
C TYR A 70 -26.60 25.40 14.24
N HIS A 71 -25.90 24.55 13.50
CA HIS A 71 -26.39 24.14 12.20
C HIS A 71 -27.71 23.37 12.33
N THR A 72 -27.75 22.33 13.16
CA THR A 72 -28.99 21.56 13.19
C THR A 72 -30.13 22.31 13.87
N CYS A 73 -29.83 23.34 14.67
CA CYS A 73 -30.88 24.15 15.25
C CYS A 73 -31.37 25.23 14.30
N ASN A 74 -30.59 25.59 13.30
CA ASN A 74 -30.92 26.75 12.48
C ASN A 74 -31.03 26.46 10.99
N VAL A 75 -30.42 25.40 10.48
CA VAL A 75 -30.61 24.97 9.09
C VAL A 75 -31.64 23.85 9.11
N PRO A 76 -32.77 23.99 8.40
CA PRO A 76 -33.80 22.96 8.49
C PRO A 76 -33.42 21.67 7.80
N PHE A 77 -33.78 20.57 8.43
CA PHE A 77 -33.82 19.27 7.77
C PHE A 77 -35.20 19.14 7.14
N GLU A 78 -35.27 19.21 5.81
CA GLU A 78 -36.54 19.39 5.10
C GLU A 78 -36.44 18.72 3.74
N ASN A 79 -37.61 18.41 3.16
CA ASN A 79 -37.67 17.77 1.85
C ASN A 79 -38.58 18.54 0.90
N LEU A 80 -38.79 19.84 1.17
CA LEU A 80 -39.77 20.59 0.39
C LEU A 80 -39.38 20.68 -1.07
N VAL A 81 -38.10 20.47 -1.41
CA VAL A 81 -37.72 20.51 -2.82
C VAL A 81 -38.37 19.39 -3.62
N LEU A 82 -38.87 18.35 -2.96
CA LEU A 82 -39.60 17.29 -3.63
C LEU A 82 -41.10 17.59 -3.74
N HIS A 83 -41.54 18.73 -3.21
CA HIS A 83 -42.97 18.98 -3.08
C HIS A 83 -43.31 20.40 -3.51
N TYR A 84 -42.88 21.39 -2.73
CA TYR A 84 -43.04 22.80 -3.08
C TYR A 84 -41.90 23.24 -4.01
N ASP A 85 -41.92 22.68 -5.23
CA ASP A 85 -40.85 22.97 -6.18
C ASP A 85 -41.30 22.62 -7.59
N PRO A 86 -41.03 23.48 -8.58
CA PRO A 86 -41.50 23.18 -9.94
C PRO A 86 -40.80 22.01 -10.60
N HIS A 87 -39.55 21.73 -10.24
CA HIS A 87 -38.77 20.70 -10.92
C HIS A 87 -38.54 19.46 -10.06
N LYS A 88 -38.50 19.60 -8.74
CA LYS A 88 -38.45 18.47 -7.81
C LYS A 88 -37.22 17.60 -8.04
N ILE A 89 -36.08 18.23 -8.31
CA ILE A 89 -34.80 17.51 -8.38
C ILE A 89 -33.85 18.12 -7.37
N VAL A 90 -32.90 17.30 -6.90
CA VAL A 90 -31.97 17.67 -5.85
C VAL A 90 -30.64 18.04 -6.49
N THR A 91 -30.13 19.24 -6.20
CA THR A 91 -28.76 19.54 -6.59
C THR A 91 -27.82 19.27 -5.42
N LEU A 92 -26.68 18.69 -5.72
CA LEU A 92 -25.63 18.50 -4.72
C LEU A 92 -24.42 19.39 -5.02
N ASP A 93 -24.56 20.33 -5.93
CA ASP A 93 -23.46 21.25 -6.26
C ASP A 93 -23.14 22.14 -5.06
N PRO A 94 -21.89 22.17 -4.60
CA PRO A 94 -21.58 22.89 -3.35
C PRO A 94 -21.77 24.40 -3.44
N ALA A 95 -21.71 24.98 -4.64
CA ALA A 95 -22.02 26.40 -4.76
C ALA A 95 -23.52 26.66 -4.67
N GLU A 96 -24.33 25.85 -5.36
CA GLU A 96 -25.77 26.03 -5.26
C GLU A 96 -26.25 25.72 -3.84
N LEU A 97 -25.64 24.73 -3.18
CA LEU A 97 -25.99 24.46 -1.80
C LEU A 97 -25.67 25.67 -0.92
N TYR A 98 -24.55 26.33 -1.18
CA TYR A 98 -24.23 27.52 -0.39
C TYR A 98 -25.35 28.54 -0.51
N THR A 99 -25.76 28.86 -1.74
CA THR A 99 -26.83 29.82 -1.91
C THR A 99 -28.10 29.38 -1.22
N LYS A 100 -28.38 28.07 -1.25
N LYS A 100 -28.37 28.07 -1.24
CA LYS A 100 -29.62 27.58 -0.68
CA LYS A 100 -29.62 27.56 -0.69
C LYS A 100 -29.63 27.72 0.84
C LYS A 100 -29.65 27.68 0.84
N ILE A 101 -28.54 27.35 1.48
CA ILE A 101 -28.50 27.31 2.95
C ILE A 101 -28.13 28.66 3.56
N VAL A 102 -27.14 29.36 3.00
CA VAL A 102 -26.72 30.63 3.59
C VAL A 102 -27.60 31.78 3.11
N THR A 103 -27.78 31.91 1.79
CA THR A 103 -28.49 33.07 1.25
C THR A 103 -30.01 32.93 1.40
N ARG A 104 -30.55 31.78 0.98
CA ARG A 104 -31.99 31.59 1.03
C ARG A 104 -32.49 31.11 2.40
N ARG A 105 -31.60 30.70 3.29
CA ARG A 105 -31.98 30.19 4.61
C ARG A 105 -32.95 29.01 4.47
N ARG A 106 -32.72 28.19 3.47
CA ARG A 106 -33.41 26.91 3.34
C ARG A 106 -32.49 25.79 3.82
N GLY A 107 -32.97 24.56 3.72
CA GLY A 107 -32.17 23.42 4.10
C GLY A 107 -32.34 22.28 3.11
N GLY A 108 -32.28 21.07 3.64
CA GLY A 108 -32.39 19.88 2.81
C GLY A 108 -32.25 18.63 3.66
N ARG A 109 -31.92 17.51 3.03
CA ARG A 109 -31.79 16.25 3.75
C ARG A 109 -30.31 15.96 4.00
N CYS A 110 -29.94 14.68 4.14
CA CYS A 110 -28.58 14.40 4.64
C CYS A 110 -27.50 14.82 3.64
N MET A 111 -27.74 14.63 2.35
CA MET A 111 -26.66 14.90 1.43
C MET A 111 -26.51 16.41 1.17
N GLU A 112 -27.61 17.13 1.06
CA GLU A 112 -27.52 18.59 0.93
C GLU A 112 -26.84 19.21 2.15
N ASN A 113 -27.23 18.78 3.36
CA ASN A 113 -26.64 19.34 4.57
C ASN A 113 -25.16 18.99 4.68
N ASN A 114 -24.82 17.73 4.49
CA ASN A 114 -23.45 17.34 4.80
C ASN A 114 -22.48 17.62 3.66
N ILE A 115 -22.95 17.71 2.41
CA ILE A 115 -22.06 18.18 1.37
C ILE A 115 -21.70 19.64 1.61
N PHE A 116 -22.70 20.44 1.96
CA PHE A 116 -22.43 21.83 2.31
C PHE A 116 -21.45 21.92 3.48
N LEU A 117 -21.73 21.21 4.59
CA LEU A 117 -20.88 21.34 5.77
C LEU A 117 -19.45 20.86 5.48
N GLY A 118 -19.29 19.76 4.75
CA GLY A 118 -17.96 19.34 4.36
C GLY A 118 -17.23 20.40 3.57
N THR A 119 -17.93 21.06 2.65
CA THR A 119 -17.29 22.12 1.87
C THR A 119 -16.86 23.27 2.76
N ALA A 120 -17.71 23.63 3.73
CA ALA A 120 -17.40 24.71 4.65
C ALA A 120 -16.24 24.34 5.55
N LEU A 121 -16.23 23.12 6.08
CA LEU A 121 -15.16 22.72 6.99
C LEU A 121 -13.83 22.63 6.27
N ARG A 122 -13.80 22.04 5.07
CA ARG A 122 -12.55 22.01 4.31
C ARG A 122 -12.07 23.42 4.00
N SER A 123 -13.00 24.35 3.75
CA SER A 123 -12.63 25.75 3.53
C SER A 123 -12.06 26.41 4.76
N LEU A 124 -12.48 25.99 5.96
CA LEU A 124 -11.90 26.50 7.19
C LEU A 124 -10.57 25.86 7.54
N GLY A 125 -10.18 24.80 6.82
CA GLY A 125 -8.91 24.14 7.07
C GLY A 125 -9.02 22.73 7.61
N TYR A 126 -10.23 22.22 7.85
CA TYR A 126 -10.38 20.87 8.38
C TYR A 126 -10.10 19.83 7.31
N GLU A 127 -9.56 18.68 7.74
CA GLU A 127 -9.47 17.47 6.93
C GLU A 127 -10.77 16.68 7.06
N VAL A 128 -11.47 16.48 5.94
CA VAL A 128 -12.82 15.91 5.96
C VAL A 128 -12.95 14.86 4.87
N ARG A 129 -13.51 13.70 5.25
CA ARG A 129 -13.84 12.65 4.30
C ARG A 129 -15.34 12.47 4.21
N ASN A 130 -15.88 12.51 2.98
CA ASN A 130 -17.29 12.19 2.76
C ASN A 130 -17.54 10.68 2.86
N CYS A 131 -18.51 10.25 3.68
CA CYS A 131 -18.74 8.83 3.91
C CYS A 131 -20.23 8.52 3.69
N GLY A 132 -20.55 7.23 3.66
CA GLY A 132 -21.88 6.79 3.28
C GLY A 132 -22.41 5.75 4.25
N GLY A 133 -23.73 5.73 4.40
CA GLY A 133 -24.30 4.82 5.36
C GLY A 133 -25.67 4.35 4.97
N ARG A 134 -26.27 3.55 5.86
CA ARG A 134 -27.61 3.01 5.67
C ARG A 134 -28.45 3.33 6.90
N VAL A 135 -29.61 3.95 6.68
CA VAL A 135 -30.54 4.22 7.76
C VAL A 135 -31.24 2.94 8.17
N SER A 136 -31.34 2.73 9.48
CA SER A 136 -32.06 1.60 10.03
C SER A 136 -33.55 1.65 9.70
N ARG A 137 -34.11 0.48 9.41
CA ARG A 137 -35.55 0.39 9.29
C ARG A 137 -36.26 0.69 10.62
N ALA A 138 -35.55 0.69 11.75
CA ALA A 138 -36.17 1.11 13.01
C ALA A 138 -36.61 2.58 12.98
N MET A 139 -36.06 3.37 12.05
CA MET A 139 -36.46 4.75 11.85
C MET A 139 -37.58 4.90 10.83
N SER A 140 -38.08 3.82 10.26
CA SER A 140 -39.08 3.94 9.20
C SER A 140 -40.38 4.57 9.71
N PRO A 141 -40.98 5.50 8.97
CA PRO A 141 -42.32 5.99 9.31
C PRO A 141 -43.42 5.02 8.95
N TYR A 142 -43.07 3.85 8.40
CA TYR A 142 -44.05 2.83 8.04
C TYR A 142 -44.18 1.86 9.20
N PRO A 143 -45.35 1.75 9.85
CA PRO A 143 -45.44 0.97 11.10
C PRO A 143 -45.05 -0.48 10.95
N GLU A 144 -45.48 -1.15 9.88
CA GLU A 144 -45.17 -2.57 9.75
C GLU A 144 -43.69 -2.80 9.47
N VAL A 145 -43.05 -1.88 8.75
CA VAL A 145 -41.62 -1.99 8.53
C VAL A 145 -40.86 -1.90 9.85
N ARG A 146 -41.23 -0.93 10.69
CA ARG A 146 -40.62 -0.80 12.02
C ARG A 146 -40.82 -2.05 12.87
N LYS A 147 -42.02 -2.66 12.79
N LYS A 147 -42.02 -2.65 12.80
CA LYS A 147 -42.32 -3.78 13.68
CA LYS A 147 -42.32 -3.78 13.68
C LYS A 147 -41.60 -5.05 13.26
C LYS A 147 -41.58 -5.04 13.26
N ASN A 148 -41.51 -5.30 11.96
CA ASN A 148 -41.00 -6.56 11.45
C ASN A 148 -39.56 -6.50 10.97
N GLN A 149 -39.03 -5.31 10.68
CA GLN A 149 -37.74 -5.25 9.99
C GLN A 149 -36.74 -4.36 10.71
N SER A 150 -36.94 -4.12 12.00
N SER A 150 -36.94 -4.12 12.01
CA SER A 150 -36.10 -3.15 12.71
CA SER A 150 -36.10 -3.15 12.71
C SER A 150 -34.63 -3.54 12.72
C SER A 150 -34.63 -3.54 12.74
N ALA A 151 -34.29 -4.82 12.55
CA ALA A 151 -32.89 -5.23 12.52
C ALA A 151 -32.24 -4.99 11.16
N THR A 152 -32.98 -4.54 10.17
CA THR A 152 -32.44 -4.33 8.84
C THR A 152 -32.17 -2.85 8.57
N TYR A 153 -31.50 -2.60 7.45
CA TYR A 153 -31.12 -1.27 7.03
C TYR A 153 -31.54 -1.02 5.58
N ASP A 154 -31.77 0.25 5.26
CA ASP A 154 -32.05 0.64 3.88
C ASP A 154 -30.84 0.35 2.98
N GLY A 155 -31.07 0.35 1.67
CA GLY A 155 -29.94 0.49 0.75
C GLY A 155 -29.28 1.84 0.94
N TRP A 156 -27.96 1.88 0.68
CA TRP A 156 -27.13 3.09 0.87
C TRP A 156 -27.92 4.38 0.70
N ASN A 157 -28.10 5.15 1.78
CA ASN A 157 -28.96 6.32 1.65
C ASN A 157 -28.61 7.42 2.64
N HIS A 158 -27.53 7.29 3.40
CA HIS A 158 -27.17 8.31 4.36
C HIS A 158 -25.75 8.80 4.10
N MET A 159 -25.54 10.09 4.32
CA MET A 159 -24.22 10.68 4.26
C MET A 159 -23.84 11.20 5.64
N LEU A 160 -22.60 10.94 6.04
CA LEU A 160 -21.98 11.60 7.19
C LEU A 160 -20.54 11.94 6.82
N LEU A 161 -19.90 12.72 7.68
CA LEU A 161 -18.51 13.16 7.48
C LEU A 161 -17.61 12.51 8.51
N LEU A 162 -16.37 12.26 8.12
CA LEU A 162 -15.31 11.98 9.09
C LEU A 162 -14.35 13.16 9.08
N VAL A 163 -14.07 13.73 10.24
CA VAL A 163 -13.19 14.88 10.36
C VAL A 163 -11.98 14.44 11.17
N PHE A 164 -10.78 14.61 10.62
CA PHE A 164 -9.56 14.18 11.30
C PHE A 164 -9.04 15.33 12.16
N LEU A 165 -9.09 15.16 13.48
CA LEU A 165 -8.61 16.17 14.42
C LEU A 165 -7.46 15.59 15.22
N GLY A 166 -6.25 16.12 15.02
CA GLY A 166 -5.08 15.64 15.73
C GLY A 166 -4.60 14.27 15.29
N ASP A 167 -4.99 13.24 16.05
CA ASP A 167 -4.63 11.87 15.74
C ASP A 167 -5.86 10.96 15.68
N GLU A 168 -7.04 11.53 15.46
CA GLU A 168 -8.28 10.80 15.70
C GLU A 168 -9.36 11.33 14.77
N TRP A 169 -10.06 10.43 14.07
CA TRP A 169 -11.21 10.82 13.28
C TRP A 169 -12.43 11.02 14.17
N TYR A 170 -13.27 12.00 13.79
CA TYR A 170 -14.55 12.26 14.42
C TYR A 170 -15.67 12.13 13.41
N GLY A 171 -16.77 11.51 13.83
CA GLY A 171 -17.97 11.51 13.03
C GLY A 171 -18.72 12.82 13.19
N VAL A 172 -19.18 13.35 12.06
CA VAL A 172 -19.85 14.64 12.02
C VAL A 172 -21.02 14.51 11.06
N ASP A 173 -22.20 14.91 11.52
CA ASP A 173 -23.43 14.70 10.78
C ASP A 173 -24.40 15.80 11.18
N VAL A 174 -24.74 16.69 10.26
CA VAL A 174 -25.75 17.71 10.57
C VAL A 174 -26.91 17.50 9.62
N GLY A 175 -27.06 16.28 9.12
CA GLY A 175 -28.06 16.06 8.09
C GLY A 175 -29.07 14.98 8.40
N MET A 176 -29.50 14.83 9.66
CA MET A 176 -30.51 13.82 9.91
C MET A 176 -31.60 14.30 10.87
N GLY A 177 -31.75 15.61 11.05
CA GLY A 177 -32.81 16.08 11.95
C GLY A 177 -32.64 15.53 13.35
N SER A 178 -33.76 15.11 13.95
CA SER A 178 -33.73 14.71 15.35
C SER A 178 -33.14 13.32 15.55
N MET A 179 -33.05 12.50 14.50
CA MET A 179 -32.47 11.17 14.62
C MET A 179 -30.95 11.18 14.71
N GLY A 180 -30.29 12.22 14.20
CA GLY A 180 -28.85 12.27 14.15
C GLY A 180 -28.15 12.28 15.49
N PRO A 181 -26.85 11.95 15.49
CA PRO A 181 -26.07 12.03 16.74
C PRO A 181 -26.08 13.42 17.35
N ASN A 182 -26.20 14.45 16.49
CA ASN A 182 -26.32 15.84 16.93
C ASN A 182 -25.17 16.28 17.84
N LEU A 183 -24.01 15.63 17.66
CA LEU A 183 -22.75 15.88 18.36
C LEU A 183 -21.65 15.35 17.47
N PRO A 184 -20.50 16.02 17.35
CA PRO A 184 -19.34 15.33 16.78
C PRO A 184 -18.97 14.16 17.69
N PHE A 185 -18.76 12.98 17.09
CA PHE A 185 -18.42 11.87 17.96
C PHE A 185 -17.09 11.24 17.56
N PRO A 186 -16.24 10.91 18.52
CA PRO A 186 -14.98 10.23 18.20
C PRO A 186 -15.28 8.86 17.60
N LEU A 187 -14.57 8.54 16.53
CA LEU A 187 -14.75 7.25 15.85
C LEU A 187 -14.04 6.18 16.67
N GLN A 188 -14.65 5.87 17.83
CA GLN A 188 -14.16 4.88 18.78
C GLN A 188 -15.24 3.83 19.02
N ASP A 189 -14.85 2.57 18.97
CA ASP A 189 -15.76 1.48 19.29
C ASP A 189 -16.14 1.52 20.76
N GLY A 190 -17.42 1.70 21.05
CA GLY A 190 -17.87 1.75 22.42
C GLY A 190 -18.09 3.15 22.97
N PHE A 191 -17.80 4.19 22.19
CA PHE A 191 -18.09 5.55 22.62
C PHE A 191 -19.58 5.70 22.94
N GLU A 192 -19.87 6.33 24.08
CA GLU A 192 -21.24 6.64 24.46
C GLU A 192 -21.27 8.05 25.03
N SER A 193 -22.36 8.75 24.77
CA SER A 193 -22.52 10.09 25.31
C SER A 193 -23.99 10.44 25.44
N LEU A 194 -24.30 11.27 26.42
CA LEU A 194 -25.58 11.94 26.43
C LEU A 194 -25.67 12.86 25.22
N SER A 195 -26.81 12.82 24.53
CA SER A 195 -27.03 13.76 23.43
C SER A 195 -28.52 14.00 23.31
N ILE A 196 -28.95 15.21 23.70
CA ILE A 196 -30.36 15.62 23.82
C ILE A 196 -31.01 14.83 24.94
N ALA A 197 -30.78 15.29 26.17
CA ALA A 197 -31.23 14.61 27.38
C ALA A 197 -32.72 14.24 27.24
N PRO A 198 -33.11 13.03 27.65
CA PRO A 198 -32.29 11.99 28.30
C PRO A 198 -31.61 11.04 27.32
N ARG A 199 -31.75 11.25 26.01
CA ARG A 199 -31.23 10.31 25.03
C ARG A 199 -29.71 10.18 25.13
N GLU A 200 -29.23 8.95 24.97
CA GLU A 200 -27.82 8.67 24.81
C GLU A 200 -27.55 8.13 23.41
N ILE A 201 -26.35 8.36 22.92
CA ILE A 201 -25.90 7.83 21.64
C ILE A 201 -24.76 6.86 21.91
N ARG A 202 -24.55 5.95 20.96
CA ARG A 202 -23.51 4.94 21.10
C ARG A 202 -22.91 4.64 19.73
N ILE A 203 -21.60 4.41 19.69
CA ILE A 203 -20.92 4.00 18.48
C ILE A 203 -20.28 2.64 18.74
N GLN A 204 -20.58 1.66 17.89
CA GLN A 204 -20.00 0.34 17.99
C GLN A 204 -19.55 -0.16 16.63
N LYS A 205 -18.41 -0.85 16.61
CA LYS A 205 -17.99 -1.60 15.43
C LYS A 205 -18.51 -3.03 15.60
N ARG A 206 -19.41 -3.45 14.71
N ARG A 206 -19.43 -3.44 14.73
CA ARG A 206 -20.04 -4.76 14.85
CA ARG A 206 -20.08 -4.74 14.85
C ARG A 206 -20.66 -5.17 13.52
C ARG A 206 -20.64 -5.17 13.51
N SER A 207 -20.85 -6.48 13.37
CA SER A 207 -21.60 -7.00 12.24
C SER A 207 -23.06 -6.61 12.37
N ILE A 208 -23.74 -6.46 11.24
CA ILE A 208 -25.18 -6.21 11.26
C ILE A 208 -25.89 -7.55 11.04
N SER A 209 -27.19 -7.57 11.33
N SER A 209 -27.19 -7.54 11.33
CA SER A 209 -27.92 -8.84 11.31
CA SER A 209 -27.97 -8.79 11.31
C SER A 209 -27.99 -9.42 9.91
C SER A 209 -27.99 -9.41 9.92
N GLU A 210 -28.08 -8.58 8.88
CA GLU A 210 -28.17 -9.05 7.50
C GLU A 210 -26.78 -9.35 6.96
N THR A 211 -26.49 -10.63 6.74
CA THR A 211 -25.21 -11.04 6.20
C THR A 211 -25.36 -12.42 5.58
N HIS A 212 -24.62 -12.66 4.50
CA HIS A 212 -24.49 -14.01 3.98
C HIS A 212 -23.37 -14.79 4.64
N ALA A 213 -22.60 -14.15 5.52
CA ALA A 213 -21.55 -14.86 6.23
C ALA A 213 -22.16 -16.02 7.01
N THR A 214 -21.60 -17.21 6.82
CA THR A 214 -22.04 -18.42 7.49
C THR A 214 -21.44 -18.58 8.88
N GLY A 215 -20.60 -17.64 9.30
CA GLY A 215 -19.93 -17.71 10.58
C GLY A 215 -19.02 -16.51 10.74
N PRO A 216 -18.53 -16.28 11.96
CA PRO A 216 -17.77 -15.05 12.22
C PRO A 216 -16.44 -14.97 11.49
N SER A 217 -15.87 -16.10 11.05
CA SER A 217 -14.59 -16.04 10.36
C SER A 217 -14.67 -15.28 9.04
N HIS A 218 -15.84 -15.29 8.39
CA HIS A 218 -16.02 -14.59 7.13
C HIS A 218 -16.89 -13.34 7.28
N ALA A 219 -17.21 -12.94 8.51
CA ALA A 219 -18.11 -11.83 8.75
C ALA A 219 -17.39 -10.49 8.62
N THR A 220 -18.17 -9.46 8.31
CA THR A 220 -17.71 -8.08 8.22
C THR A 220 -18.30 -7.27 9.36
N LYS A 221 -17.66 -6.15 9.65
CA LYS A 221 -18.17 -5.25 10.68
C LYS A 221 -18.37 -3.86 10.10
N MET A 222 -19.39 -3.17 10.62
N MET A 222 -19.36 -3.16 10.63
CA MET A 222 -19.74 -1.80 10.27
CA MET A 222 -19.64 -1.78 10.26
C MET A 222 -19.59 -0.93 11.52
C MET A 222 -19.64 -0.92 11.51
N TRP A 223 -19.43 0.38 11.31
CA TRP A 223 -19.65 1.33 12.39
C TRP A 223 -21.15 1.50 12.55
N CYS A 224 -21.65 1.27 13.76
CA CYS A 224 -23.07 1.30 14.03
C CYS A 224 -23.37 2.38 15.05
N TYR A 225 -24.28 3.27 14.69
CA TYR A 225 -24.76 4.35 15.54
C TYR A 225 -26.16 3.98 16.04
N ASP A 226 -26.29 3.77 17.35
CA ASP A 226 -27.56 3.47 18.01
C ASP A 226 -27.88 4.56 19.02
N VAL A 227 -29.13 4.61 19.45
CA VAL A 227 -29.54 5.53 20.50
C VAL A 227 -30.27 4.76 21.59
N CYS A 228 -30.22 5.31 22.80
CA CYS A 228 -31.07 4.87 23.90
C CYS A 228 -31.95 6.03 24.31
N TYR A 229 -33.23 5.96 23.94
CA TYR A 229 -34.15 7.06 24.24
C TYR A 229 -34.36 7.25 25.74
N ASN A 230 -34.33 6.16 26.50
N ASN A 230 -34.31 6.18 26.51
CA ASN A 230 -34.62 6.19 27.93
CA ASN A 230 -34.61 6.25 27.94
C ASN A 230 -33.60 5.35 28.69
C ASN A 230 -33.63 5.39 28.73
N PRO A 231 -32.44 5.93 29.01
CA PRO A 231 -31.43 5.16 29.78
C PRO A 231 -31.83 4.86 31.21
N ALA A 232 -32.95 5.42 31.69
CA ALA A 232 -33.37 5.16 33.06
C ALA A 232 -33.97 3.76 33.22
N GLU A 233 -34.41 3.12 32.14
CA GLU A 233 -34.98 1.78 32.25
C GLU A 233 -34.01 0.83 32.93
N SER A 234 -34.57 -0.16 33.63
CA SER A 234 -33.75 -1.15 34.31
C SER A 234 -32.85 -1.88 33.32
N LYS A 235 -33.40 -2.25 32.16
CA LYS A 235 -32.65 -2.87 31.07
C LYS A 235 -32.59 -1.87 29.92
N LYS A 236 -31.40 -1.38 29.60
CA LYS A 236 -31.26 -0.39 28.55
C LYS A 236 -31.56 -1.00 27.20
N THR A 237 -32.44 -0.34 26.43
CA THR A 237 -32.73 -0.73 25.07
C THR A 237 -32.05 0.22 24.09
N TRP A 238 -31.24 -0.32 23.18
CA TRP A 238 -30.58 0.48 22.16
C TRP A 238 -31.31 0.33 20.84
N THR A 239 -31.66 1.45 20.25
CA THR A 239 -32.37 1.48 18.97
C THR A 239 -31.41 1.82 17.85
N PRO A 240 -31.33 1.01 16.80
CA PRO A 240 -30.39 1.32 15.71
C PRO A 240 -30.88 2.48 14.86
N VAL A 241 -29.94 3.35 14.48
CA VAL A 241 -30.24 4.54 13.69
C VAL A 241 -29.58 4.49 12.32
N TYR A 242 -28.27 4.26 12.28
CA TYR A 242 -27.64 3.99 10.99
C TYR A 242 -26.32 3.25 11.18
N CYS A 243 -25.83 2.70 10.07
CA CYS A 243 -24.52 2.07 10.03
C CYS A 243 -23.73 2.65 8.86
N PHE A 244 -22.41 2.63 8.96
CA PHE A 244 -21.59 3.23 7.91
C PHE A 244 -20.22 2.57 7.87
N THR A 245 -19.48 2.80 6.78
CA THR A 245 -18.07 2.42 6.71
C THR A 245 -17.22 3.67 6.56
N GLU A 246 -15.91 3.47 6.62
CA GLU A 246 -14.97 4.57 6.41
C GLU A 246 -14.66 4.82 4.93
N THR A 247 -15.24 4.03 4.02
CA THR A 247 -15.03 4.24 2.59
C THR A 247 -15.35 5.67 2.20
N GLU A 248 -14.48 6.28 1.37
CA GLU A 248 -14.77 7.61 0.86
C GLU A 248 -15.82 7.52 -0.24
N PHE A 249 -16.95 8.18 -0.05
CA PHE A 249 -17.98 8.29 -1.08
C PHE A 249 -17.72 9.51 -1.96
N LEU A 250 -18.15 9.41 -3.22
CA LEU A 250 -17.99 10.43 -4.23
C LEU A 250 -19.30 11.17 -4.48
N PRO A 251 -19.23 12.40 -4.99
CA PRO A 251 -20.47 13.08 -5.41
C PRO A 251 -21.40 12.21 -6.25
N GLN A 252 -20.83 11.41 -7.17
CA GLN A 252 -21.67 10.57 -8.00
C GLN A 252 -22.29 9.42 -7.22
N ASP A 253 -21.66 8.98 -6.12
CA ASP A 253 -22.33 8.01 -5.24
C ASP A 253 -23.56 8.63 -4.61
N TYR A 254 -23.40 9.84 -4.06
CA TYR A 254 -24.55 10.49 -3.44
C TYR A 254 -25.65 10.77 -4.45
N GLU A 255 -25.28 11.09 -5.69
CA GLU A 255 -26.26 11.25 -6.75
C GLU A 255 -27.09 9.99 -6.92
N VAL A 256 -26.44 8.82 -6.88
CA VAL A 256 -27.19 7.57 -6.96
C VAL A 256 -28.12 7.44 -5.76
N MET A 257 -27.56 7.60 -4.57
CA MET A 257 -28.34 7.44 -3.34
C MET A 257 -29.53 8.39 -3.31
N SER A 258 -29.27 9.68 -3.57
CA SER A 258 -30.34 10.67 -3.57
C SER A 258 -31.37 10.40 -4.66
N TRP A 259 -30.95 9.85 -5.80
CA TRP A 259 -31.92 9.52 -6.85
C TRP A 259 -32.95 8.51 -6.36
N PHE A 260 -32.51 7.52 -5.59
CA PHE A 260 -33.47 6.56 -5.06
C PHE A 260 -34.40 7.21 -4.04
N THR A 261 -33.84 7.90 -3.03
CA THR A 261 -34.68 8.50 -1.99
C THR A 261 -35.56 9.63 -2.51
N SER A 262 -35.26 10.18 -3.69
CA SER A 262 -36.02 11.31 -4.21
C SER A 262 -36.97 10.91 -5.33
N THR A 263 -36.84 9.71 -5.89
CA THR A 263 -37.69 9.31 -7.00
C THR A 263 -38.29 7.92 -6.86
N ASN A 264 -37.80 7.09 -5.98
CA ASN A 264 -38.44 5.78 -5.85
C ASN A 264 -39.69 5.94 -4.99
N PRO A 265 -40.86 5.49 -5.47
CA PRO A 265 -42.12 5.78 -4.77
C PRO A 265 -42.26 5.08 -3.43
N ARG A 266 -41.32 4.23 -3.04
CA ARG A 266 -41.35 3.66 -1.71
C ARG A 266 -40.56 4.49 -0.71
N SER A 267 -39.72 5.43 -1.16
CA SER A 267 -39.14 6.41 -0.26
C SER A 267 -40.24 7.29 0.32
N PHE A 268 -40.25 7.42 1.65
CA PHE A 268 -41.27 8.24 2.27
C PHE A 268 -41.10 9.71 1.93
N PHE A 269 -39.88 10.14 1.61
CA PHE A 269 -39.67 11.54 1.21
C PHE A 269 -40.45 11.91 -0.04
N THR A 270 -40.70 10.96 -0.92
CA THR A 270 -41.50 11.29 -2.10
C THR A 270 -42.98 11.47 -1.75
N ARG A 271 -43.39 11.07 -0.55
CA ARG A 271 -44.80 10.98 -0.20
C ARG A 271 -45.29 12.10 0.71
N TYR A 272 -44.49 12.50 1.69
CA TYR A 272 -44.95 13.39 2.76
C TYR A 272 -44.00 14.56 2.96
N ILE A 273 -44.59 15.72 3.25
CA ILE A 273 -43.80 16.91 3.58
C ILE A 273 -43.24 16.76 4.98
N THR A 274 -41.95 17.10 5.16
CA THR A 274 -41.35 17.03 6.48
C THR A 274 -40.30 18.15 6.64
N CYS A 275 -40.21 18.68 7.87
CA CYS A 275 -39.29 19.77 8.15
C CYS A 275 -38.98 19.78 9.65
N THR A 276 -37.71 19.88 9.99
CA THR A 276 -37.28 19.78 11.37
C THR A 276 -36.18 20.78 11.65
N LYS A 277 -36.25 21.44 12.80
CA LYS A 277 -35.10 22.12 13.36
C LYS A 277 -34.93 21.69 14.80
N MET A 278 -33.68 21.56 15.24
CA MET A 278 -33.42 21.24 16.63
C MET A 278 -33.61 22.49 17.51
N ILE A 279 -33.76 22.26 18.82
CA ILE A 279 -33.98 23.33 19.80
C ILE A 279 -32.82 23.34 20.78
N MET A 280 -32.22 24.51 20.99
CA MET A 280 -31.01 24.66 21.79
C MET A 280 -31.29 25.34 23.12
N ASP A 281 -30.61 24.89 24.17
CA ASP A 281 -30.38 25.72 25.35
C ASP A 281 -29.03 26.38 25.12
N GLU A 282 -29.05 27.66 24.72
CA GLU A 282 -27.82 28.26 24.20
C GLU A 282 -26.78 28.42 25.30
N ASP A 283 -27.21 28.85 26.49
CA ASP A 283 -26.25 29.07 27.57
C ASP A 283 -25.62 27.76 28.01
N LYS A 284 -26.40 26.69 28.08
CA LYS A 284 -25.87 25.39 28.45
C LYS A 284 -25.22 24.65 27.28
N GLU A 285 -25.29 25.22 26.06
CA GLU A 285 -24.55 24.70 24.90
C GLU A 285 -24.89 23.24 24.61
N VAL A 286 -26.17 22.91 24.75
CA VAL A 286 -26.69 21.58 24.49
C VAL A 286 -27.99 21.73 23.74
N ILE A 287 -28.31 20.72 22.94
CA ILE A 287 -29.60 20.59 22.27
C ILE A 287 -30.56 19.87 23.22
N ILE A 288 -31.81 20.33 23.28
CA ILE A 288 -32.77 19.81 24.25
C ILE A 288 -34.02 19.24 23.62
N GLY A 289 -34.23 19.41 22.33
CA GLY A 289 -35.44 18.92 21.71
C GLY A 289 -35.47 19.28 20.24
N ASN A 290 -36.66 19.19 19.65
CA ASN A 290 -36.78 19.50 18.24
C ASN A 290 -38.17 20.02 17.95
N LEU A 291 -38.28 20.79 16.87
CA LEU A 291 -39.56 21.13 16.24
C LEU A 291 -39.63 20.39 14.91
N THR A 292 -40.73 19.69 14.66
CA THR A 292 -40.85 18.89 13.43
C THR A 292 -42.23 19.07 12.81
N LEU A 293 -42.26 19.47 11.55
CA LEU A 293 -43.45 19.36 10.72
C LEU A 293 -43.44 17.99 10.05
N PHE A 294 -44.55 17.26 10.17
CA PHE A 294 -44.69 16.00 9.44
C PHE A 294 -46.09 15.96 8.87
N LYS A 295 -46.18 15.94 7.54
CA LYS A 295 -47.44 16.05 6.82
C LYS A 295 -48.09 17.40 7.13
N ASP A 296 -49.10 17.41 8.00
CA ASP A 296 -49.82 18.65 8.28
C ASP A 296 -49.62 19.16 9.71
N THR A 297 -48.80 18.50 10.52
CA THR A 297 -48.80 18.76 11.95
C THR A 297 -47.40 19.08 12.46
N VAL A 298 -47.29 20.16 13.23
CA VAL A 298 -46.03 20.54 13.88
C VAL A 298 -46.07 20.07 15.32
N ARG A 299 -45.03 19.37 15.74
CA ARG A 299 -44.88 18.94 17.12
C ARG A 299 -43.58 19.46 17.71
N GLU A 300 -43.62 19.87 18.97
CA GLU A 300 -42.42 20.22 19.72
C GLU A 300 -42.16 19.11 20.73
N THR A 301 -40.94 18.59 20.74
CA THR A 301 -40.55 17.70 21.83
C THR A 301 -39.35 18.29 22.55
N ILE A 302 -39.41 18.26 23.87
CA ILE A 302 -38.30 18.67 24.72
C ILE A 302 -37.96 17.47 25.59
N GLY A 303 -36.84 16.83 25.30
CA GLY A 303 -36.53 15.61 26.01
C GLY A 303 -37.51 14.53 25.63
N SER A 304 -38.21 13.97 26.60
CA SER A 304 -39.15 12.89 26.33
C SER A 304 -40.59 13.36 26.20
N ASP A 305 -40.84 14.66 26.30
CA ASP A 305 -42.19 15.19 26.26
C ASP A 305 -42.47 15.81 24.89
N ARG A 306 -43.57 15.41 24.28
CA ARG A 306 -43.96 15.84 22.95
C ARG A 306 -45.36 16.41 23.00
N LYS A 307 -45.57 17.52 22.29
CA LYS A 307 -46.88 18.15 22.21
C LYS A 307 -47.11 18.70 20.81
N VAL A 308 -48.38 18.74 20.40
CA VAL A 308 -48.75 19.33 19.13
C VAL A 308 -48.70 20.85 19.25
N VAL A 309 -48.00 21.48 18.30
CA VAL A 309 -47.93 22.94 18.21
C VAL A 309 -49.04 23.48 17.32
N LYS A 310 -49.29 22.80 16.19
CA LYS A 310 -50.28 23.25 15.23
C LYS A 310 -50.59 22.09 14.28
N LYS A 311 -51.87 21.91 13.97
CA LYS A 311 -52.32 21.03 12.91
C LYS A 311 -52.90 21.94 11.84
N PHE A 312 -52.16 22.10 10.73
CA PHE A 312 -52.54 23.06 9.71
C PHE A 312 -53.82 22.62 9.01
N GLU A 313 -54.68 23.59 8.72
CA GLU A 313 -55.98 23.34 8.13
C GLU A 313 -56.00 23.61 6.62
N THR A 314 -55.19 24.57 6.18
CA THR A 314 -55.19 25.04 4.80
C THR A 314 -53.76 25.19 4.31
N GLU A 315 -53.62 25.31 3.00
CA GLU A 315 -52.31 25.61 2.41
C GLU A 315 -51.74 26.91 2.96
N GLU A 316 -52.57 27.95 3.02
CA GLU A 316 -52.11 29.23 3.55
C GLU A 316 -51.58 29.08 4.98
N GLU A 317 -52.25 28.25 5.79
CA GLU A 317 -51.77 28.03 7.15
C GLU A 317 -50.43 27.31 7.16
N ARG A 318 -50.26 26.29 6.31
CA ARG A 318 -48.99 25.58 6.34
C ARG A 318 -47.85 26.47 5.85
N ILE A 319 -48.11 27.31 4.85
CA ILE A 319 -47.07 28.15 4.27
C ILE A 319 -46.65 29.23 5.27
N LYS A 320 -47.62 29.87 5.92
CA LYS A 320 -47.31 30.85 6.96
C LYS A 320 -46.61 30.19 8.15
N GLY A 321 -47.01 28.97 8.50
CA GLY A 321 -46.33 28.25 9.57
C GLY A 321 -44.88 27.95 9.25
N LEU A 322 -44.60 27.60 7.98
CA LEU A 322 -43.21 27.39 7.57
C LEU A 322 -42.38 28.66 7.75
N VAL A 323 -42.96 29.81 7.38
CA VAL A 323 -42.26 31.07 7.62
C VAL A 323 -42.06 31.29 9.12
N GLU A 324 -43.15 31.25 9.89
CA GLU A 324 -43.09 31.73 11.26
C GLU A 324 -42.33 30.76 12.17
N ILE A 325 -42.53 29.46 12.00
CA ILE A 325 -41.93 28.49 12.91
C ILE A 325 -40.54 28.07 12.47
N PHE A 326 -40.34 27.87 11.16
CA PHE A 326 -39.10 27.32 10.64
C PHE A 326 -38.26 28.31 9.83
N ASP A 327 -38.73 29.55 9.65
CA ASP A 327 -38.04 30.50 8.78
C ASP A 327 -37.73 29.85 7.44
N VAL A 328 -38.73 29.15 6.88
CA VAL A 328 -38.63 28.54 5.56
C VAL A 328 -39.51 29.35 4.64
N ASN A 329 -38.88 30.09 3.73
CA ASN A 329 -39.57 31.00 2.83
C ASN A 329 -39.62 30.40 1.43
N LEU A 330 -40.81 30.37 0.84
CA LEU A 330 -41.04 29.79 -0.47
C LEU A 330 -41.27 30.90 -1.49
N THR A 331 -40.85 30.66 -2.72
CA THR A 331 -41.22 31.55 -3.82
C THR A 331 -42.63 31.21 -4.29
N GLU A 332 -43.22 32.13 -5.05
CA GLU A 332 -44.57 31.91 -5.55
C GLU A 332 -44.63 30.66 -6.42
N GLU A 333 -43.61 30.44 -7.25
N GLU A 333 -43.60 30.44 -7.24
CA GLU A 333 -43.60 29.23 -8.06
CA GLU A 333 -43.56 29.24 -8.08
C GLU A 333 -43.49 27.98 -7.19
C GLU A 333 -43.46 27.98 -7.21
N GLU A 334 -42.69 28.04 -6.13
CA GLU A 334 -42.57 26.90 -5.23
C GLU A 334 -43.91 26.58 -4.57
N LYS A 335 -44.59 27.61 -4.04
CA LYS A 335 -45.91 27.39 -3.43
C LYS A 335 -46.88 26.76 -4.41
N ASN A 336 -46.91 27.27 -5.65
CA ASN A 336 -47.90 26.82 -6.61
C ASN A 336 -47.53 25.52 -7.29
N SER A 337 -46.35 24.96 -6.98
CA SER A 337 -45.89 23.71 -7.57
C SER A 337 -46.34 22.48 -6.80
N LEU A 338 -46.91 22.64 -5.62
CA LEU A 338 -47.36 21.50 -4.86
C LEU A 338 -48.48 20.79 -5.63
N PRO A 339 -48.35 19.50 -5.92
CA PRO A 339 -49.43 18.78 -6.59
C PRO A 339 -50.73 18.90 -5.80
N GLN A 340 -51.84 18.93 -6.54
CA GLN A 340 -53.15 19.13 -5.92
C GLN A 340 -53.43 18.06 -4.87
N GLU A 341 -52.98 16.83 -5.11
CA GLU A 341 -53.23 15.73 -4.19
C GLU A 341 -52.55 15.91 -2.84
N LYS A 342 -51.60 16.83 -2.73
CA LYS A 342 -50.84 17.04 -1.51
C LYS A 342 -51.24 18.30 -0.76
N ARG A 343 -52.17 19.09 -1.29
CA ARG A 343 -52.55 20.34 -0.69
C ARG A 343 -53.50 20.12 0.50
N LEU A 344 -53.57 21.13 1.35
CA LEU A 344 -54.52 21.16 2.46
C LEU A 344 -55.69 22.06 2.08
N GLU B 5 39.35 -24.30 7.16
CA GLU B 5 38.62 -25.03 6.12
C GLU B 5 37.64 -24.11 5.41
N ASP B 6 37.39 -24.38 4.14
CA ASP B 6 36.43 -23.58 3.40
C ASP B 6 35.02 -23.79 3.93
N PRO B 7 34.19 -22.74 3.92
CA PRO B 7 32.80 -22.91 4.32
C PRO B 7 32.08 -23.90 3.42
N THR B 8 31.20 -24.69 4.03
CA THR B 8 30.29 -25.53 3.27
C THR B 8 28.88 -24.95 3.20
N ALA B 9 28.63 -23.87 3.94
CA ALA B 9 27.32 -23.24 3.95
C ALA B 9 27.51 -21.81 4.43
N LEU B 10 26.84 -20.88 3.77
CA LEU B 10 26.85 -19.48 4.16
C LEU B 10 25.49 -19.13 4.73
N THR B 11 25.44 -17.97 5.37
CA THR B 11 24.18 -17.49 5.93
C THR B 11 23.16 -17.27 4.82
N GLN B 12 21.94 -17.72 5.05
CA GLN B 12 20.89 -17.49 4.07
C GLN B 12 19.57 -17.33 4.80
N LEU B 13 18.54 -16.98 4.05
CA LEU B 13 17.18 -17.03 4.57
C LEU B 13 16.64 -18.44 4.33
N PRO B 14 16.25 -19.19 5.36
CA PRO B 14 15.77 -20.56 5.12
C PRO B 14 14.49 -20.55 4.31
N ASP B 15 14.30 -21.60 3.51
CA ASP B 15 13.01 -21.85 2.89
C ASP B 15 11.90 -21.79 3.94
N GLU B 16 10.68 -21.51 3.48
CA GLU B 16 9.56 -21.28 4.38
C GLU B 16 9.36 -22.43 5.36
N SER B 17 9.52 -23.67 4.91
CA SER B 17 9.26 -24.79 5.80
C SER B 17 10.36 -24.99 6.83
N ALA B 18 11.55 -24.42 6.61
CA ALA B 18 12.64 -24.54 7.56
C ALA B 18 12.80 -23.32 8.48
N ARG B 19 11.96 -22.30 8.36
CA ARG B 19 12.12 -21.09 9.17
C ARG B 19 11.69 -21.32 10.61
N VAL B 20 12.42 -20.68 11.54
CA VAL B 20 12.06 -20.74 12.95
C VAL B 20 10.71 -20.09 13.17
N ARG B 21 9.83 -20.79 13.88
CA ARG B 21 8.54 -20.25 14.29
C ARG B 21 8.40 -20.40 15.80
N TYR B 22 8.04 -19.32 16.49
CA TYR B 22 7.83 -19.38 17.92
C TYR B 22 6.43 -19.94 18.16
N THR B 23 6.33 -20.93 19.04
CA THR B 23 5.04 -21.57 19.28
C THR B 23 4.11 -20.63 20.03
N SER B 24 2.84 -21.04 20.15
N SER B 24 2.85 -21.04 20.17
CA SER B 24 1.89 -20.24 20.91
CA SER B 24 1.90 -20.27 20.96
C SER B 24 2.33 -20.10 22.35
C SER B 24 2.38 -20.15 22.40
N SER B 25 2.92 -21.16 22.91
N SER B 25 2.94 -21.23 22.94
CA SER B 25 3.41 -21.08 24.29
CA SER B 25 3.46 -21.20 24.31
C SER B 25 4.65 -20.21 24.40
C SER B 25 4.67 -20.27 24.41
N GLU B 26 5.53 -20.28 23.40
CA GLU B 26 6.70 -19.41 23.41
C GLU B 26 6.30 -17.95 23.27
N LEU B 27 5.26 -17.68 22.49
CA LEU B 27 4.77 -16.31 22.36
C LEU B 27 4.14 -15.83 23.65
N GLN B 28 3.44 -16.72 24.36
CA GLN B 28 2.92 -16.38 25.67
C GLN B 28 4.04 -16.09 26.66
N ASP B 29 5.13 -16.87 26.62
CA ASP B 29 6.25 -16.55 27.51
C ASP B 29 6.86 -15.19 27.16
N TYR B 30 6.90 -14.84 25.87
CA TYR B 30 7.32 -13.50 25.48
C TYR B 30 6.40 -12.44 26.10
N PHE B 31 5.07 -12.63 25.99
CA PHE B 31 4.14 -11.68 26.60
C PHE B 31 4.42 -11.51 28.10
N GLU B 32 4.83 -12.58 28.77
CA GLU B 32 5.13 -12.46 30.19
C GLU B 32 6.47 -11.81 30.43
N THR B 33 7.45 -11.99 29.53
CA THR B 33 8.70 -11.24 29.61
C THR B 33 8.45 -9.76 29.36
N LEU B 34 7.47 -9.44 28.52
CA LEU B 34 7.06 -8.06 28.28
C LEU B 34 6.36 -7.44 29.49
N LYS B 35 5.95 -8.26 30.46
CA LYS B 35 5.17 -7.78 31.60
C LYS B 35 3.84 -7.15 31.16
N PHE B 36 3.21 -7.75 30.15
CA PHE B 36 1.87 -7.35 29.75
C PHE B 36 0.92 -7.38 30.95
N PRO B 37 0.09 -6.37 31.15
CA PRO B 37 -1.01 -6.48 32.11
C PRO B 37 -2.12 -7.32 31.48
N GLN B 38 -3.16 -7.59 32.28
CA GLN B 38 -4.20 -8.52 31.87
C GLN B 38 -4.82 -8.16 30.53
N ARG B 39 -5.10 -6.87 30.32
CA ARG B 39 -5.82 -6.47 29.12
C ARG B 39 -4.99 -6.73 27.86
N PHE B 40 -3.65 -6.68 27.97
CA PHE B 40 -2.87 -6.95 26.76
C PHE B 40 -2.51 -8.42 26.66
N LEU B 41 -2.42 -9.13 27.77
CA LEU B 41 -2.45 -10.59 27.72
C LEU B 41 -3.70 -11.07 27.01
N ASP B 42 -4.85 -10.51 27.37
CA ASP B 42 -6.11 -10.89 26.72
C ASP B 42 -6.06 -10.59 25.24
N LEU B 43 -5.56 -9.41 24.87
CA LEU B 43 -5.40 -9.04 23.48
C LEU B 43 -4.50 -10.01 22.74
N GLY B 44 -3.34 -10.33 23.31
CA GLY B 44 -2.43 -11.25 22.65
C GLY B 44 -3.00 -12.63 22.47
N ASN B 45 -3.67 -13.16 23.49
N ASN B 45 -3.66 -13.16 23.51
CA ASN B 45 -4.23 -14.50 23.36
CA ASN B 45 -4.28 -14.48 23.41
C ASN B 45 -5.41 -14.54 22.39
C ASN B 45 -5.34 -14.51 22.31
N SER B 46 -6.08 -13.41 22.14
CA SER B 46 -7.11 -13.41 21.12
C SER B 46 -6.50 -13.52 19.73
N VAL B 47 -5.29 -12.97 19.54
CA VAL B 47 -4.57 -13.15 18.27
C VAL B 47 -4.00 -14.57 18.16
N LEU B 48 -3.44 -15.09 19.26
CA LEU B 48 -2.98 -16.48 19.26
C LEU B 48 -4.08 -17.45 18.82
N LYS B 49 -5.33 -17.18 19.22
CA LYS B 49 -6.42 -18.09 18.87
C LYS B 49 -6.95 -17.85 17.46
N ASP B 50 -6.77 -16.64 16.92
CA ASP B 50 -7.22 -16.31 15.56
C ASP B 50 -6.15 -15.49 14.87
N PRO B 51 -5.18 -16.14 14.22
CA PRO B 51 -4.08 -15.38 13.60
C PRO B 51 -4.53 -14.42 12.52
N SER B 52 -5.72 -14.61 11.94
CA SER B 52 -6.16 -13.68 10.90
C SER B 52 -6.34 -12.27 11.44
N LEU B 53 -6.59 -12.13 12.75
CA LEU B 53 -6.66 -10.80 13.35
C LEU B 53 -5.35 -10.01 13.13
N ALA B 54 -4.23 -10.71 13.06
CA ALA B 54 -2.95 -10.02 12.84
C ALA B 54 -2.84 -9.35 11.48
N ARG B 55 -3.79 -9.59 10.57
CA ARG B 55 -3.72 -9.02 9.23
C ARG B 55 -4.50 -7.72 9.07
N THR B 56 -5.27 -7.30 10.07
CA THR B 56 -6.13 -6.12 9.96
C THR B 56 -5.65 -5.02 10.88
N LYS B 57 -5.93 -3.77 10.50
N LYS B 57 -5.93 -3.77 10.51
CA LYS B 57 -5.61 -2.65 11.38
CA LYS B 57 -5.60 -2.66 11.38
C LYS B 57 -6.40 -2.72 12.68
C LYS B 57 -6.40 -2.75 12.68
N GLU B 58 -7.70 -3.00 12.57
CA GLU B 58 -8.60 -2.97 13.73
C GLU B 58 -8.10 -3.84 14.88
N ASN B 59 -7.69 -5.07 14.59
CA ASN B 59 -7.22 -5.96 15.64
C ASN B 59 -5.70 -6.09 15.68
N GLY B 60 -5.03 -5.91 14.54
CA GLY B 60 -3.59 -6.11 14.50
C GLY B 60 -2.81 -4.94 15.05
N LEU B 61 -3.27 -3.72 14.78
CA LEU B 61 -2.53 -2.54 15.22
C LEU B 61 -2.50 -2.39 16.73
N PRO B 62 -3.61 -2.55 17.48
CA PRO B 62 -3.52 -2.38 18.95
C PRO B 62 -2.56 -3.35 19.61
N LEU B 63 -2.52 -4.62 19.21
CA LEU B 63 -1.52 -5.53 19.80
C LEU B 63 -0.12 -5.13 19.39
N LEU B 64 0.06 -4.68 18.14
CA LEU B 64 1.37 -4.22 17.69
C LEU B 64 1.83 -3.03 18.52
N GLN B 65 0.93 -2.09 18.80
CA GLN B 65 1.25 -0.95 19.66
C GLN B 65 1.71 -1.42 21.04
N ALA B 66 0.96 -2.34 21.65
CA ALA B 66 1.31 -2.82 22.98
C ALA B 66 2.63 -3.59 22.97
N ILE B 67 2.83 -4.47 21.99
CA ILE B 67 4.07 -5.23 21.90
C ILE B 67 5.26 -4.29 21.83
N THR B 68 5.22 -3.33 20.90
CA THR B 68 6.37 -2.44 20.70
C THR B 68 6.63 -1.60 21.93
N ARG B 69 5.57 -1.11 22.59
CA ARG B 69 5.74 -0.24 23.75
C ARG B 69 6.36 -1.02 24.91
N TYR B 70 5.83 -2.21 25.21
CA TYR B 70 6.38 -2.97 26.33
C TYR B 70 7.77 -3.51 26.02
N HIS B 71 8.05 -3.79 24.74
CA HIS B 71 9.35 -4.34 24.37
C HIS B 71 10.47 -3.34 24.64
N THR B 72 10.35 -2.10 24.15
CA THR B 72 11.45 -1.18 24.37
C THR B 72 11.56 -0.76 25.84
N CYS B 73 10.49 -0.95 26.63
CA CYS B 73 10.54 -0.66 28.06
C CYS B 73 11.09 -1.80 28.89
N ASN B 74 11.08 -3.02 28.36
CA ASN B 74 11.44 -4.18 29.15
C ASN B 74 12.57 -5.02 28.57
N VAL B 75 12.82 -4.95 27.27
CA VAL B 75 13.97 -5.63 26.66
C VAL B 75 15.07 -4.61 26.46
N PRO B 76 16.25 -4.77 27.07
CA PRO B 76 17.27 -3.72 27.00
C PRO B 76 17.83 -3.55 25.59
N PHE B 77 18.02 -2.29 25.21
CA PHE B 77 18.89 -1.96 24.08
C PHE B 77 20.30 -1.89 24.63
N GLU B 78 21.15 -2.83 24.24
CA GLU B 78 22.42 -3.03 24.94
C GLU B 78 23.44 -3.62 23.99
N ASN B 79 24.72 -3.43 24.31
CA ASN B 79 25.80 -3.95 23.49
C ASN B 79 26.77 -4.77 24.34
N LEU B 80 26.32 -5.26 25.50
CA LEU B 80 27.23 -5.95 26.41
C LEU B 80 27.84 -7.19 25.79
N VAL B 81 27.22 -7.74 24.74
CA VAL B 81 27.81 -8.92 24.11
C VAL B 81 29.15 -8.59 23.48
N LEU B 82 29.45 -7.31 23.26
CA LEU B 82 30.77 -6.90 22.73
C LEU B 82 31.77 -6.64 23.83
N HIS B 83 31.40 -6.87 25.09
CA HIS B 83 32.20 -6.42 26.20
C HIS B 83 32.24 -7.47 27.30
N TYR B 84 31.12 -7.66 28.00
CA TYR B 84 31.00 -8.72 29.01
C TYR B 84 30.65 -10.05 28.34
N ASP B 85 31.57 -10.54 27.50
CA ASP B 85 31.34 -11.78 26.76
C ASP B 85 32.67 -12.38 26.35
N PRO B 86 32.87 -13.69 26.50
CA PRO B 86 34.18 -14.27 26.14
C PRO B 86 34.48 -14.22 24.66
N HIS B 87 33.47 -14.23 23.80
CA HIS B 87 33.68 -14.33 22.37
C HIS B 87 33.40 -13.05 21.60
N LYS B 88 32.44 -12.23 22.07
CA LYS B 88 32.19 -10.91 21.49
C LYS B 88 31.73 -11.01 20.03
N ILE B 89 30.96 -12.05 19.74
CA ILE B 89 30.36 -12.27 18.44
C ILE B 89 28.84 -12.11 18.59
N VAL B 90 28.19 -11.64 17.53
CA VAL B 90 26.75 -11.38 17.53
C VAL B 90 26.06 -12.50 16.78
N THR B 91 25.11 -13.17 17.42
CA THR B 91 24.28 -14.12 16.70
C THR B 91 22.95 -13.47 16.29
N LEU B 92 22.53 -13.73 15.06
CA LEU B 92 21.24 -13.30 14.57
C LEU B 92 20.29 -14.47 14.34
N ASP B 93 20.61 -15.62 14.88
CA ASP B 93 19.76 -16.80 14.73
C ASP B 93 18.47 -16.61 15.49
N PRO B 94 17.31 -16.70 14.85
CA PRO B 94 16.04 -16.45 15.57
C PRO B 94 15.83 -17.35 16.80
N ALA B 95 16.32 -18.58 16.78
CA ALA B 95 16.14 -19.44 17.96
C ALA B 95 17.06 -19.01 19.10
N GLU B 96 18.33 -18.71 18.80
CA GLU B 96 19.20 -18.24 19.87
C GLU B 96 18.75 -16.89 20.39
N LEU B 97 18.22 -16.05 19.50
CA LEU B 97 17.72 -14.75 19.93
C LEU B 97 16.53 -14.92 20.86
N TYR B 98 15.67 -15.91 20.59
CA TYR B 98 14.55 -16.15 21.50
C TYR B 98 15.06 -16.47 22.89
N THR B 99 16.02 -17.38 23.00
CA THR B 99 16.55 -17.74 24.31
C THR B 99 17.18 -16.53 25.00
N LYS B 100 17.92 -15.72 24.25
N LYS B 100 17.91 -15.71 24.24
CA LYS B 100 18.58 -14.56 24.84
CA LYS B 100 18.58 -14.56 24.84
C LYS B 100 17.57 -13.58 25.43
C LYS B 100 17.59 -13.57 25.42
N ILE B 101 16.53 -13.27 24.67
CA ILE B 101 15.60 -12.22 25.04
C ILE B 101 14.50 -12.74 25.97
N VAL B 102 13.86 -13.87 25.65
CA VAL B 102 12.77 -14.33 26.52
C VAL B 102 13.33 -15.07 27.73
N THR B 103 14.22 -16.04 27.52
CA THR B 103 14.65 -16.90 28.62
C THR B 103 15.66 -16.20 29.50
N ARG B 104 16.68 -15.58 28.89
CA ARG B 104 17.70 -14.90 29.67
C ARG B 104 17.34 -13.46 30.01
N ARG B 105 16.30 -12.90 29.40
CA ARG B 105 15.90 -11.51 29.67
C ARG B 105 17.07 -10.55 29.41
N ARG B 106 17.88 -10.87 28.40
CA ARG B 106 18.89 -9.96 27.93
C ARG B 106 18.35 -9.23 26.70
N GLY B 107 19.16 -8.35 26.12
CA GLY B 107 18.77 -7.63 24.94
C GLY B 107 19.86 -7.63 23.89
N GLY B 108 19.92 -6.52 23.15
CA GLY B 108 20.87 -6.37 22.07
C GLY B 108 20.64 -5.07 21.34
N ARG B 109 21.21 -4.96 20.16
CA ARG B 109 21.04 -3.73 19.39
C ARG B 109 19.95 -3.91 18.33
N CYS B 110 20.00 -3.18 17.23
CA CYS B 110 18.83 -3.10 16.35
C CYS B 110 18.56 -4.44 15.66
N MET B 111 19.61 -5.14 15.25
CA MET B 111 19.40 -6.38 14.51
C MET B 111 18.96 -7.52 15.43
N GLU B 112 19.57 -7.65 16.60
CA GLU B 112 19.08 -8.63 17.57
C GLU B 112 17.62 -8.36 17.96
N ASN B 113 17.29 -7.11 18.29
CA ASN B 113 15.91 -6.82 18.71
C ASN B 113 14.92 -7.07 17.58
N ASN B 114 15.22 -6.62 16.37
CA ASN B 114 14.19 -6.61 15.35
C ASN B 114 14.11 -7.91 14.56
N ILE B 115 15.19 -8.69 14.51
N ILE B 115 15.21 -8.69 14.50
CA ILE B 115 15.08 -10.05 13.97
CA ILE B 115 15.09 -10.05 13.98
C ILE B 115 14.19 -10.88 14.89
C ILE B 115 14.19 -10.88 14.88
N PHE B 116 14.41 -10.78 16.20
CA PHE B 116 13.55 -11.46 17.14
C PHE B 116 12.09 -11.02 16.99
N LEU B 117 11.85 -9.70 16.93
CA LEU B 117 10.48 -9.21 16.85
C LEU B 117 9.81 -9.63 15.54
N GLY B 118 10.52 -9.50 14.43
CA GLY B 118 9.98 -9.99 13.17
C GLY B 118 9.58 -11.45 13.23
N THR B 119 10.44 -12.30 13.82
CA THR B 119 10.11 -13.70 13.97
C THR B 119 8.86 -13.88 14.84
N ALA B 120 8.78 -13.13 15.94
CA ALA B 120 7.62 -13.24 16.82
C ALA B 120 6.35 -12.76 16.13
N LEU B 121 6.44 -11.61 15.45
CA LEU B 121 5.27 -11.07 14.75
C LEU B 121 4.79 -11.99 13.62
N ARG B 122 5.73 -12.59 12.86
CA ARG B 122 5.27 -13.52 11.82
C ARG B 122 4.66 -14.76 12.45
N SER B 123 5.18 -15.20 13.59
CA SER B 123 4.62 -16.35 14.27
C SER B 123 3.18 -16.09 14.72
N LEU B 124 2.86 -14.84 15.06
CA LEU B 124 1.52 -14.44 15.43
C LEU B 124 0.60 -14.24 14.23
N GLY B 125 1.15 -14.25 13.00
CA GLY B 125 0.37 -14.09 11.79
C GLY B 125 0.54 -12.76 11.08
N TYR B 126 1.41 -11.87 11.57
CA TYR B 126 1.62 -10.62 10.87
C TYR B 126 2.43 -10.86 9.60
N GLU B 127 2.17 -10.03 8.59
CA GLU B 127 3.00 -9.93 7.41
C GLU B 127 4.12 -8.93 7.66
N VAL B 128 5.37 -9.38 7.61
CA VAL B 128 6.51 -8.58 8.05
C VAL B 128 7.62 -8.63 7.01
N ARG B 129 8.21 -7.47 6.72
CA ARG B 129 9.36 -7.40 5.83
C ARG B 129 10.52 -6.78 6.60
N ASN B 130 11.67 -7.47 6.55
CA ASN B 130 12.89 -6.94 7.16
C ASN B 130 13.50 -5.89 6.23
N CYS B 131 13.71 -4.68 6.75
CA CYS B 131 14.30 -3.62 5.96
C CYS B 131 15.59 -3.12 6.61
N GLY B 132 16.31 -2.27 5.87
CA GLY B 132 17.59 -1.75 6.33
C GLY B 132 17.64 -0.25 6.20
N GLY B 133 18.45 0.36 7.05
CA GLY B 133 18.56 1.80 6.99
C GLY B 133 19.93 2.27 7.40
N ARG B 134 20.08 3.60 7.45
CA ARG B 134 21.32 4.26 7.83
C ARG B 134 21.05 5.21 8.99
N VAL B 135 21.78 5.06 10.09
CA VAL B 135 21.64 6.02 11.19
C VAL B 135 22.31 7.34 10.80
N SER B 136 21.63 8.44 11.11
CA SER B 136 22.18 9.78 10.86
C SER B 136 23.41 10.04 11.72
N ARG B 137 24.38 10.78 11.17
CA ARG B 137 25.49 11.26 11.98
C ARG B 137 25.05 12.27 13.05
N ALA B 138 23.81 12.77 12.98
CA ALA B 138 23.34 13.65 14.05
C ALA B 138 23.19 12.92 15.38
N MET B 139 23.11 11.58 15.33
CA MET B 139 23.04 10.70 16.49
C MET B 139 24.41 10.26 16.98
N SER B 140 25.50 10.71 16.36
CA SER B 140 26.80 10.20 16.72
C SER B 140 27.19 10.61 18.14
N PRO B 141 27.79 9.71 18.93
CA PRO B 141 28.37 10.11 20.22
C PRO B 141 29.64 10.93 20.08
N TYR B 142 30.16 11.11 18.87
CA TYR B 142 31.39 11.83 18.66
C TYR B 142 31.07 13.29 18.39
N PRO B 143 31.49 14.24 19.24
CA PRO B 143 30.97 15.62 19.10
C PRO B 143 31.32 16.29 17.78
N GLU B 144 32.53 16.06 17.26
CA GLU B 144 32.89 16.71 15.99
C GLU B 144 32.11 16.13 14.81
N VAL B 145 31.78 14.84 14.86
CA VAL B 145 30.94 14.25 13.82
C VAL B 145 29.53 14.86 13.86
N ARG B 146 28.97 15.05 15.05
CA ARG B 146 27.67 15.72 15.16
C ARG B 146 27.74 17.13 14.61
N LYS B 147 28.83 17.85 14.89
CA LYS B 147 28.87 19.26 14.51
C LYS B 147 29.00 19.44 13.01
N ASN B 148 29.91 18.71 12.37
CA ASN B 148 30.23 18.97 10.98
C ASN B 148 29.55 18.05 9.98
N GLN B 149 28.97 16.93 10.42
CA GLN B 149 28.49 15.93 9.49
C GLN B 149 27.04 15.55 9.76
N SER B 150 26.29 16.44 10.41
CA SER B 150 24.95 16.10 10.83
C SER B 150 24.00 15.85 9.66
N ALA B 151 24.31 16.35 8.46
CA ALA B 151 23.50 16.06 7.28
C ALA B 151 23.80 14.70 6.67
N THR B 152 24.78 13.96 7.18
CA THR B 152 25.16 12.71 6.56
C THR B 152 24.66 11.51 7.35
N TYR B 153 24.79 10.33 6.73
CA TYR B 153 24.34 9.07 7.30
C TYR B 153 25.45 8.03 7.28
N ASP B 154 25.43 7.14 8.27
CA ASP B 154 26.36 6.02 8.27
C ASP B 154 26.12 5.13 7.06
N GLY B 155 27.08 4.25 6.77
CA GLY B 155 26.80 3.13 5.90
C GLY B 155 25.81 2.18 6.56
N TRP B 156 25.04 1.49 5.73
CA TRP B 156 23.96 0.58 6.15
C TRP B 156 24.27 -0.06 7.50
N ASN B 157 23.50 0.33 8.53
CA ASN B 157 23.80 -0.19 9.86
C ASN B 157 22.55 -0.30 10.74
N HIS B 158 21.35 -0.06 10.22
CA HIS B 158 20.15 -0.12 11.03
C HIS B 158 19.14 -1.09 10.41
N MET B 159 18.44 -1.82 11.28
CA MET B 159 17.34 -2.67 10.86
C MET B 159 16.04 -2.11 11.40
N LEU B 160 15.01 -2.10 10.57
CA LEU B 160 13.65 -1.91 11.03
C LEU B 160 12.75 -2.89 10.29
N LEU B 161 11.49 -2.95 10.72
CA LEU B 161 10.48 -3.82 10.12
C LEU B 161 9.44 -2.97 9.40
N LEU B 162 8.91 -3.49 8.31
CA LEU B 162 7.63 -3.05 7.76
C LEU B 162 6.61 -4.14 8.04
N VAL B 163 5.47 -3.75 8.60
CA VAL B 163 4.42 -4.70 8.95
C VAL B 163 3.17 -4.24 8.22
N PHE B 164 2.54 -5.15 7.47
CA PHE B 164 1.41 -4.80 6.62
C PHE B 164 0.10 -5.01 7.38
N LEU B 165 -0.65 -3.92 7.61
CA LEU B 165 -1.92 -3.96 8.32
C LEU B 165 -3.01 -3.40 7.43
N GLY B 166 -3.99 -4.23 7.08
CA GLY B 166 -5.08 -3.75 6.25
C GLY B 166 -4.60 -3.56 4.84
N ASP B 167 -4.43 -2.31 4.41
CA ASP B 167 -3.85 -2.04 3.10
C ASP B 167 -2.69 -1.06 3.19
N GLU B 168 -1.99 -1.02 4.32
CA GLU B 168 -0.89 -0.07 4.44
C GLU B 168 0.24 -0.70 5.25
N TRP B 169 1.46 -0.31 4.91
CA TRP B 169 2.61 -0.76 5.67
C TRP B 169 2.82 0.15 6.88
N TYR B 170 3.25 -0.45 7.97
CA TYR B 170 3.67 0.26 9.17
C TYR B 170 5.13 -0.03 9.46
N GLY B 171 5.90 1.02 9.75
CA GLY B 171 7.26 0.84 10.23
C GLY B 171 7.24 0.45 11.69
N VAL B 172 8.06 -0.53 12.04
CA VAL B 172 8.12 -1.04 13.41
C VAL B 172 9.59 -1.20 13.74
N ASP B 173 10.00 -0.69 14.89
CA ASP B 173 11.42 -0.67 15.28
C ASP B 173 11.46 -0.73 16.79
N VAL B 174 11.96 -1.83 17.36
CA VAL B 174 12.13 -1.90 18.81
C VAL B 174 13.61 -2.01 19.12
N GLY B 175 14.45 -1.47 18.24
CA GLY B 175 15.87 -1.72 18.40
C GLY B 175 16.73 -0.49 18.28
N MET B 176 16.33 0.61 18.90
CA MET B 176 17.16 1.81 18.80
C MET B 176 17.13 2.61 20.10
N GLY B 177 16.75 1.99 21.21
CA GLY B 177 16.76 2.69 22.47
C GLY B 177 15.91 3.94 22.38
N SER B 178 16.41 5.01 22.99
CA SER B 178 15.61 6.22 23.08
C SER B 178 15.59 7.02 21.78
N MET B 179 16.43 6.68 20.79
CA MET B 179 16.38 7.38 19.51
C MET B 179 15.28 6.89 18.59
N GLY B 180 14.81 5.66 18.77
CA GLY B 180 13.82 5.07 17.90
C GLY B 180 12.48 5.76 17.92
N PRO B 181 11.67 5.54 16.88
CA PRO B 181 10.34 6.16 16.85
C PRO B 181 9.49 5.76 18.03
N ASN B 182 9.70 4.55 18.56
CA ASN B 182 9.02 4.04 19.75
C ASN B 182 7.49 4.04 19.60
N LEU B 183 7.02 3.88 18.37
CA LEU B 183 5.63 3.80 17.99
C LEU B 183 5.61 3.11 16.64
N PRO B 184 4.68 2.21 16.36
CA PRO B 184 4.48 1.81 14.96
C PRO B 184 3.99 3.02 14.19
N PHE B 185 4.66 3.33 13.08
CA PHE B 185 4.27 4.48 12.29
C PHE B 185 3.78 4.04 10.92
N PRO B 186 2.65 4.56 10.44
CA PRO B 186 2.25 4.25 9.06
C PRO B 186 3.29 4.78 8.09
N LEU B 187 3.59 3.98 7.07
CA LEU B 187 4.58 4.35 6.05
C LEU B 187 3.91 5.32 5.07
N GLN B 188 3.76 6.56 5.52
N GLN B 188 3.74 6.56 5.54
CA GLN B 188 3.05 7.59 4.76
CA GLN B 188 3.06 7.60 4.79
C GLN B 188 3.89 8.86 4.75
C GLN B 188 3.95 8.83 4.74
N ASP B 189 4.10 9.41 3.56
CA ASP B 189 4.87 10.63 3.43
C ASP B 189 4.15 11.76 4.15
N GLY B 190 4.81 12.37 5.13
CA GLY B 190 4.24 13.43 5.91
C GLY B 190 3.70 13.04 7.27
N PHE B 191 3.72 11.76 7.63
CA PHE B 191 3.17 11.35 8.91
C PHE B 191 3.94 12.01 10.05
N GLU B 192 3.20 12.55 11.02
N GLU B 192 3.21 12.56 11.01
CA GLU B 192 3.80 13.13 12.21
CA GLU B 192 3.79 13.13 12.22
C GLU B 192 2.98 12.69 13.42
C GLU B 192 2.98 12.69 13.42
N SER B 193 3.64 12.63 14.57
N SER B 193 3.64 12.63 14.57
CA SER B 193 2.97 12.23 15.81
CA SER B 193 2.97 12.23 15.81
C SER B 193 3.85 12.60 17.00
C SER B 193 3.84 12.59 16.99
N LEU B 194 3.20 12.89 18.12
CA LEU B 194 3.91 12.96 19.39
C LEU B 194 4.44 11.57 19.72
N SER B 195 5.65 11.50 20.26
CA SER B 195 6.20 10.21 20.69
C SER B 195 7.28 10.48 21.75
N ILE B 196 6.92 10.23 23.01
CA ILE B 196 7.71 10.53 24.20
C ILE B 196 7.73 12.04 24.39
N ALA B 197 6.61 12.58 24.89
CA ALA B 197 6.38 14.00 25.11
C ALA B 197 7.63 14.63 25.71
N PRO B 198 8.06 15.78 25.21
CA PRO B 198 7.41 16.58 24.17
C PRO B 198 7.83 16.21 22.74
N ARG B 199 8.65 15.17 22.56
CA ARG B 199 9.25 14.89 21.26
C ARG B 199 8.18 14.52 20.22
N GLU B 200 8.37 15.01 18.99
CA GLU B 200 7.57 14.59 17.84
C GLU B 200 8.45 13.81 16.86
N ILE B 201 7.83 12.89 16.13
CA ILE B 201 8.49 12.09 15.10
C ILE B 201 7.82 12.41 13.78
N ARG B 202 8.58 12.28 12.69
CA ARG B 202 8.10 12.60 11.36
C ARG B 202 8.64 11.58 10.38
N ILE B 203 7.84 11.25 9.36
CA ILE B 203 8.26 10.38 8.28
C ILE B 203 8.04 11.12 6.97
N GLN B 204 9.13 11.34 6.21
CA GLN B 204 9.06 12.02 4.92
C GLN B 204 9.76 11.18 3.85
N LYS B 205 9.20 11.17 2.66
CA LYS B 205 9.84 10.60 1.48
C LYS B 205 10.59 11.74 0.78
N ARG B 206 11.92 11.71 0.83
CA ARG B 206 12.70 12.81 0.30
C ARG B 206 14.11 12.34 -0.06
N SER B 207 14.79 13.13 -0.89
CA SER B 207 16.20 12.92 -1.14
C SER B 207 17.01 13.32 0.09
N ILE B 208 18.15 12.68 0.27
CA ILE B 208 19.07 13.02 1.34
C ILE B 208 20.18 13.92 0.79
N SER B 209 20.93 14.55 1.69
CA SER B 209 21.92 15.55 1.29
C SER B 209 23.00 14.95 0.40
N GLU B 210 23.51 13.77 0.77
CA GLU B 210 24.57 13.10 0.04
C GLU B 210 23.99 12.43 -1.19
N THR B 211 24.33 12.96 -2.36
CA THR B 211 23.91 12.39 -3.64
C THR B 211 24.85 12.89 -4.74
N HIS B 212 25.08 12.03 -5.74
CA HIS B 212 25.76 12.44 -6.96
C HIS B 212 24.81 12.95 -8.02
N ALA B 213 23.51 12.95 -7.75
CA ALA B 213 22.57 13.52 -8.71
C ALA B 213 22.87 15.00 -8.91
N THR B 214 22.96 15.41 -10.16
CA THR B 214 23.26 16.80 -10.49
C THR B 214 22.02 17.68 -10.48
N GLY B 215 20.86 17.10 -10.21
CA GLY B 215 19.60 17.81 -10.21
C GLY B 215 18.47 16.87 -9.81
N PRO B 216 17.26 17.41 -9.67
CA PRO B 216 16.15 16.60 -9.15
C PRO B 216 15.64 15.54 -10.12
N SER B 217 15.85 15.68 -11.43
CA SER B 217 15.35 14.68 -12.38
C SER B 217 16.08 13.34 -12.25
N HIS B 218 17.27 13.31 -11.67
CA HIS B 218 17.99 12.07 -11.43
C HIS B 218 18.06 11.70 -9.95
N ALA B 219 17.39 12.46 -9.09
CA ALA B 219 17.48 12.28 -7.65
C ALA B 219 16.67 11.07 -7.19
N THR B 220 17.18 10.41 -6.15
CA THR B 220 16.43 9.34 -5.49
C THR B 220 15.88 9.88 -4.18
N LYS B 221 14.86 9.20 -3.67
CA LYS B 221 14.25 9.58 -2.41
C LYS B 221 14.28 8.39 -1.47
N MET B 222 14.58 8.67 -0.20
N MET B 222 14.57 8.67 -0.20
CA MET B 222 14.52 7.69 0.87
CA MET B 222 14.54 7.71 0.88
C MET B 222 13.35 8.02 1.79
C MET B 222 13.37 8.03 1.80
N TRP B 223 12.96 7.03 2.60
CA TRP B 223 12.11 7.28 3.75
C TRP B 223 12.99 7.83 4.86
N CYS B 224 12.68 9.02 5.35
CA CYS B 224 13.51 9.69 6.34
C CYS B 224 12.72 9.89 7.63
N TYR B 225 13.31 9.42 8.73
CA TYR B 225 12.71 9.52 10.06
C TYR B 225 13.49 10.57 10.84
N ASP B 226 12.82 11.65 11.20
CA ASP B 226 13.37 12.76 11.97
C ASP B 226 12.56 12.95 13.24
N VAL B 227 13.18 13.58 14.23
CA VAL B 227 12.47 13.94 15.45
C VAL B 227 12.59 15.44 15.68
N CYS B 228 11.61 15.97 16.40
CA CYS B 228 11.68 17.34 16.91
C CYS B 228 11.63 17.25 18.43
N TYR B 229 12.76 17.51 19.08
CA TYR B 229 12.83 17.34 20.52
C TYR B 229 11.98 18.37 21.27
N ASN B 230 11.92 19.61 20.77
N ASN B 230 11.86 19.58 20.73
CA ASN B 230 11.17 20.70 21.40
CA ASN B 230 11.16 20.68 21.41
C ASN B 230 10.29 21.37 20.35
C ASN B 230 10.28 21.40 20.40
N PRO B 231 9.08 20.87 20.14
CA PRO B 231 8.19 21.49 19.15
C PRO B 231 7.60 22.81 19.59
N ALA B 232 7.87 23.26 20.82
CA ALA B 232 7.34 24.53 21.29
C ALA B 232 8.17 25.72 20.79
N GLU B 233 9.36 25.48 20.25
CA GLU B 233 10.16 26.56 19.66
C GLU B 233 9.35 27.27 18.58
N SER B 234 9.66 28.56 18.40
CA SER B 234 8.98 29.35 17.39
C SER B 234 9.16 28.74 15.99
N LYS B 235 10.36 28.27 15.66
CA LYS B 235 10.62 27.56 14.42
C LYS B 235 11.07 26.14 14.76
N LYS B 236 10.23 25.16 14.45
CA LYS B 236 10.54 23.76 14.73
C LYS B 236 11.85 23.34 14.05
N THR B 237 12.76 22.77 14.83
CA THR B 237 13.97 22.16 14.31
C THR B 237 13.82 20.65 14.28
N TRP B 238 13.97 20.06 13.09
CA TRP B 238 13.88 18.62 12.92
C TRP B 238 15.27 18.02 12.85
N THR B 239 15.53 17.03 13.70
CA THR B 239 16.83 16.35 13.73
C THR B 239 16.72 15.00 13.04
N PRO B 240 17.54 14.71 12.03
CA PRO B 240 17.47 13.40 11.39
C PRO B 240 17.95 12.31 12.31
N VAL B 241 17.30 11.13 12.21
CA VAL B 241 17.65 9.97 13.02
C VAL B 241 18.09 8.80 12.15
N TYR B 242 17.28 8.43 11.16
CA TYR B 242 17.75 7.44 10.19
C TYR B 242 16.93 7.54 8.91
N CYS B 243 17.45 6.92 7.86
CA CYS B 243 16.74 6.84 6.59
C CYS B 243 16.76 5.40 6.13
N PHE B 244 15.78 5.01 5.31
CA PHE B 244 15.65 3.62 4.89
C PHE B 244 14.88 3.53 3.56
N THR B 245 14.95 2.35 2.95
CA THR B 245 14.11 2.04 1.79
C THR B 245 13.23 0.86 2.17
N GLU B 246 12.34 0.51 1.25
CA GLU B 246 11.45 -0.64 1.38
C GLU B 246 12.08 -1.92 0.87
N THR B 247 13.35 -1.88 0.48
CA THR B 247 14.01 -3.08 -0.03
C THR B 247 14.03 -4.13 1.06
N GLU B 248 13.71 -5.37 0.69
CA GLU B 248 13.76 -6.46 1.67
C GLU B 248 15.21 -6.82 1.95
N PHE B 249 15.62 -6.71 3.21
CA PHE B 249 16.96 -7.15 3.57
C PHE B 249 16.94 -8.62 3.97
N LEU B 250 18.08 -9.28 3.79
CA LEU B 250 18.29 -10.68 4.07
C LEU B 250 19.11 -10.86 5.34
N PRO B 251 19.00 -12.01 6.00
CA PRO B 251 19.90 -12.30 7.13
C PRO B 251 21.36 -12.03 6.81
N GLN B 252 21.83 -12.44 5.63
CA GLN B 252 23.24 -12.21 5.31
C GLN B 252 23.54 -10.71 5.11
N ASP B 253 22.54 -9.91 4.73
CA ASP B 253 22.74 -8.45 4.71
C ASP B 253 23.03 -7.92 6.11
N TYR B 254 22.22 -8.32 7.09
CA TYR B 254 22.44 -7.89 8.48
C TYR B 254 23.77 -8.37 9.02
N GLU B 255 24.18 -9.56 8.61
CA GLU B 255 25.46 -10.08 9.02
C GLU B 255 26.61 -9.17 8.58
N VAL B 256 26.52 -8.64 7.35
CA VAL B 256 27.53 -7.67 6.88
C VAL B 256 27.47 -6.40 7.72
N MET B 257 26.27 -5.84 7.86
CA MET B 257 26.06 -4.62 8.65
C MET B 257 26.56 -4.77 10.08
N SER B 258 26.21 -5.89 10.72
CA SER B 258 26.59 -6.06 12.11
C SER B 258 28.08 -6.33 12.25
N TRP B 259 28.70 -6.95 11.24
CA TRP B 259 30.14 -7.15 11.27
C TRP B 259 30.86 -5.81 11.34
N PHE B 260 30.40 -4.83 10.58
CA PHE B 260 31.01 -3.51 10.65
C PHE B 260 30.82 -2.89 12.03
N THR B 261 29.57 -2.84 12.52
CA THR B 261 29.32 -2.16 13.79
C THR B 261 29.89 -2.91 14.97
N SER B 262 30.23 -4.20 14.81
CA SER B 262 30.77 -4.99 15.92
C SER B 262 32.27 -5.18 15.87
N THR B 263 32.93 -4.95 14.72
CA THR B 263 34.38 -5.13 14.63
C THR B 263 35.14 -3.94 14.07
N ASN B 264 34.51 -3.00 13.38
CA ASN B 264 35.31 -1.89 12.89
C ASN B 264 35.61 -0.95 14.06
N PRO B 265 36.88 -0.60 14.30
CA PRO B 265 37.24 0.12 15.52
C PRO B 265 36.74 1.56 15.58
N ARG B 266 36.10 2.05 14.54
CA ARG B 266 35.45 3.35 14.61
C ARG B 266 33.99 3.27 15.05
N SER B 267 33.39 2.09 15.07
CA SER B 267 32.07 1.94 15.66
C SER B 267 32.17 2.21 17.16
N PHE B 268 31.33 3.11 17.67
N PHE B 268 31.32 3.10 17.66
CA PHE B 268 31.39 3.39 19.10
CA PHE B 268 31.38 3.39 19.09
C PHE B 268 30.94 2.19 19.91
C PHE B 268 30.96 2.18 19.91
N PHE B 269 30.15 1.29 19.33
CA PHE B 269 29.72 0.10 20.06
C PHE B 269 30.88 -0.80 20.47
N THR B 270 31.98 -0.80 19.71
CA THR B 270 33.14 -1.57 20.13
C THR B 270 33.90 -0.90 21.27
N ARG B 271 33.65 0.39 21.53
CA ARG B 271 34.46 1.17 22.46
C ARG B 271 33.85 1.34 23.84
N TYR B 272 32.53 1.47 23.93
N TYR B 272 32.53 1.47 23.93
CA TYR B 272 31.88 1.88 25.17
CA TYR B 272 31.88 1.88 25.17
C TYR B 272 30.68 0.99 25.46
C TYR B 272 30.68 0.99 25.46
N ILE B 273 30.48 0.71 26.75
CA ILE B 273 29.34 -0.05 27.23
C ILE B 273 28.11 0.84 27.25
N THR B 274 26.98 0.33 26.76
CA THR B 274 25.75 1.09 26.83
C THR B 274 24.56 0.13 26.98
N CYS B 275 23.52 0.64 27.65
CA CYS B 275 22.32 -0.15 27.92
C CYS B 275 21.17 0.80 28.20
N THR B 276 20.05 0.61 27.51
CA THR B 276 18.90 1.49 27.66
C THR B 276 17.61 0.68 27.78
N LYS B 277 16.73 1.12 28.68
CA LYS B 277 15.33 0.72 28.68
C LYS B 277 14.47 1.96 28.71
N MET B 278 13.37 1.93 27.96
CA MET B 278 12.44 3.04 27.96
C MET B 278 11.56 2.98 29.20
N ILE B 279 10.94 4.11 29.53
CA ILE B 279 10.12 4.25 30.72
C ILE B 279 8.69 4.49 30.30
N MET B 280 7.77 3.71 30.84
CA MET B 280 6.37 3.79 30.48
C MET B 280 5.55 4.42 31.60
N ASP B 281 4.53 5.17 31.21
CA ASP B 281 3.35 5.41 32.04
C ASP B 281 2.32 4.38 31.56
N GLU B 282 2.14 3.31 32.34
CA GLU B 282 1.38 2.18 31.84
C GLU B 282 -0.10 2.53 31.63
N ASP B 283 -0.71 3.25 32.59
CA ASP B 283 -2.12 3.56 32.45
C ASP B 283 -2.36 4.51 31.28
N LYS B 284 -1.46 5.46 31.06
CA LYS B 284 -1.58 6.37 29.93
C LYS B 284 -1.15 5.72 28.62
N GLU B 285 -0.52 4.53 28.68
CA GLU B 285 -0.10 3.77 27.49
C GLU B 285 0.80 4.59 26.58
N VAL B 286 1.73 5.33 27.20
CA VAL B 286 2.71 6.11 26.47
C VAL B 286 4.07 5.90 27.14
N ILE B 287 5.12 6.03 26.35
CA ILE B 287 6.47 6.06 26.88
C ILE B 287 6.78 7.49 27.27
N ILE B 288 7.43 7.69 28.41
CA ILE B 288 7.65 9.04 28.91
C ILE B 288 9.12 9.39 29.07
N GLY B 289 10.03 8.45 28.89
CA GLY B 289 11.45 8.76 29.01
C GLY B 289 12.28 7.49 28.88
N ASN B 290 13.49 7.54 29.44
CA ASN B 290 14.37 6.39 29.32
C ASN B 290 15.36 6.37 30.48
N LEU B 291 15.83 5.18 30.79
CA LEU B 291 16.99 4.96 31.66
C LEU B 291 18.13 4.50 30.78
N THR B 292 19.29 5.15 30.88
CA THR B 292 20.38 4.79 29.98
C THR B 292 21.71 4.72 30.73
N LEU B 293 22.40 3.60 30.57
CA LEU B 293 23.78 3.47 30.97
C LEU B 293 24.64 3.79 29.75
N PHE B 294 25.51 4.78 29.88
CA PHE B 294 26.53 5.05 28.87
C PHE B 294 27.85 5.07 29.62
N LYS B 295 28.75 4.15 29.27
CA LYS B 295 30.05 4.03 29.91
C LYS B 295 29.89 3.68 31.39
N ASP B 296 29.98 4.65 32.30
CA ASP B 296 29.94 4.36 33.71
C ASP B 296 28.74 4.98 34.44
N THR B 297 27.85 5.67 33.72
CA THR B 297 26.89 6.54 34.37
C THR B 297 25.48 6.24 33.86
N VAL B 298 24.56 6.06 34.79
CA VAL B 298 23.15 5.85 34.46
C VAL B 298 22.41 7.16 34.63
N ARG B 299 21.69 7.57 33.58
CA ARG B 299 20.87 8.77 33.62
C ARG B 299 19.42 8.42 33.34
N GLU B 300 18.52 9.10 34.04
CA GLU B 300 17.08 9.00 33.81
C GLU B 300 16.62 10.27 33.13
N THR B 301 15.98 10.12 31.97
CA THR B 301 15.36 11.23 31.27
C THR B 301 13.85 11.03 31.31
N ILE B 302 13.13 12.07 31.71
CA ILE B 302 11.68 12.12 31.62
C ILE B 302 11.34 13.38 30.82
N GLY B 303 10.74 13.20 29.65
CA GLY B 303 10.48 14.34 28.79
C GLY B 303 11.78 15.01 28.45
N SER B 304 11.88 16.30 28.77
CA SER B 304 13.08 17.08 28.49
C SER B 304 14.03 17.16 29.68
N ASP B 305 13.68 16.54 30.81
CA ASP B 305 14.49 16.64 32.02
C ASP B 305 15.30 15.37 32.22
N ARG B 306 16.61 15.55 32.44
CA ARG B 306 17.56 14.46 32.60
C ARG B 306 18.30 14.62 33.92
N LYS B 307 18.49 13.53 34.64
CA LYS B 307 19.24 13.56 35.88
C LYS B 307 20.10 12.30 36.01
N VAL B 308 21.18 12.43 36.78
CA VAL B 308 22.08 11.31 37.02
C VAL B 308 21.50 10.43 38.13
N VAL B 309 21.34 9.15 37.83
CA VAL B 309 20.92 8.16 38.80
C VAL B 309 22.11 7.55 39.53
N LYS B 310 23.18 7.23 38.80
CA LYS B 310 24.33 6.57 39.39
C LYS B 310 25.54 6.72 38.47
N LYS B 311 26.69 7.08 39.05
CA LYS B 311 27.98 6.99 38.39
C LYS B 311 28.75 5.88 39.12
N PHE B 312 28.87 4.73 38.47
CA PHE B 312 29.50 3.57 39.11
C PHE B 312 30.99 3.83 39.35
N GLU B 313 31.47 3.35 40.49
CA GLU B 313 32.85 3.53 40.88
C GLU B 313 33.72 2.31 40.57
N THR B 314 33.13 1.12 40.62
CA THR B 314 33.87 -0.13 40.50
C THR B 314 33.14 -1.06 39.55
N GLU B 315 33.79 -2.16 39.20
CA GLU B 315 33.14 -3.21 38.42
C GLU B 315 31.95 -3.77 39.18
N GLU B 316 32.13 -4.05 40.47
CA GLU B 316 31.05 -4.65 41.26
C GLU B 316 29.83 -3.76 41.30
N GLU B 317 30.03 -2.44 41.40
CA GLU B 317 28.89 -1.52 41.37
C GLU B 317 28.19 -1.55 40.02
N ARG B 318 28.97 -1.54 38.92
CA ARG B 318 28.33 -1.62 37.60
C ARG B 318 27.58 -2.93 37.45
N ILE B 319 28.20 -4.04 37.85
CA ILE B 319 27.55 -5.34 37.67
C ILE B 319 26.27 -5.41 38.51
N LYS B 320 26.31 -4.90 39.75
CA LYS B 320 25.09 -4.87 40.56
C LYS B 320 24.05 -3.93 39.97
N GLY B 321 24.49 -2.81 39.39
CA GLY B 321 23.55 -1.87 38.81
C GLY B 321 22.84 -2.44 37.59
N LEU B 322 23.56 -3.20 36.76
CA LEU B 322 22.92 -3.86 35.63
C LEU B 322 21.79 -4.77 36.10
N VAL B 323 22.00 -5.47 37.21
CA VAL B 323 20.95 -6.32 37.75
C VAL B 323 19.80 -5.47 38.30
N GLU B 324 20.10 -4.55 39.21
CA GLU B 324 19.03 -3.86 39.94
C GLU B 324 18.27 -2.90 39.01
N ILE B 325 18.98 -2.14 38.18
CA ILE B 325 18.33 -1.10 37.40
C ILE B 325 17.76 -1.64 36.09
N PHE B 326 18.48 -2.55 35.43
CA PHE B 326 18.15 -2.97 34.07
C PHE B 326 17.75 -4.44 33.96
N ASP B 327 17.80 -5.20 35.05
CA ASP B 327 17.52 -6.63 35.02
C ASP B 327 18.37 -7.31 33.95
N VAL B 328 19.61 -6.83 33.80
CA VAL B 328 20.61 -7.45 32.94
C VAL B 328 21.52 -8.28 33.82
N ASN B 329 21.42 -9.60 33.69
CA ASN B 329 22.16 -10.54 34.51
C ASN B 329 23.25 -11.20 33.66
N LEU B 330 24.45 -11.30 34.21
CA LEU B 330 25.61 -11.81 33.48
C LEU B 330 26.07 -13.12 34.11
N THR B 331 26.47 -14.07 33.27
CA THR B 331 27.13 -15.27 33.78
C THR B 331 28.51 -14.91 34.33
N GLU B 332 29.08 -15.82 35.11
CA GLU B 332 30.41 -15.57 35.65
C GLU B 332 31.41 -15.34 34.53
N GLU B 333 31.36 -16.16 33.49
CA GLU B 333 32.26 -15.99 32.35
C GLU B 333 32.09 -14.61 31.72
N GLU B 334 30.83 -14.16 31.59
CA GLU B 334 30.59 -12.84 31.00
C GLU B 334 31.20 -11.74 31.86
N LYS B 335 31.00 -11.80 33.18
CA LYS B 335 31.55 -10.77 34.06
C LYS B 335 33.07 -10.67 33.92
N ASN B 336 33.74 -11.82 33.80
CA ASN B 336 35.19 -11.87 33.79
C ASN B 336 35.80 -11.64 32.42
N SER B 337 34.98 -11.57 31.37
CA SER B 337 35.46 -11.43 30.01
C SER B 337 35.65 -9.98 29.58
N LEU B 338 35.32 -9.01 30.44
CA LEU B 338 35.55 -7.62 30.08
C LEU B 338 37.05 -7.37 30.00
N PRO B 339 37.55 -6.77 28.91
CA PRO B 339 38.98 -6.45 28.86
C PRO B 339 39.39 -5.55 30.00
N GLN B 340 40.63 -5.75 30.48
CA GLN B 340 41.09 -5.04 31.67
C GLN B 340 41.05 -3.53 31.48
N GLU B 341 41.23 -3.05 30.25
CA GLU B 341 41.24 -1.61 30.01
C GLU B 341 39.87 -0.98 30.18
N LYS B 342 38.80 -1.77 30.10
CA LYS B 342 37.44 -1.25 30.19
C LYS B 342 36.83 -1.42 31.57
N ARG B 343 37.60 -1.89 32.54
CA ARG B 343 37.06 -2.13 33.88
C ARG B 343 37.11 -0.85 34.71
N LEU B 344 36.24 -0.80 35.71
CA LEU B 344 36.24 0.29 36.68
C LEU B 344 36.91 -0.18 37.96
N GLU C 5 -50.53 2.93 -1.30
CA GLU C 5 -50.50 2.66 0.14
C GLU C 5 -49.07 2.60 0.63
N ASP C 6 -48.89 2.89 1.92
CA ASP C 6 -47.56 2.82 2.50
C ASP C 6 -47.04 1.39 2.41
N PRO C 7 -45.76 1.22 2.11
CA PRO C 7 -45.16 -0.12 2.18
C PRO C 7 -45.34 -0.72 3.57
N THR C 8 -45.54 -2.03 3.60
CA THR C 8 -45.51 -2.78 4.85
C THR C 8 -44.27 -3.64 4.97
N ALA C 9 -43.48 -3.76 3.91
CA ALA C 9 -42.23 -4.50 3.93
C ALA C 9 -41.31 -3.90 2.88
N LEU C 10 -40.05 -3.73 3.25
CA LEU C 10 -39.04 -3.24 2.33
C LEU C 10 -38.07 -4.38 2.02
N THR C 11 -37.27 -4.18 0.97
CA THR C 11 -36.35 -5.23 0.55
C THR C 11 -35.34 -5.49 1.65
N GLN C 12 -35.05 -6.76 1.92
CA GLN C 12 -34.04 -7.07 2.92
C GLN C 12 -33.34 -8.36 2.53
N LEU C 13 -32.28 -8.68 3.26
N LEU C 13 -32.27 -8.66 3.24
CA LEU C 13 -31.63 -9.97 3.17
CA LEU C 13 -31.66 -9.98 3.14
C LEU C 13 -32.38 -10.94 4.10
C LEU C 13 -32.41 -10.92 4.08
N PRO C 14 -33.02 -11.99 3.59
CA PRO C 14 -33.77 -12.88 4.47
C PRO C 14 -32.85 -13.53 5.49
N ASP C 15 -33.42 -13.88 6.64
CA ASP C 15 -32.69 -14.69 7.59
C ASP C 15 -32.26 -16.00 6.93
N GLU C 16 -31.20 -16.59 7.49
CA GLU C 16 -30.56 -17.73 6.85
C GLU C 16 -31.55 -18.85 6.54
N SER C 17 -32.46 -19.13 7.46
CA SER C 17 -33.40 -20.23 7.25
C SER C 17 -34.40 -19.93 6.13
N ALA C 18 -34.56 -18.66 5.75
CA ALA C 18 -35.57 -18.28 4.76
C ALA C 18 -34.99 -17.98 3.38
N ARG C 19 -33.68 -18.12 3.20
CA ARG C 19 -33.05 -17.74 1.94
C ARG C 19 -33.29 -18.78 0.85
N VAL C 20 -33.35 -18.31 -0.40
CA VAL C 20 -33.51 -19.20 -1.54
C VAL C 20 -32.25 -20.06 -1.70
N ARG C 21 -32.45 -21.36 -1.82
CA ARG C 21 -31.37 -22.30 -2.08
C ARG C 21 -31.77 -23.13 -3.30
N TYR C 22 -30.91 -23.18 -4.30
CA TYR C 22 -31.21 -23.99 -5.47
C TYR C 22 -30.92 -25.44 -5.14
N THR C 23 -31.84 -26.32 -5.47
CA THR C 23 -31.67 -27.73 -5.15
C THR C 23 -30.61 -28.38 -6.05
N SER C 24 -30.22 -29.60 -5.66
N SER C 24 -30.22 -29.60 -5.67
CA SER C 24 -29.28 -30.36 -6.47
CA SER C 24 -29.27 -30.35 -6.50
C SER C 24 -29.79 -30.51 -7.91
C SER C 24 -29.79 -30.50 -7.91
N SER C 25 -31.10 -30.76 -8.06
CA SER C 25 -31.68 -30.90 -9.40
C SER C 25 -31.68 -29.58 -10.15
N GLU C 26 -31.99 -28.48 -9.47
CA GLU C 26 -31.99 -27.19 -10.14
C GLU C 26 -30.59 -26.77 -10.54
N LEU C 27 -29.58 -27.19 -9.75
CA LEU C 27 -28.20 -26.88 -10.10
C LEU C 27 -27.76 -27.71 -11.29
N GLN C 28 -28.18 -28.98 -11.32
CA GLN C 28 -27.95 -29.80 -12.51
C GLN C 28 -28.59 -29.17 -13.74
N ASP C 29 -29.81 -28.63 -13.61
CA ASP C 29 -30.42 -27.97 -14.77
C ASP C 29 -29.62 -26.73 -15.17
N TYR C 30 -29.01 -26.09 -14.20
CA TYR C 30 -28.14 -24.95 -14.51
C TYR C 30 -26.86 -25.42 -15.21
N PHE C 31 -26.30 -26.57 -14.81
CA PHE C 31 -25.15 -27.08 -15.53
C PHE C 31 -25.49 -27.39 -16.98
N GLU C 32 -26.75 -27.75 -17.25
CA GLU C 32 -27.13 -28.06 -18.63
C GLU C 32 -27.39 -26.81 -19.45
N THR C 33 -27.93 -25.77 -18.80
CA THR C 33 -28.06 -24.46 -19.46
C THR C 33 -26.69 -23.88 -19.78
N LEU C 34 -25.71 -24.13 -18.92
CA LEU C 34 -24.32 -23.78 -19.19
C LEU C 34 -23.71 -24.59 -20.32
N LYS C 35 -24.36 -25.68 -20.75
CA LYS C 35 -23.84 -26.58 -21.78
C LYS C 35 -22.47 -27.17 -21.38
N PHE C 36 -22.34 -27.54 -20.11
CA PHE C 36 -21.14 -28.22 -19.66
C PHE C 36 -20.91 -29.48 -20.51
N PRO C 37 -19.68 -29.74 -20.94
CA PRO C 37 -19.36 -31.06 -21.48
C PRO C 37 -19.24 -32.05 -20.32
N GLN C 38 -18.99 -33.32 -20.68
CA GLN C 38 -19.09 -34.41 -19.70
C GLN C 38 -18.14 -34.20 -18.52
N ARG C 39 -16.91 -33.76 -18.78
CA ARG C 39 -15.94 -33.66 -17.69
C ARG C 39 -16.36 -32.61 -16.67
N PHE C 40 -17.10 -31.59 -17.09
CA PHE C 40 -17.50 -30.57 -16.12
C PHE C 40 -18.85 -30.90 -15.48
N LEU C 41 -19.71 -31.63 -16.18
CA LEU C 41 -20.83 -32.28 -15.52
C LEU C 41 -20.33 -33.18 -14.39
N ASP C 42 -19.31 -33.99 -14.68
CA ASP C 42 -18.76 -34.85 -13.66
C ASP C 42 -18.18 -34.02 -12.51
N LEU C 43 -17.45 -32.96 -12.83
CA LEU C 43 -16.91 -32.10 -11.79
C LEU C 43 -18.03 -31.52 -10.93
N GLY C 44 -19.06 -30.96 -11.57
CA GLY C 44 -20.18 -30.42 -10.81
C GLY C 44 -20.84 -31.45 -9.93
N ASN C 45 -21.06 -32.65 -10.47
CA ASN C 45 -21.76 -33.65 -9.68
C ASN C 45 -20.93 -34.12 -8.49
N SER C 46 -19.61 -34.12 -8.61
CA SER C 46 -18.83 -34.52 -7.44
C SER C 46 -18.97 -33.49 -6.31
N VAL C 47 -19.13 -32.21 -6.65
CA VAL C 47 -19.36 -31.20 -5.61
C VAL C 47 -20.78 -31.31 -5.07
N LEU C 48 -21.76 -31.56 -5.95
CA LEU C 48 -23.12 -31.81 -5.48
C LEU C 48 -23.15 -32.93 -4.44
N LYS C 49 -22.33 -33.96 -4.63
CA LYS C 49 -22.32 -35.07 -3.69
C LYS C 49 -21.46 -34.82 -2.46
N ASP C 50 -20.53 -33.86 -2.51
CA ASP C 50 -19.67 -33.55 -1.38
C ASP C 50 -19.43 -32.04 -1.34
N PRO C 51 -20.35 -31.30 -0.72
CA PRO C 51 -20.21 -29.83 -0.71
C PRO C 51 -18.94 -29.34 -0.05
N SER C 52 -18.31 -30.16 0.79
CA SER C 52 -17.07 -29.77 1.43
C SER C 52 -15.98 -29.47 0.41
N LEU C 53 -16.06 -30.08 -0.77
CA LEU C 53 -15.11 -29.78 -1.83
C LEU C 53 -15.17 -28.31 -2.23
N ALA C 54 -16.30 -27.65 -2.01
CA ALA C 54 -16.43 -26.26 -2.45
C ALA C 54 -15.68 -25.28 -1.55
N ARG C 55 -15.15 -25.73 -0.41
CA ARG C 55 -14.41 -24.88 0.49
C ARG C 55 -12.92 -24.85 0.21
N THR C 56 -12.42 -25.73 -0.64
CA THR C 56 -10.99 -25.87 -0.88
C THR C 56 -10.61 -25.27 -2.23
N LYS C 57 -9.37 -24.80 -2.33
CA LYS C 57 -8.84 -24.36 -3.62
C LYS C 57 -8.74 -25.54 -4.59
N GLU C 58 -8.21 -26.67 -4.13
CA GLU C 58 -7.88 -27.76 -5.04
C GLU C 58 -9.11 -28.38 -5.69
N ASN C 59 -10.24 -28.41 -4.99
CA ASN C 59 -11.46 -28.95 -5.59
C ASN C 59 -12.52 -27.92 -5.90
N GLY C 60 -12.51 -26.76 -5.24
CA GLY C 60 -13.54 -25.78 -5.50
C GLY C 60 -13.21 -24.84 -6.63
N LEU C 61 -11.93 -24.50 -6.80
CA LEU C 61 -11.52 -23.54 -7.82
C LEU C 61 -11.73 -24.07 -9.24
N PRO C 62 -11.41 -25.35 -9.55
CA PRO C 62 -11.66 -25.80 -10.92
C PRO C 62 -13.11 -25.75 -11.35
N LEU C 63 -14.04 -26.16 -10.50
CA LEU C 63 -15.46 -26.03 -10.86
C LEU C 63 -15.86 -24.57 -10.96
N LEU C 64 -15.30 -23.72 -10.10
CA LEU C 64 -15.58 -22.29 -10.17
C LEU C 64 -15.09 -21.69 -11.48
N GLN C 65 -13.90 -22.10 -11.93
CA GLN C 65 -13.39 -21.64 -13.23
C GLN C 65 -14.33 -22.06 -14.36
N ALA C 66 -14.77 -23.32 -14.34
CA ALA C 66 -15.63 -23.84 -15.39
C ALA C 66 -16.98 -23.13 -15.40
N ILE C 67 -17.59 -22.99 -14.21
CA ILE C 67 -18.89 -22.31 -14.11
C ILE C 67 -18.79 -20.90 -14.69
N THR C 68 -17.80 -20.12 -14.25
CA THR C 68 -17.72 -18.73 -14.69
C THR C 68 -17.48 -18.64 -16.20
N ARG C 69 -16.69 -19.55 -16.74
CA ARG C 69 -16.37 -19.50 -18.18
C ARG C 69 -17.59 -19.83 -19.02
N TYR C 70 -18.28 -20.94 -18.70
CA TYR C 70 -19.46 -21.28 -19.45
C TYR C 70 -20.60 -20.30 -19.19
N HIS C 71 -20.68 -19.73 -17.99
CA HIS C 71 -21.74 -18.76 -17.72
C HIS C 71 -21.63 -17.54 -18.63
N THR C 72 -20.45 -16.93 -18.72
CA THR C 72 -20.41 -15.71 -19.54
C THR C 72 -20.50 -16.00 -21.04
N CYS C 73 -20.25 -17.25 -21.45
CA CYS C 73 -20.40 -17.65 -22.84
C CYS C 73 -21.81 -18.09 -23.18
N ASN C 74 -22.64 -18.47 -22.20
CA ASN C 74 -23.95 -18.98 -22.53
C ASN C 74 -25.11 -18.23 -21.89
N VAL C 75 -24.86 -17.43 -20.86
CA VAL C 75 -25.89 -16.56 -20.28
C VAL C 75 -25.65 -15.16 -20.78
N PRO C 76 -26.59 -14.54 -21.50
CA PRO C 76 -26.29 -13.24 -22.11
C PRO C 76 -26.20 -12.12 -21.07
N PHE C 77 -25.25 -11.24 -21.30
CA PHE C 77 -25.24 -9.93 -20.65
C PHE C 77 -26.12 -9.03 -21.49
N GLU C 78 -27.29 -8.66 -20.96
CA GLU C 78 -28.33 -8.02 -21.77
C GLU C 78 -29.14 -7.07 -20.90
N ASN C 79 -29.70 -6.03 -21.54
CA ASN C 79 -30.55 -5.06 -20.86
C ASN C 79 -31.96 -5.05 -21.44
N LEU C 80 -32.36 -6.14 -22.10
CA LEU C 80 -33.62 -6.16 -22.83
C LEU C 80 -34.82 -5.95 -21.92
N VAL C 81 -34.68 -6.18 -20.61
CA VAL C 81 -35.84 -6.00 -19.75
C VAL C 81 -36.24 -4.52 -19.67
N LEU C 82 -35.33 -3.60 -20.00
CA LEU C 82 -35.65 -2.17 -20.00
C LEU C 82 -36.23 -1.71 -21.33
N HIS C 83 -36.40 -2.61 -22.29
CA HIS C 83 -36.81 -2.26 -23.64
C HIS C 83 -37.92 -3.16 -24.16
N TYR C 84 -37.59 -4.42 -24.45
CA TYR C 84 -38.58 -5.42 -24.87
C TYR C 84 -39.28 -6.01 -23.64
N ASP C 85 -39.94 -5.15 -22.88
CA ASP C 85 -40.68 -5.65 -21.72
C ASP C 85 -41.82 -4.72 -21.40
N PRO C 86 -42.98 -5.24 -20.99
CA PRO C 86 -44.12 -4.34 -20.73
C PRO C 86 -43.97 -3.52 -19.46
N HIS C 87 -43.15 -3.93 -18.51
CA HIS C 87 -43.03 -3.21 -17.25
C HIS C 87 -41.69 -2.51 -17.05
N LYS C 88 -40.60 -3.06 -17.60
N LYS C 88 -40.60 -3.04 -17.64
CA LYS C 88 -39.29 -2.40 -17.58
CA LYS C 88 -39.31 -2.37 -17.64
C LYS C 88 -38.77 -2.22 -16.14
C LYS C 88 -38.76 -2.18 -16.23
N ILE C 89 -39.07 -3.21 -15.31
N ILE C 89 -39.04 -3.14 -15.35
CA ILE C 89 -38.62 -3.26 -13.92
CA ILE C 89 -38.50 -3.15 -14.01
C ILE C 89 -37.68 -4.45 -13.76
C ILE C 89 -37.63 -4.40 -13.83
N VAL C 90 -36.62 -4.27 -12.97
CA VAL C 90 -35.63 -5.31 -12.75
C VAL C 90 -35.95 -6.04 -11.45
N THR C 91 -36.12 -7.34 -11.51
CA THR C 91 -36.21 -8.11 -10.26
C THR C 91 -34.84 -8.68 -9.90
N LEU C 92 -34.53 -8.62 -8.61
CA LEU C 92 -33.33 -9.26 -8.06
C LEU C 92 -33.68 -10.43 -7.16
N ASP C 93 -34.91 -10.91 -7.23
CA ASP C 93 -35.32 -12.04 -6.42
C ASP C 93 -34.61 -13.31 -6.90
N PRO C 94 -33.88 -14.02 -6.03
CA PRO C 94 -33.11 -15.19 -6.52
C PRO C 94 -33.97 -16.28 -7.15
N ALA C 95 -35.23 -16.45 -6.73
CA ALA C 95 -36.03 -17.48 -7.36
C ALA C 95 -36.46 -17.05 -8.76
N GLU C 96 -36.89 -15.79 -8.91
CA GLU C 96 -37.26 -15.31 -10.23
C GLU C 96 -36.05 -15.24 -11.16
N LEU C 97 -34.88 -14.91 -10.60
CA LEU C 97 -33.66 -14.92 -11.40
C LEU C 97 -33.36 -16.33 -11.92
N TYR C 98 -33.56 -17.33 -11.08
CA TYR C 98 -33.35 -18.71 -11.53
C TYR C 98 -34.22 -19.03 -12.73
N THR C 99 -35.50 -18.69 -12.64
CA THR C 99 -36.40 -18.96 -13.77
C THR C 99 -35.95 -18.22 -15.02
N LYS C 100 -35.54 -16.95 -14.87
N LYS C 100 -35.54 -16.95 -14.89
CA LYS C 100 -35.13 -16.14 -16.01
CA LYS C 100 -35.15 -16.18 -16.06
C LYS C 100 -33.92 -16.74 -16.70
C LYS C 100 -33.91 -16.76 -16.72
N ILE C 101 -32.93 -17.15 -15.92
CA ILE C 101 -31.64 -17.58 -16.46
C ILE C 101 -31.63 -19.07 -16.82
N VAL C 102 -32.21 -19.96 -16.01
CA VAL C 102 -32.13 -21.39 -16.34
C VAL C 102 -33.30 -21.81 -17.21
N THR C 103 -34.53 -21.45 -16.81
CA THR C 103 -35.70 -21.95 -17.52
C THR C 103 -35.92 -21.19 -18.82
N ARG C 104 -35.85 -19.85 -18.77
CA ARG C 104 -36.10 -19.04 -19.95
C ARG C 104 -34.86 -18.83 -20.82
N ARG C 105 -33.68 -19.18 -20.31
CA ARG C 105 -32.42 -18.97 -21.02
C ARG C 105 -32.25 -17.50 -21.41
N ARG C 106 -32.62 -16.61 -20.50
CA ARG C 106 -32.37 -15.19 -20.67
C ARG C 106 -31.25 -14.79 -19.75
N GLY C 107 -30.91 -13.50 -19.76
CA GLY C 107 -29.87 -13.03 -18.87
C GLY C 107 -30.19 -11.69 -18.25
N GLY C 108 -29.15 -10.88 -18.03
CA GLY C 108 -29.35 -9.52 -17.55
C GLY C 108 -28.02 -8.82 -17.41
N ARG C 109 -27.91 -7.88 -16.48
CA ARG C 109 -26.71 -7.10 -16.24
C ARG C 109 -26.00 -7.63 -15.00
N CYS C 110 -25.17 -6.79 -14.35
CA CYS C 110 -24.27 -7.32 -13.32
C CYS C 110 -25.02 -7.85 -12.11
N MET C 111 -26.06 -7.16 -11.65
CA MET C 111 -26.76 -7.58 -10.45
C MET C 111 -27.61 -8.83 -10.70
N GLU C 112 -28.30 -8.91 -11.83
CA GLU C 112 -29.05 -10.13 -12.13
C GLU C 112 -28.12 -11.33 -12.31
N ASN C 113 -27.01 -11.17 -13.03
CA ASN C 113 -26.08 -12.27 -13.21
C ASN C 113 -25.44 -12.69 -11.88
N ASN C 114 -24.93 -11.73 -11.10
CA ASN C 114 -24.15 -12.14 -9.94
C ASN C 114 -24.99 -12.43 -8.71
N ILE C 115 -26.20 -11.88 -8.58
CA ILE C 115 -27.08 -12.38 -7.52
C ILE C 115 -27.42 -13.84 -7.79
N PHE C 116 -27.78 -14.16 -9.04
CA PHE C 116 -28.06 -15.54 -9.38
C PHE C 116 -26.84 -16.41 -9.11
N LEU C 117 -25.65 -15.99 -9.56
CA LEU C 117 -24.49 -16.84 -9.42
C LEU C 117 -24.11 -17.01 -7.95
N GLY C 118 -24.23 -15.95 -7.15
CA GLY C 118 -23.98 -16.09 -5.74
C GLY C 118 -24.91 -17.10 -5.09
N THR C 119 -26.19 -17.07 -5.46
CA THR C 119 -27.14 -18.03 -4.91
C THR C 119 -26.77 -19.45 -5.32
N ALA C 120 -26.37 -19.63 -6.58
CA ALA C 120 -25.98 -20.97 -7.06
C ALA C 120 -24.75 -21.48 -6.31
N LEU C 121 -23.74 -20.62 -6.16
CA LEU C 121 -22.50 -21.02 -5.51
C LEU C 121 -22.72 -21.34 -4.02
N ARG C 122 -23.48 -20.51 -3.31
CA ARG C 122 -23.77 -20.87 -1.93
C ARG C 122 -24.56 -22.18 -1.87
N SER C 123 -25.45 -22.38 -2.83
CA SER C 123 -26.21 -23.63 -2.86
C SER C 123 -25.30 -24.83 -3.12
N LEU C 124 -24.20 -24.61 -3.84
CA LEU C 124 -23.23 -25.68 -4.07
C LEU C 124 -22.32 -25.87 -2.87
N GLY C 125 -22.31 -24.93 -1.93
CA GLY C 125 -21.50 -25.03 -0.73
C GLY C 125 -20.39 -24.01 -0.64
N TYR C 126 -20.28 -23.09 -1.60
CA TYR C 126 -19.22 -22.08 -1.56
C TYR C 126 -19.53 -21.00 -0.52
N GLU C 127 -18.46 -20.42 0.04
CA GLU C 127 -18.59 -19.24 0.89
C GLU C 127 -18.46 -18.00 0.01
N VAL C 128 -19.50 -17.17 -0.03
CA VAL C 128 -19.65 -16.11 -1.02
C VAL C 128 -20.09 -14.83 -0.32
N ARG C 129 -19.34 -13.75 -0.52
CA ARG C 129 -19.74 -12.41 -0.09
C ARG C 129 -20.15 -11.59 -1.31
N ASN C 130 -21.35 -10.98 -1.25
CA ASN C 130 -21.77 -10.01 -2.24
C ASN C 130 -21.06 -8.67 -2.01
N CYS C 131 -20.42 -8.14 -3.06
CA CYS C 131 -19.67 -6.89 -2.93
C CYS C 131 -20.13 -5.89 -3.98
N GLY C 132 -19.65 -4.65 -3.85
CA GLY C 132 -20.09 -3.56 -4.68
C GLY C 132 -18.93 -2.76 -5.21
N GLY C 133 -19.15 -2.14 -6.37
CA GLY C 133 -18.10 -1.39 -7.02
C GLY C 133 -18.62 -0.32 -7.95
N ARG C 134 -17.70 0.36 -8.60
CA ARG C 134 -17.99 1.46 -9.51
C ARG C 134 -17.33 1.22 -10.87
N VAL C 135 -18.11 1.30 -11.95
CA VAL C 135 -17.55 1.14 -13.29
C VAL C 135 -16.78 2.40 -13.66
N SER C 136 -15.61 2.22 -14.28
CA SER C 136 -14.81 3.36 -14.70
C SER C 136 -15.50 4.11 -15.83
N ARG C 137 -15.35 5.44 -15.84
CA ARG C 137 -15.78 6.21 -17.00
C ARG C 137 -14.99 5.87 -18.27
N ALA C 138 -13.87 5.15 -18.15
CA ALA C 138 -13.14 4.68 -19.33
C ALA C 138 -13.97 3.67 -20.14
N MET C 139 -14.97 3.05 -19.52
CA MET C 139 -15.89 2.13 -20.20
C MET C 139 -17.13 2.83 -20.76
N SER C 140 -17.25 4.14 -20.59
CA SER C 140 -18.45 4.83 -21.00
C SER C 140 -18.63 4.74 -22.52
N PRO C 141 -19.84 4.48 -23.01
CA PRO C 141 -20.10 4.60 -24.45
C PRO C 141 -20.23 6.02 -24.93
N TYR C 142 -20.22 7.00 -24.03
CA TYR C 142 -20.28 8.39 -24.44
C TYR C 142 -18.87 8.86 -24.73
N PRO C 143 -18.56 9.33 -25.94
CA PRO C 143 -17.14 9.58 -26.29
C PRO C 143 -16.50 10.70 -25.49
N GLU C 144 -17.22 11.79 -25.21
CA GLU C 144 -16.59 12.88 -24.46
C GLU C 144 -16.34 12.49 -23.00
N VAL C 145 -17.18 11.61 -22.43
CA VAL C 145 -16.93 11.14 -21.08
C VAL C 145 -15.66 10.30 -21.03
N ARG C 146 -15.48 9.41 -22.01
CA ARG C 146 -14.24 8.64 -22.10
C ARG C 146 -13.02 9.54 -22.22
N LYS C 147 -13.13 10.60 -23.04
N LYS C 147 -13.12 10.59 -23.04
CA LYS C 147 -11.96 11.42 -23.31
CA LYS C 147 -11.96 11.42 -23.31
C LYS C 147 -11.56 12.27 -22.12
C LYS C 147 -11.56 12.23 -22.09
N ASN C 148 -12.54 12.84 -21.42
CA ASN C 148 -12.25 13.84 -20.40
C ASN C 148 -12.33 13.31 -18.98
N GLN C 149 -12.92 12.13 -18.76
CA GLN C 149 -13.21 11.71 -17.40
C GLN C 149 -12.73 10.29 -17.14
N SER C 150 -11.74 9.80 -17.89
N SER C 150 -11.73 9.82 -17.89
CA SER C 150 -11.41 8.39 -17.80
CA SER C 150 -11.35 8.41 -17.84
C SER C 150 -10.79 8.00 -16.46
C SER C 150 -10.79 8.01 -16.48
N ALA C 151 -10.32 8.96 -15.67
CA ALA C 151 -9.82 8.65 -14.33
C ALA C 151 -10.92 8.61 -13.28
N THR C 152 -12.15 8.93 -13.63
CA THR C 152 -13.25 8.92 -12.67
C THR C 152 -14.06 7.63 -12.79
N TYR C 153 -14.94 7.43 -11.81
CA TYR C 153 -15.79 6.26 -11.73
C TYR C 153 -17.25 6.69 -11.54
N ASP C 154 -18.16 5.84 -12.00
CA ASP C 154 -19.58 6.04 -11.74
C ASP C 154 -19.85 5.94 -10.24
N GLY C 155 -21.01 6.47 -9.83
CA GLY C 155 -21.53 6.09 -8.53
C GLY C 155 -21.84 4.61 -8.48
N TRP C 156 -21.78 4.02 -7.29
CA TRP C 156 -21.98 2.58 -7.08
C TRP C 156 -22.97 1.98 -8.07
N ASN C 157 -22.47 1.13 -8.99
CA ASN C 157 -23.33 0.59 -10.03
C ASN C 157 -22.85 -0.79 -10.48
N HIS C 158 -21.93 -1.44 -9.76
CA HIS C 158 -21.47 -2.75 -10.18
C HIS C 158 -21.48 -3.72 -9.01
N MET C 159 -21.72 -4.97 -9.33
CA MET C 159 -21.74 -6.06 -8.37
C MET C 159 -20.69 -7.08 -8.76
N LEU C 160 -19.91 -7.55 -7.78
CA LEU C 160 -19.12 -8.75 -7.97
C LEU C 160 -19.18 -9.58 -6.70
N LEU C 161 -18.67 -10.80 -6.79
CA LEU C 161 -18.60 -11.72 -5.67
C LEU C 161 -17.16 -11.89 -5.22
N LEU C 162 -16.99 -12.09 -3.91
CA LEU C 162 -15.78 -12.65 -3.32
C LEU C 162 -16.11 -14.06 -2.84
N VAL C 163 -15.30 -15.03 -3.25
CA VAL C 163 -15.49 -16.43 -2.92
C VAL C 163 -14.26 -16.90 -2.16
N PHE C 164 -14.48 -17.53 -1.00
CA PHE C 164 -13.38 -17.90 -0.13
C PHE C 164 -13.00 -19.36 -0.37
N LEU C 165 -11.76 -19.58 -0.83
CA LEU C 165 -11.29 -20.91 -1.20
C LEU C 165 -10.03 -21.23 -0.42
N GLY C 166 -10.08 -22.25 0.41
CA GLY C 166 -8.95 -22.59 1.24
C GLY C 166 -8.64 -21.48 2.22
N ASP C 167 -7.66 -20.64 1.88
CA ASP C 167 -7.22 -19.58 2.77
C ASP C 167 -7.23 -18.20 2.13
N GLU C 168 -7.89 -18.04 0.98
CA GLU C 168 -7.78 -16.82 0.18
C GLU C 168 -9.11 -16.50 -0.48
N TRP C 169 -9.37 -15.21 -0.63
CA TRP C 169 -10.54 -14.74 -1.35
C TRP C 169 -10.22 -14.62 -2.84
N TYR C 170 -11.24 -14.87 -3.66
CA TYR C 170 -11.19 -14.76 -5.11
C TYR C 170 -12.32 -13.85 -5.56
N GLY C 171 -12.02 -12.92 -6.46
CA GLY C 171 -13.05 -12.14 -7.09
C GLY C 171 -13.72 -12.96 -8.18
N VAL C 172 -15.04 -12.88 -8.22
CA VAL C 172 -15.81 -13.64 -9.20
C VAL C 172 -16.85 -12.70 -9.77
N ASP C 173 -16.94 -12.67 -11.09
CA ASP C 173 -17.81 -11.70 -11.76
C ASP C 173 -18.26 -12.32 -13.06
N VAL C 174 -19.54 -12.65 -13.20
CA VAL C 174 -20.02 -13.11 -14.51
C VAL C 174 -21.04 -12.13 -15.07
N GLY C 175 -20.94 -10.86 -14.69
CA GLY C 175 -21.99 -9.96 -15.11
C GLY C 175 -21.49 -8.66 -15.68
N MET C 176 -20.52 -8.71 -16.60
CA MET C 176 -20.07 -7.47 -17.21
C MET C 176 -19.70 -7.68 -18.67
N GLY C 177 -20.27 -8.71 -19.31
CA GLY C 177 -19.97 -8.95 -20.71
C GLY C 177 -18.48 -9.03 -20.96
N SER C 178 -18.05 -8.45 -22.07
CA SER C 178 -16.65 -8.54 -22.47
C SER C 178 -15.74 -7.61 -21.68
N MET C 179 -16.28 -6.64 -20.93
CA MET C 179 -15.42 -5.82 -20.09
C MET C 179 -14.94 -6.52 -18.84
N GLY C 180 -15.64 -7.56 -18.39
CA GLY C 180 -15.33 -8.21 -17.15
C GLY C 180 -14.04 -9.00 -17.18
N PRO C 181 -13.52 -9.32 -16.00
CA PRO C 181 -12.29 -10.10 -15.92
C PRO C 181 -12.44 -11.51 -16.50
N ASN C 182 -13.64 -12.08 -16.44
CA ASN C 182 -13.94 -13.32 -17.16
C ASN C 182 -13.03 -14.48 -16.73
N LEU C 183 -12.65 -14.48 -15.45
CA LEU C 183 -11.80 -15.45 -14.79
C LEU C 183 -12.01 -15.19 -13.32
N PRO C 184 -12.06 -16.20 -12.46
CA PRO C 184 -11.94 -15.95 -11.02
C PRO C 184 -10.53 -15.46 -10.73
N PHE C 185 -10.40 -14.34 -10.02
CA PHE C 185 -9.06 -13.82 -9.77
C PHE C 185 -8.77 -13.81 -8.27
N PRO C 186 -7.54 -14.19 -7.87
CA PRO C 186 -7.20 -14.08 -6.45
C PRO C 186 -7.20 -12.62 -6.04
N LEU C 187 -7.73 -12.35 -4.85
CA LEU C 187 -7.83 -10.98 -4.38
C LEU C 187 -6.46 -10.62 -3.83
N GLN C 188 -5.56 -10.30 -4.76
CA GLN C 188 -4.13 -10.13 -4.50
C GLN C 188 -3.68 -8.83 -5.14
N ASP C 189 -3.14 -7.92 -4.35
CA ASP C 189 -2.58 -6.69 -4.88
C ASP C 189 -1.49 -7.01 -5.90
N GLY C 190 -1.71 -6.63 -7.16
CA GLY C 190 -0.73 -6.86 -8.20
C GLY C 190 -0.95 -8.12 -9.02
N PHE C 191 -2.03 -8.86 -8.82
CA PHE C 191 -2.27 -10.03 -9.63
C PHE C 191 -2.44 -9.61 -11.09
N GLU C 192 -1.82 -10.35 -11.99
CA GLU C 192 -1.95 -10.12 -13.43
C GLU C 192 -2.14 -11.46 -14.13
N SER C 193 -2.95 -11.46 -15.18
CA SER C 193 -3.13 -12.66 -15.96
C SER C 193 -3.57 -12.31 -17.38
N LEU C 194 -3.18 -13.15 -18.33
CA LEU C 194 -3.83 -13.14 -19.62
C LEU C 194 -5.30 -13.51 -19.41
N SER C 195 -6.20 -12.80 -20.09
CA SER C 195 -7.63 -13.12 -20.05
C SER C 195 -8.30 -12.61 -21.31
N ILE C 196 -8.62 -13.53 -22.23
CA ILE C 196 -9.13 -13.26 -23.58
C ILE C 196 -7.98 -12.67 -24.39
N ALA C 197 -7.10 -13.52 -24.89
CA ALA C 197 -5.87 -13.07 -25.53
C ALA C 197 -6.20 -12.07 -26.64
N PRO C 198 -5.40 -11.00 -26.81
CA PRO C 198 -4.14 -10.68 -26.11
C PRO C 198 -4.34 -9.92 -24.81
N ARG C 199 -5.61 -9.66 -24.44
CA ARG C 199 -5.90 -8.83 -23.27
C ARG C 199 -5.29 -9.43 -22.01
N GLU C 200 -4.76 -8.55 -21.15
CA GLU C 200 -4.37 -8.89 -19.79
C GLU C 200 -5.28 -8.16 -18.81
N ILE C 201 -5.43 -8.74 -17.63
CA ILE C 201 -6.17 -8.10 -16.54
C ILE C 201 -5.22 -7.93 -15.37
N ARG C 202 -5.51 -6.94 -14.53
CA ARG C 202 -4.67 -6.65 -13.38
C ARG C 202 -5.56 -6.21 -12.24
N ILE C 203 -5.18 -6.61 -11.02
N ILE C 203 -5.26 -6.62 -11.02
CA ILE C 203 -5.81 -6.19 -9.77
CA ILE C 203 -5.93 -6.04 -9.87
C ILE C 203 -4.78 -5.43 -8.96
C ILE C 203 -4.87 -5.44 -8.95
N GLN C 204 -5.13 -4.21 -8.52
CA GLN C 204 -4.23 -3.44 -7.66
C GLN C 204 -5.03 -2.80 -6.53
N LYS C 205 -4.42 -2.71 -5.35
CA LYS C 205 -4.97 -1.97 -4.23
C LYS C 205 -4.34 -0.58 -4.24
N ARG C 206 -5.13 0.46 -4.51
CA ARG C 206 -4.55 1.78 -4.66
C ARG C 206 -5.61 2.85 -4.43
N SER C 207 -5.17 4.08 -4.18
CA SER C 207 -6.10 5.19 -4.13
C SER C 207 -6.58 5.52 -5.54
N ILE C 208 -7.82 5.96 -5.64
CA ILE C 208 -8.33 6.40 -6.92
C ILE C 208 -8.10 7.90 -7.04
N SER C 209 -8.18 8.41 -8.26
N SER C 209 -8.20 8.38 -8.28
CA SER C 209 -7.84 9.81 -8.50
CA SER C 209 -7.91 9.78 -8.59
C SER C 209 -8.80 10.77 -7.79
C SER C 209 -8.80 10.74 -7.81
N GLU C 210 -10.07 10.39 -7.65
CA GLU C 210 -11.06 11.25 -7.03
C GLU C 210 -11.01 11.07 -5.52
N THR C 211 -10.57 12.11 -4.80
CA THR C 211 -10.49 12.07 -3.35
C THR C 211 -10.40 13.49 -2.79
N HIS C 212 -10.98 13.67 -1.62
CA HIS C 212 -10.79 14.89 -0.85
C HIS C 212 -9.57 14.85 0.06
N ALA C 213 -8.90 13.71 0.15
CA ALA C 213 -7.72 13.59 0.99
C ALA C 213 -6.65 14.57 0.52
N THR C 214 -6.10 15.34 1.46
CA THR C 214 -5.10 16.33 1.12
C THR C 214 -3.69 15.75 1.06
N GLY C 215 -3.53 14.50 1.47
CA GLY C 215 -2.24 13.85 1.47
C GLY C 215 -2.36 12.37 1.76
N PRO C 216 -1.24 11.64 1.62
CA PRO C 216 -1.29 10.18 1.82
C PRO C 216 -1.69 9.77 3.21
N SER C 217 -1.45 10.61 4.22
CA SER C 217 -1.81 10.27 5.59
C SER C 217 -3.31 10.05 5.77
N HIS C 218 -4.13 10.56 4.86
CA HIS C 218 -5.58 10.51 5.00
C HIS C 218 -6.24 9.81 3.83
N ALA C 219 -5.46 9.26 2.91
CA ALA C 219 -5.99 8.61 1.73
C ALA C 219 -6.56 7.24 2.07
N THR C 220 -7.53 6.82 1.27
CA THR C 220 -8.04 5.45 1.30
C THR C 220 -7.63 4.76 0.00
N LYS C 221 -7.67 3.44 0.02
CA LYS C 221 -7.35 2.64 -1.14
C LYS C 221 -8.54 1.76 -1.46
N MET C 222 -8.70 1.46 -2.74
N MET C 222 -8.74 1.52 -2.76
CA MET C 222 -9.70 0.51 -3.18
CA MET C 222 -9.74 0.60 -3.29
C MET C 222 -9.03 -0.56 -4.01
C MET C 222 -9.03 -0.55 -4.02
N TRP C 223 -9.76 -1.66 -4.22
CA TRP C 223 -9.33 -2.66 -5.19
C TRP C 223 -9.67 -2.14 -6.57
N CYS C 224 -8.69 -2.06 -7.45
CA CYS C 224 -8.91 -1.57 -8.80
C CYS C 224 -8.64 -2.67 -9.80
N TYR C 225 -9.58 -2.89 -10.70
CA TYR C 225 -9.48 -3.88 -11.76
C TYR C 225 -9.24 -3.12 -13.08
N ASP C 226 -8.07 -3.34 -13.68
CA ASP C 226 -7.70 -2.70 -14.94
C ASP C 226 -7.41 -3.78 -15.99
N VAL C 227 -7.44 -3.38 -17.28
CA VAL C 227 -7.10 -4.28 -18.37
C VAL C 227 -6.02 -3.62 -19.21
N CYS C 228 -5.25 -4.46 -19.89
CA CYS C 228 -4.32 -4.01 -20.93
C CYS C 228 -4.71 -4.71 -22.22
N TYR C 229 -5.32 -3.96 -23.14
CA TYR C 229 -5.81 -4.55 -24.37
C TYR C 229 -4.69 -5.07 -25.25
N ASN C 230 -3.55 -4.40 -25.28
N ASN C 230 -3.54 -4.39 -25.26
CA ASN C 230 -2.44 -4.77 -26.16
CA ASN C 230 -2.43 -4.70 -26.15
C ASN C 230 -1.13 -4.74 -25.40
C ASN C 230 -1.14 -4.70 -25.34
N PRO C 231 -0.83 -5.80 -24.65
CA PRO C 231 0.41 -5.83 -23.86
C PRO C 231 1.67 -5.87 -24.70
N ALA C 232 1.57 -6.04 -26.03
CA ALA C 232 2.74 -6.05 -26.89
C ALA C 232 3.27 -4.66 -27.19
N GLU C 233 2.48 -3.62 -26.91
CA GLU C 233 2.98 -2.26 -27.06
C GLU C 233 4.22 -2.06 -26.20
N SER C 234 5.12 -1.19 -26.69
CA SER C 234 6.39 -0.98 -25.99
C SER C 234 6.17 -0.50 -24.56
N LYS C 235 5.20 0.38 -24.34
CA LYS C 235 4.82 0.87 -23.02
C LYS C 235 3.38 0.42 -22.76
N LYS C 236 3.20 -0.49 -21.82
CA LYS C 236 1.85 -1.01 -21.53
C LYS C 236 0.95 0.11 -21.05
N THR C 237 -0.23 0.19 -21.65
CA THR C 237 -1.28 1.10 -21.19
C THR C 237 -2.34 0.28 -20.45
N TRP C 238 -2.63 0.67 -19.23
CA TRP C 238 -3.66 0.00 -18.44
C TRP C 238 -4.92 0.85 -18.43
N THR C 239 -6.04 0.26 -18.81
CA THR C 239 -7.31 0.97 -18.87
C THR C 239 -8.14 0.59 -17.66
N PRO C 240 -8.60 1.53 -16.83
CA PRO C 240 -9.40 1.16 -15.66
C PRO C 240 -10.77 0.65 -16.08
N VAL C 241 -11.26 -0.36 -15.36
CA VAL C 241 -12.56 -0.96 -15.67
C VAL C 241 -13.54 -0.80 -14.50
N TYR C 242 -13.16 -1.24 -13.32
CA TYR C 242 -13.99 -0.89 -12.17
C TYR C 242 -13.15 -0.98 -10.90
N CYS C 243 -13.67 -0.36 -9.84
CA CYS C 243 -13.06 -0.42 -8.53
C CYS C 243 -14.11 -0.89 -7.54
N PHE C 244 -13.67 -1.47 -6.42
CA PHE C 244 -14.61 -2.06 -5.47
C PHE C 244 -13.96 -2.14 -4.09
N THR C 245 -14.80 -2.38 -3.09
N THR C 245 -14.78 -2.41 -3.09
CA THR C 245 -14.35 -2.62 -1.72
CA THR C 245 -14.28 -2.68 -1.75
C THR C 245 -14.74 -4.04 -1.32
C THR C 245 -14.74 -4.07 -1.32
N GLU C 246 -14.35 -4.44 -0.11
CA GLU C 246 -14.71 -5.73 0.46
C GLU C 246 -15.99 -5.67 1.29
N THR C 247 -16.56 -4.48 1.46
CA THR C 247 -17.80 -4.31 2.20
C THR C 247 -18.88 -5.23 1.66
N GLU C 248 -19.61 -5.90 2.56
CA GLU C 248 -20.72 -6.73 2.11
C GLU C 248 -21.88 -5.84 1.69
N PHE C 249 -22.30 -5.99 0.44
CA PHE C 249 -23.47 -5.25 -0.05
C PHE C 249 -24.72 -6.10 0.15
N LEU C 250 -25.85 -5.42 0.33
CA LEU C 250 -27.11 -6.05 0.65
C LEU C 250 -28.05 -6.03 -0.54
N PRO C 251 -29.07 -6.92 -0.57
CA PRO C 251 -30.04 -6.84 -1.68
C PRO C 251 -30.60 -5.45 -1.87
N GLN C 252 -30.89 -4.72 -0.79
CA GLN C 252 -31.47 -3.39 -0.95
C GLN C 252 -30.45 -2.35 -1.43
N ASP C 253 -29.14 -2.54 -1.18
CA ASP C 253 -28.12 -1.69 -1.83
C ASP C 253 -28.18 -1.86 -3.34
N TYR C 254 -28.19 -3.11 -3.81
CA TYR C 254 -28.29 -3.36 -5.25
C TYR C 254 -29.56 -2.77 -5.82
N GLU C 255 -30.64 -2.79 -5.02
CA GLU C 255 -31.88 -2.20 -5.46
C GLU C 255 -31.71 -0.71 -5.73
N VAL C 256 -30.99 -0.02 -4.85
CA VAL C 256 -30.70 1.41 -5.06
C VAL C 256 -29.86 1.60 -6.32
N MET C 257 -28.76 0.83 -6.42
CA MET C 257 -27.84 0.96 -7.55
C MET C 257 -28.55 0.68 -8.87
N SER C 258 -29.34 -0.40 -8.91
CA SER C 258 -30.05 -0.79 -10.12
C SER C 258 -31.13 0.21 -10.49
N TRP C 259 -31.81 0.80 -9.50
CA TRP C 259 -32.79 1.85 -9.80
C TRP C 259 -32.16 3.00 -10.59
N PHE C 260 -30.96 3.42 -10.19
CA PHE C 260 -30.30 4.49 -10.93
C PHE C 260 -29.97 4.04 -12.35
N THR C 261 -29.27 2.90 -12.50
CA THR C 261 -28.88 2.49 -13.86
C THR C 261 -30.08 2.12 -14.71
N SER C 262 -31.24 1.84 -14.10
CA SER C 262 -32.42 1.44 -14.85
C SER C 262 -33.43 2.55 -15.07
N THR C 263 -33.37 3.65 -14.32
CA THR C 263 -34.32 4.75 -14.48
C THR C 263 -33.70 6.12 -14.66
N ASN C 264 -32.43 6.31 -14.31
CA ASN C 264 -31.91 7.66 -14.54
C ASN C 264 -31.60 7.85 -16.02
N PRO C 265 -32.10 8.91 -16.66
CA PRO C 265 -31.96 9.04 -18.12
C PRO C 265 -30.53 9.17 -18.61
N ARG C 266 -29.56 9.40 -17.73
CA ARG C 266 -28.19 9.47 -18.18
C ARG C 266 -27.50 8.12 -18.17
N SER C 267 -28.19 7.08 -17.69
CA SER C 267 -27.71 5.71 -17.82
C SER C 267 -27.90 5.26 -19.26
N PHE C 268 -26.83 4.80 -19.91
CA PHE C 268 -26.96 4.40 -21.30
C PHE C 268 -27.85 3.18 -21.45
N PHE C 269 -27.98 2.38 -20.40
CA PHE C 269 -28.83 1.19 -20.42
C PHE C 269 -30.30 1.52 -20.63
N THR C 270 -30.73 2.71 -20.19
CA THR C 270 -32.10 3.12 -20.49
C THR C 270 -32.28 3.56 -21.92
N ARG C 271 -31.19 3.83 -22.64
CA ARG C 271 -31.25 4.44 -23.97
C ARG C 271 -31.07 3.46 -25.11
N TYR C 272 -30.24 2.44 -24.94
CA TYR C 272 -29.84 1.58 -26.05
C TYR C 272 -29.92 0.12 -25.66
N ILE C 273 -30.23 -0.71 -26.65
CA ILE C 273 -30.34 -2.15 -26.50
C ILE C 273 -28.95 -2.78 -26.61
N THR C 274 -28.61 -3.66 -25.68
CA THR C 274 -27.32 -4.32 -25.78
C THR C 274 -27.40 -5.77 -25.29
N CYS C 275 -26.63 -6.65 -25.93
CA CYS C 275 -26.64 -8.07 -25.60
C CYS C 275 -25.32 -8.72 -26.00
N THR C 276 -24.68 -9.40 -25.05
CA THR C 276 -23.34 -9.97 -25.23
C THR C 276 -23.28 -11.39 -24.72
N LYS C 277 -22.67 -12.27 -25.52
CA LYS C 277 -22.18 -13.55 -25.04
C LYS C 277 -20.71 -13.67 -25.39
N MET C 278 -19.93 -14.20 -24.46
CA MET C 278 -18.53 -14.46 -24.73
C MET C 278 -18.39 -15.69 -25.63
N ILE C 279 -17.23 -15.83 -26.26
CA ILE C 279 -16.95 -16.92 -27.21
C ILE C 279 -15.83 -17.77 -26.63
N MET C 280 -16.06 -19.08 -26.57
CA MET C 280 -15.12 -20.00 -25.95
C MET C 280 -14.38 -20.83 -26.99
N ASP C 281 -13.13 -21.13 -26.69
CA ASP C 281 -12.44 -22.30 -27.26
C ASP C 281 -12.53 -23.37 -26.19
N GLU C 282 -13.49 -24.28 -26.35
CA GLU C 282 -13.80 -25.20 -25.25
C GLU C 282 -12.63 -26.11 -24.94
N ASP C 283 -11.96 -26.65 -25.97
CA ASP C 283 -10.90 -27.60 -25.72
C ASP C 283 -9.71 -26.94 -25.04
N LYS C 284 -9.41 -25.69 -25.42
CA LYS C 284 -8.36 -24.94 -24.74
C LYS C 284 -8.81 -24.31 -23.43
N GLU C 285 -10.12 -24.36 -23.13
CA GLU C 285 -10.66 -23.91 -21.84
C GLU C 285 -10.34 -22.44 -21.58
N VAL C 286 -10.49 -21.62 -22.61
CA VAL C 286 -10.26 -20.19 -22.53
C VAL C 286 -11.34 -19.50 -23.34
N ILE C 287 -11.64 -18.25 -22.96
CA ILE C 287 -12.49 -17.38 -23.76
C ILE C 287 -11.61 -16.65 -24.75
N ILE C 288 -12.07 -16.53 -25.99
CA ILE C 288 -11.28 -15.97 -27.07
C ILE C 288 -11.89 -14.73 -27.69
N GLY C 289 -13.13 -14.39 -27.37
CA GLY C 289 -13.74 -13.20 -27.92
C GLY C 289 -15.14 -13.02 -27.39
N ASN C 290 -15.94 -12.24 -28.12
CA ASN C 290 -17.32 -11.98 -27.70
C ASN C 290 -18.18 -11.68 -28.93
N LEU C 291 -19.46 -11.98 -28.82
CA LEU C 291 -20.47 -11.49 -29.75
C LEU C 291 -21.28 -10.41 -29.05
N THR C 292 -21.43 -9.25 -29.68
CA THR C 292 -22.13 -8.16 -28.99
C THR C 292 -23.09 -7.48 -29.93
N LEU C 293 -24.34 -7.36 -29.50
CA LEU C 293 -25.32 -6.50 -30.16
C LEU C 293 -25.31 -5.17 -29.42
N PHE C 294 -25.11 -4.09 -30.15
CA PHE C 294 -25.23 -2.74 -29.60
C PHE C 294 -26.10 -1.96 -30.56
N LYS C 295 -27.26 -1.49 -30.06
CA LYS C 295 -28.24 -0.80 -30.88
C LYS C 295 -28.75 -1.74 -31.97
N ASP C 296 -28.23 -1.62 -33.20
CA ASP C 296 -28.75 -2.40 -34.31
C ASP C 296 -27.73 -3.35 -34.92
N THR C 297 -26.53 -3.44 -34.36
CA THR C 297 -25.43 -4.09 -35.06
C THR C 297 -24.82 -5.15 -34.16
N VAL C 298 -24.61 -6.34 -34.72
CA VAL C 298 -23.93 -7.42 -34.03
C VAL C 298 -22.50 -7.48 -34.54
N ARG C 299 -21.55 -7.52 -33.62
CA ARG C 299 -20.15 -7.63 -34.01
C ARG C 299 -19.52 -8.79 -33.26
N GLU C 300 -18.65 -9.50 -33.97
CA GLU C 300 -17.85 -10.57 -33.41
C GLU C 300 -16.42 -10.08 -33.26
N THR C 301 -15.92 -10.14 -32.04
CA THR C 301 -14.52 -9.83 -31.74
C THR C 301 -13.84 -11.11 -31.33
N ILE C 302 -12.69 -11.39 -31.97
N ILE C 302 -12.71 -11.41 -31.97
CA ILE C 302 -11.84 -12.53 -31.62
CA ILE C 302 -11.86 -12.53 -31.59
C ILE C 302 -10.46 -11.96 -31.39
C ILE C 302 -10.46 -11.97 -31.39
N GLY C 303 -10.03 -11.91 -30.14
CA GLY C 303 -8.76 -11.27 -29.85
C GLY C 303 -8.91 -9.79 -30.15
N SER C 304 -7.98 -9.28 -30.97
N SER C 304 -7.98 -9.26 -30.97
CA SER C 304 -7.96 -7.87 -31.33
CA SER C 304 -7.99 -7.86 -31.33
C SER C 304 -8.70 -7.58 -32.63
C SER C 304 -8.69 -7.58 -32.65
N ASP C 305 -9.23 -8.60 -33.30
CA ASP C 305 -9.91 -8.43 -34.58
C ASP C 305 -11.41 -8.41 -34.37
N ARG C 306 -12.07 -7.43 -34.98
CA ARG C 306 -13.50 -7.21 -34.83
C ARG C 306 -14.11 -7.12 -36.22
N LYS C 307 -15.27 -7.76 -36.39
CA LYS C 307 -15.98 -7.68 -37.66
C LYS C 307 -17.47 -7.59 -37.41
N VAL C 308 -18.18 -6.94 -38.32
CA VAL C 308 -19.62 -6.84 -38.25
C VAL C 308 -20.25 -8.14 -38.73
N VAL C 309 -21.09 -8.72 -37.88
CA VAL C 309 -21.86 -9.91 -38.25
C VAL C 309 -23.17 -9.53 -38.91
N LYS C 310 -23.89 -8.55 -38.35
CA LYS C 310 -25.18 -8.14 -38.88
C LYS C 310 -25.49 -6.73 -38.44
N LYS C 311 -25.98 -5.91 -39.37
CA LYS C 311 -26.62 -4.64 -39.06
C LYS C 311 -28.09 -4.83 -39.37
N PHE C 312 -28.92 -4.88 -38.32
CA PHE C 312 -30.32 -5.21 -38.49
C PHE C 312 -31.07 -4.05 -39.13
N GLU C 313 -31.89 -4.38 -40.13
CA GLU C 313 -32.67 -3.38 -40.87
C GLU C 313 -34.04 -3.14 -40.26
N THR C 314 -34.65 -4.18 -39.68
CA THR C 314 -36.03 -4.10 -39.21
C THR C 314 -36.12 -4.73 -37.83
N GLU C 315 -37.24 -4.43 -37.15
CA GLU C 315 -37.55 -5.10 -35.89
C GLU C 315 -37.55 -6.62 -36.07
N GLU C 316 -38.19 -7.10 -37.14
CA GLU C 316 -38.24 -8.54 -37.37
C GLU C 316 -36.85 -9.14 -37.48
N GLU C 317 -35.94 -8.45 -38.19
CA GLU C 317 -34.58 -8.94 -38.32
C GLU C 317 -33.88 -8.99 -36.97
N ARG C 318 -34.01 -7.93 -36.16
CA ARG C 318 -33.36 -7.92 -34.86
C ARG C 318 -33.92 -9.01 -33.96
N ILE C 319 -35.23 -9.24 -34.01
CA ILE C 319 -35.84 -10.25 -33.15
C ILE C 319 -35.36 -11.64 -33.55
N LYS C 320 -35.41 -11.95 -34.86
CA LYS C 320 -34.87 -13.22 -35.33
C LYS C 320 -33.38 -13.34 -35.02
N GLY C 321 -32.64 -12.24 -35.11
CA GLY C 321 -31.22 -12.27 -34.77
C GLY C 321 -30.96 -12.58 -33.32
N LEU C 322 -31.80 -12.08 -32.42
CA LEU C 322 -31.66 -12.41 -31.00
C LEU C 322 -31.87 -13.90 -30.77
N VAL C 323 -32.84 -14.50 -31.43
CA VAL C 323 -33.04 -15.95 -31.33
C VAL C 323 -31.84 -16.68 -31.90
N GLU C 324 -31.51 -16.43 -33.17
CA GLU C 324 -30.56 -17.29 -33.86
C GLU C 324 -29.13 -17.09 -33.35
N ILE C 325 -28.76 -15.85 -33.01
CA ILE C 325 -27.38 -15.58 -32.61
C ILE C 325 -27.19 -15.71 -31.10
N PHE C 326 -28.16 -15.26 -30.32
CA PHE C 326 -27.99 -15.20 -28.87
C PHE C 326 -28.89 -16.15 -28.09
N ASP C 327 -29.77 -16.89 -28.76
CA ASP C 327 -30.73 -17.74 -28.06
C ASP C 327 -31.47 -16.92 -27.01
N VAL C 328 -31.80 -15.69 -27.39
CA VAL C 328 -32.64 -14.80 -26.59
C VAL C 328 -34.03 -14.79 -27.21
N ASN C 329 -34.97 -15.36 -26.48
CA ASN C 329 -36.33 -15.60 -26.96
C ASN C 329 -37.26 -14.66 -26.22
N LEU C 330 -38.11 -13.95 -26.97
CA LEU C 330 -39.02 -12.98 -26.39
C LEU C 330 -40.46 -13.47 -26.52
N THR C 331 -41.25 -13.25 -25.49
CA THR C 331 -42.69 -13.47 -25.62
C THR C 331 -43.29 -12.43 -26.58
N GLU C 332 -44.53 -12.70 -27.00
CA GLU C 332 -45.24 -11.74 -27.83
C GLU C 332 -45.37 -10.39 -27.13
N GLU C 333 -45.67 -10.40 -25.83
N GLU C 333 -45.66 -10.41 -25.83
CA GLU C 333 -45.83 -9.11 -25.14
CA GLU C 333 -45.82 -9.17 -25.07
C GLU C 333 -44.51 -8.37 -25.07
C GLU C 333 -44.53 -8.38 -25.02
N GLU C 334 -43.39 -9.08 -24.91
CA GLU C 334 -42.10 -8.40 -24.82
C GLU C 334 -41.72 -7.76 -26.14
N LYS C 335 -41.99 -8.44 -27.27
CA LYS C 335 -41.68 -7.85 -28.57
C LYS C 335 -42.46 -6.56 -28.80
N ASN C 336 -43.74 -6.56 -28.44
CA ASN C 336 -44.62 -5.44 -28.72
C ASN C 336 -44.52 -4.35 -27.67
N SER C 337 -43.68 -4.52 -26.65
CA SER C 337 -43.52 -3.51 -25.62
C SER C 337 -42.39 -2.55 -25.91
N LEU C 338 -41.62 -2.78 -26.96
CA LEU C 338 -40.54 -1.85 -27.31
C LEU C 338 -41.14 -0.51 -27.71
N PRO C 339 -40.77 0.60 -27.07
CA PRO C 339 -41.30 1.91 -27.47
C PRO C 339 -41.05 2.16 -28.95
N GLN C 340 -41.99 2.87 -29.59
CA GLN C 340 -41.93 3.08 -31.02
C GLN C 340 -40.64 3.75 -31.45
N GLU C 341 -40.15 4.72 -30.68
CA GLU C 341 -38.96 5.48 -31.05
C GLU C 341 -37.68 4.66 -30.99
N LYS C 342 -37.74 3.42 -30.48
CA LYS C 342 -36.59 2.55 -30.44
C LYS C 342 -36.66 1.42 -31.46
N ARG C 343 -37.71 1.39 -32.29
CA ARG C 343 -37.87 0.31 -33.24
C ARG C 343 -37.05 0.56 -34.49
N LEU C 344 -36.73 -0.54 -35.19
CA LEU C 344 -36.11 -0.45 -36.51
C LEU C 344 -37.18 -0.60 -37.58
N GLU D 5 41.67 7.28 20.05
CA GLU D 5 40.89 8.51 20.17
C GLU D 5 39.59 8.39 19.38
N ASP D 6 38.57 9.12 19.79
CA ASP D 6 37.32 9.10 19.05
C ASP D 6 37.52 9.73 17.66
N PRO D 7 36.84 9.20 16.64
CA PRO D 7 36.86 9.85 15.34
C PRO D 7 36.33 11.27 15.42
N THR D 8 36.92 12.15 14.63
CA THR D 8 36.39 13.50 14.47
C THR D 8 35.70 13.68 13.13
N ALA D 9 35.83 12.73 12.21
CA ALA D 9 35.14 12.78 10.94
C ALA D 9 34.95 11.35 10.45
N LEU D 10 33.77 11.05 9.93
CA LEU D 10 33.49 9.74 9.37
C LEU D 10 33.45 9.86 7.86
N THR D 11 33.43 8.71 7.18
CA THR D 11 33.38 8.71 5.71
C THR D 11 32.06 9.28 5.24
N GLN D 12 32.11 10.14 4.23
CA GLN D 12 30.89 10.71 3.70
C GLN D 12 31.08 10.95 2.20
N LEU D 13 29.98 11.23 1.54
CA LEU D 13 30.01 11.79 0.19
C LEU D 13 30.28 13.28 0.29
N PRO D 14 31.39 13.79 -0.25
CA PRO D 14 31.66 15.24 -0.17
C PRO D 14 30.61 16.05 -0.90
N ASP D 15 30.37 17.27 -0.42
CA ASP D 15 29.56 18.21 -1.17
C ASP D 15 30.13 18.37 -2.59
N GLU D 16 29.24 18.73 -3.52
CA GLU D 16 29.60 18.73 -4.94
C GLU D 16 30.86 19.56 -5.22
N SER D 17 31.02 20.68 -4.52
CA SER D 17 32.19 21.53 -4.77
C SER D 17 33.47 20.94 -4.20
N ALA D 18 33.40 19.92 -3.35
CA ALA D 18 34.58 19.30 -2.77
C ALA D 18 34.93 17.96 -3.41
N ARG D 19 34.18 17.50 -4.40
CA ARG D 19 34.36 16.15 -4.91
C ARG D 19 35.57 16.06 -5.84
N VAL D 20 36.25 14.91 -5.79
CA VAL D 20 37.38 14.68 -6.68
C VAL D 20 36.91 14.67 -8.12
N ARG D 21 37.56 15.47 -8.96
CA ARG D 21 37.34 15.48 -10.39
C ARG D 21 38.67 15.22 -11.08
N TYR D 22 38.68 14.28 -12.02
CA TYR D 22 39.91 14.00 -12.76
C TYR D 22 40.02 15.00 -13.91
N THR D 23 41.18 15.64 -14.03
CA THR D 23 41.36 16.66 -15.06
C THR D 23 41.34 16.03 -16.45
N SER D 24 41.23 16.89 -17.47
N SER D 24 41.26 16.89 -17.47
CA SER D 24 41.30 16.40 -18.85
CA SER D 24 41.37 16.42 -18.85
C SER D 24 42.62 15.71 -19.13
C SER D 24 42.68 15.67 -19.06
N SER D 25 43.71 16.17 -18.49
N SER D 25 43.78 16.20 -18.52
CA SER D 25 44.99 15.49 -18.66
CA SER D 25 45.07 15.50 -18.62
C SER D 25 45.01 14.16 -17.91
C SER D 25 45.03 14.16 -17.91
N GLU D 26 44.46 14.13 -16.70
CA GLU D 26 44.36 12.87 -15.97
C GLU D 26 43.49 11.88 -16.71
N LEU D 27 42.44 12.36 -17.38
CA LEU D 27 41.58 11.46 -18.15
C LEU D 27 42.32 10.94 -19.38
N GLN D 28 43.07 11.82 -20.05
CA GLN D 28 43.91 11.37 -21.16
C GLN D 28 44.90 10.31 -20.71
N ASP D 29 45.47 10.46 -19.52
CA ASP D 29 46.41 9.45 -19.03
C ASP D 29 45.69 8.13 -18.78
N TYR D 30 44.44 8.20 -18.31
CA TYR D 30 43.63 6.98 -18.17
C TYR D 30 43.43 6.31 -19.53
N PHE D 31 43.11 7.11 -20.57
CA PHE D 31 42.95 6.53 -21.91
C PHE D 31 44.22 5.83 -22.38
N GLU D 32 45.39 6.35 -22.00
CA GLU D 32 46.63 5.66 -22.37
C GLU D 32 46.83 4.41 -21.54
N THR D 33 46.44 4.45 -20.26
CA THR D 33 46.47 3.25 -19.42
C THR D 33 45.53 2.18 -19.96
N LEU D 34 44.39 2.60 -20.54
CA LEU D 34 43.50 1.65 -21.21
C LEU D 34 44.12 1.07 -22.47
N LYS D 35 45.19 1.69 -22.98
CA LYS D 35 45.76 1.28 -24.26
C LYS D 35 44.77 1.47 -25.41
N PHE D 36 44.03 2.58 -25.36
CA PHE D 36 43.13 2.93 -26.46
C PHE D 36 43.90 3.02 -27.78
N PRO D 37 43.38 2.43 -28.86
CA PRO D 37 43.91 2.76 -30.19
C PRO D 37 43.50 4.15 -30.59
N GLN D 38 43.96 4.61 -31.76
N GLN D 38 43.96 4.61 -31.77
CA GLN D 38 43.79 6.00 -32.14
CA GLN D 38 43.79 6.01 -32.13
C GLN D 38 42.33 6.39 -32.25
C GLN D 38 42.33 6.40 -32.27
N ARG D 39 41.48 5.50 -32.81
CA ARG D 39 40.08 5.84 -33.02
C ARG D 39 39.34 6.07 -31.72
N PHE D 40 39.75 5.43 -30.64
CA PHE D 40 39.08 5.67 -29.37
C PHE D 40 39.75 6.79 -28.57
N LEU D 41 41.05 7.02 -28.76
CA LEU D 41 41.66 8.26 -28.29
C LEU D 41 40.93 9.47 -28.88
N ASP D 42 40.66 9.41 -30.18
CA ASP D 42 39.94 10.51 -30.83
C ASP D 42 38.52 10.65 -30.30
N LEU D 43 37.81 9.53 -30.15
CA LEU D 43 36.48 9.58 -29.56
C LEU D 43 36.53 10.17 -28.15
N GLY D 44 37.46 9.68 -27.33
CA GLY D 44 37.57 10.21 -25.97
C GLY D 44 37.89 11.70 -25.98
N ASN D 45 38.75 12.12 -26.90
CA ASN D 45 39.11 13.53 -26.94
C ASN D 45 37.95 14.39 -27.40
N SER D 46 37.08 13.87 -28.26
CA SER D 46 35.93 14.67 -28.65
C SER D 46 35.01 14.92 -27.46
N VAL D 47 34.95 13.98 -26.52
CA VAL D 47 34.14 14.20 -25.32
C VAL D 47 34.86 15.13 -24.34
N LEU D 48 36.18 14.99 -24.22
CA LEU D 48 36.94 15.95 -23.42
C LEU D 48 36.69 17.39 -23.87
N LYS D 49 36.56 17.60 -25.18
CA LYS D 49 36.32 18.96 -25.66
C LYS D 49 34.86 19.37 -25.58
N ASP D 50 33.93 18.41 -25.60
CA ASP D 50 32.50 18.70 -25.56
C ASP D 50 31.80 17.75 -24.60
N PRO D 51 31.80 18.08 -23.31
CA PRO D 51 31.19 17.16 -22.33
C PRO D 51 29.71 16.90 -22.55
N SER D 52 29.00 17.77 -23.26
CA SER D 52 27.59 17.51 -23.51
C SER D 52 27.36 16.22 -24.30
N LEU D 53 28.38 15.77 -25.04
CA LEU D 53 28.27 14.51 -25.77
C LEU D 53 28.05 13.33 -24.84
N ALA D 54 28.52 13.43 -23.58
CA ALA D 54 28.37 12.32 -22.64
C ALA D 54 26.95 12.16 -22.14
N ARG D 55 26.06 13.11 -22.42
CA ARG D 55 24.67 13.05 -22.00
C ARG D 55 23.76 12.33 -22.99
N THR D 56 24.22 12.05 -24.20
CA THR D 56 23.40 11.43 -25.24
C THR D 56 23.81 9.99 -25.45
N LYS D 57 22.84 9.16 -25.86
CA LYS D 57 23.19 7.80 -26.25
C LYS D 57 24.06 7.80 -27.51
N GLU D 58 23.70 8.62 -28.51
CA GLU D 58 24.35 8.57 -29.80
C GLU D 58 25.85 8.82 -29.70
N ASN D 59 26.26 9.74 -28.84
CA ASN D 59 27.68 10.01 -28.67
C ASN D 59 28.26 9.46 -27.38
N GLY D 60 27.48 9.44 -26.29
CA GLY D 60 28.00 8.96 -25.02
C GLY D 60 28.18 7.46 -24.94
N LEU D 61 27.30 6.70 -25.58
CA LEU D 61 27.36 5.25 -25.45
C LEU D 61 28.57 4.63 -26.16
N PRO D 62 28.91 5.04 -27.41
CA PRO D 62 30.13 4.50 -28.03
C PRO D 62 31.36 4.62 -27.16
N LEU D 63 31.62 5.80 -26.57
CA LEU D 63 32.79 5.96 -25.72
C LEU D 63 32.67 5.12 -24.45
N LEU D 64 31.45 5.06 -23.88
CA LEU D 64 31.22 4.23 -22.72
C LEU D 64 31.51 2.76 -23.02
N GLN D 65 31.10 2.30 -24.20
N GLN D 65 31.09 2.29 -24.20
CA GLN D 65 31.38 0.92 -24.57
CA GLN D 65 31.37 0.93 -24.60
C GLN D 65 32.88 0.66 -24.67
C GLN D 65 32.87 0.67 -24.67
N ALA D 66 33.59 1.55 -25.36
CA ALA D 66 35.04 1.41 -25.49
C ALA D 66 35.71 1.43 -24.12
N ILE D 67 35.34 2.40 -23.28
CA ILE D 67 35.97 2.53 -21.97
C ILE D 67 35.82 1.24 -21.17
N THR D 68 34.60 0.69 -21.13
CA THR D 68 34.36 -0.51 -20.32
C THR D 68 35.11 -1.73 -20.89
N ARG D 69 35.14 -1.87 -22.22
CA ARG D 69 35.83 -3.02 -22.80
C ARG D 69 37.33 -2.96 -22.52
N TYR D 70 37.95 -1.80 -22.76
CA TYR D 70 39.40 -1.72 -22.52
C TYR D 70 39.73 -1.78 -21.03
N HIS D 71 38.85 -1.28 -20.18
CA HIS D 71 39.13 -1.29 -18.74
C HIS D 71 39.27 -2.71 -18.21
N THR D 72 38.28 -3.57 -18.45
CA THR D 72 38.38 -4.92 -17.87
C THR D 72 39.45 -5.75 -18.55
N CYS D 73 39.88 -5.38 -19.76
CA CYS D 73 40.98 -6.08 -20.39
C CYS D 73 42.34 -5.57 -19.94
N ASN D 74 42.44 -4.35 -19.40
CA ASN D 74 43.73 -3.81 -19.02
C ASN D 74 43.88 -3.43 -17.55
N VAL D 75 42.80 -3.19 -16.83
CA VAL D 75 42.85 -2.94 -15.39
C VAL D 75 42.55 -4.25 -14.70
N PRO D 76 43.47 -4.79 -13.88
CA PRO D 76 43.21 -6.12 -13.30
C PRO D 76 42.11 -6.10 -12.25
N PHE D 77 41.31 -7.15 -12.27
CA PHE D 77 40.42 -7.48 -11.16
C PHE D 77 41.24 -8.34 -10.21
N GLU D 78 41.59 -7.80 -9.05
CA GLU D 78 42.59 -8.43 -8.20
C GLU D 78 42.32 -8.10 -6.74
N ASN D 79 42.82 -8.96 -5.86
CA ASN D 79 42.72 -8.72 -4.42
C ASN D 79 44.09 -8.68 -3.76
N LEU D 80 45.15 -8.36 -4.51
CA LEU D 80 46.48 -8.49 -3.91
C LEU D 80 46.70 -7.55 -2.73
N VAL D 81 45.90 -6.50 -2.60
CA VAL D 81 46.06 -5.60 -1.46
C VAL D 81 45.78 -6.31 -0.13
N LEU D 82 45.06 -7.43 -0.15
CA LEU D 82 44.82 -8.20 1.07
C LEU D 82 45.90 -9.24 1.32
N HIS D 83 46.94 -9.29 0.50
CA HIS D 83 47.91 -10.36 0.57
C HIS D 83 49.34 -9.84 0.42
N TYR D 84 49.68 -9.32 -0.76
CA TYR D 84 50.98 -8.67 -0.98
C TYR D 84 50.87 -7.19 -0.62
N ASP D 85 50.77 -6.92 0.68
CA ASP D 85 50.61 -5.54 1.15
C ASP D 85 50.88 -5.48 2.65
N PRO D 86 51.62 -4.48 3.12
CA PRO D 86 51.94 -4.43 4.56
C PRO D 86 50.74 -4.14 5.45
N HIS D 87 49.70 -3.48 4.95
CA HIS D 87 48.60 -3.06 5.79
C HIS D 87 47.30 -3.79 5.52
N LYS D 88 47.08 -4.23 4.29
CA LYS D 88 45.93 -5.07 3.93
C LYS D 88 44.61 -4.36 4.19
N ILE D 89 44.58 -3.04 3.96
CA ILE D 89 43.33 -2.30 4.04
C ILE D 89 43.04 -1.69 2.68
N VAL D 90 41.76 -1.53 2.39
CA VAL D 90 41.28 -1.07 1.09
C VAL D 90 40.94 0.40 1.20
N THR D 91 41.55 1.22 0.34
CA THR D 91 41.11 2.60 0.25
C THR D 91 40.09 2.72 -0.89
N LEU D 92 39.04 3.47 -0.63
CA LEU D 92 38.10 3.84 -1.67
C LEU D 92 38.19 5.32 -2.03
N ASP D 93 39.21 6.02 -1.56
CA ASP D 93 39.37 7.43 -1.91
C ASP D 93 39.55 7.58 -3.43
N PRO D 94 38.73 8.39 -4.10
CA PRO D 94 38.86 8.48 -5.57
C PRO D 94 40.20 9.03 -6.06
N ALA D 95 40.87 9.89 -5.28
CA ALA D 95 42.20 10.33 -5.68
C ALA D 95 43.22 9.20 -5.54
N GLU D 96 43.21 8.49 -4.42
CA GLU D 96 44.14 7.38 -4.26
C GLU D 96 43.86 6.26 -5.24
N LEU D 97 42.59 6.06 -5.61
CA LEU D 97 42.27 5.05 -6.61
C LEU D 97 42.81 5.46 -7.98
N TYR D 98 42.78 6.75 -8.30
CA TYR D 98 43.37 7.21 -9.54
C TYR D 98 44.85 6.84 -9.61
N THR D 99 45.58 7.12 -8.53
CA THR D 99 47.00 6.80 -8.52
C THR D 99 47.23 5.31 -8.68
N LYS D 100 46.42 4.48 -8.03
N LYS D 100 46.43 4.49 -8.00
CA LYS D 100 46.63 3.03 -8.08
CA LYS D 100 46.58 3.04 -8.06
C LYS D 100 46.37 2.49 -9.47
C LYS D 100 46.38 2.51 -9.47
N ILE D 101 45.27 2.91 -10.09
CA ILE D 101 44.87 2.33 -11.36
C ILE D 101 45.62 2.97 -12.51
N VAL D 102 45.72 4.30 -12.54
CA VAL D 102 46.37 4.94 -13.69
C VAL D 102 47.88 4.96 -13.53
N THR D 103 48.38 5.47 -12.40
CA THR D 103 49.82 5.66 -12.24
C THR D 103 50.55 4.34 -11.98
N ARG D 104 50.03 3.54 -11.05
CA ARG D 104 50.68 2.28 -10.68
C ARG D 104 50.27 1.12 -11.58
N ARG D 105 49.25 1.30 -12.42
CA ARG D 105 48.75 0.25 -13.28
C ARG D 105 48.37 -0.98 -12.45
N ARG D 106 47.85 -0.74 -11.25
CA ARG D 106 47.31 -1.80 -10.43
C ARG D 106 45.77 -1.82 -10.62
N GLY D 107 45.09 -2.68 -9.87
CA GLY D 107 43.65 -2.78 -9.96
C GLY D 107 43.02 -3.00 -8.59
N GLY D 108 41.90 -3.71 -8.58
CA GLY D 108 41.23 -4.01 -7.34
C GLY D 108 39.96 -4.79 -7.63
N ARG D 109 39.03 -4.75 -6.69
CA ARG D 109 37.79 -5.51 -6.84
C ARG D 109 36.66 -4.57 -7.29
N CYS D 110 35.40 -4.89 -6.96
CA CYS D 110 34.30 -4.16 -7.61
C CYS D 110 34.26 -2.71 -7.15
N MET D 111 34.47 -2.46 -5.87
CA MET D 111 34.31 -1.09 -5.40
C MET D 111 35.48 -0.21 -5.80
N GLU D 112 36.72 -0.71 -5.71
CA GLU D 112 37.86 0.04 -6.24
C GLU D 112 37.68 0.35 -7.73
N ASN D 113 37.26 -0.63 -8.53
CA ASN D 113 37.12 -0.39 -9.97
C ASN D 113 36.00 0.58 -10.29
N ASN D 114 34.81 0.37 -9.72
CA ASN D 114 33.66 1.14 -10.15
C ASN D 114 33.59 2.51 -9.48
N ILE D 115 34.18 2.68 -8.28
CA ILE D 115 34.29 4.03 -7.73
C ILE D 115 35.21 4.86 -8.62
N PHE D 116 36.33 4.26 -9.04
CA PHE D 116 37.22 4.96 -9.95
C PHE D 116 36.51 5.29 -11.25
N LEU D 117 35.85 4.28 -11.84
CA LEU D 117 35.21 4.49 -13.12
C LEU D 117 34.08 5.53 -13.02
N GLY D 118 33.27 5.45 -11.95
CA GLY D 118 32.28 6.49 -11.73
C GLY D 118 32.87 7.87 -11.67
N THR D 119 33.98 8.02 -10.95
CA THR D 119 34.64 9.33 -10.88
C THR D 119 35.09 9.77 -12.27
N ALA D 120 35.69 8.86 -13.03
CA ALA D 120 36.16 9.21 -14.36
C ALA D 120 35.00 9.59 -15.26
N LEU D 121 33.91 8.82 -15.22
CA LEU D 121 32.76 9.11 -16.08
C LEU D 121 32.12 10.44 -15.69
N ARG D 122 31.94 10.71 -14.40
CA ARG D 122 31.39 12.00 -14.02
C ARG D 122 32.32 13.13 -14.45
N SER D 123 33.63 12.92 -14.30
CA SER D 123 34.59 13.90 -14.77
C SER D 123 34.48 14.14 -16.27
N LEU D 124 34.07 13.13 -17.03
CA LEU D 124 33.86 13.30 -18.47
C LEU D 124 32.52 13.94 -18.80
N GLY D 125 31.62 14.07 -17.82
CA GLY D 125 30.33 14.68 -18.05
C GLY D 125 29.15 13.73 -18.04
N TYR D 126 29.38 12.44 -17.80
CA TYR D 126 28.27 11.49 -17.70
C TYR D 126 27.49 11.69 -16.40
N GLU D 127 26.19 11.41 -16.46
CA GLU D 127 25.36 11.33 -15.26
C GLU D 127 25.44 9.91 -14.71
N VAL D 128 25.96 9.75 -13.50
CA VAL D 128 26.25 8.42 -12.96
C VAL D 128 25.72 8.30 -11.53
N ARG D 129 25.09 7.17 -11.24
CA ARG D 129 24.63 6.84 -9.90
C ARG D 129 25.35 5.60 -9.41
N ASN D 130 25.92 5.67 -8.21
CA ASN D 130 26.52 4.51 -7.56
C ASN D 130 25.43 3.62 -6.97
N CYS D 131 25.40 2.33 -7.34
CA CYS D 131 24.39 1.39 -6.87
C CYS D 131 25.06 0.19 -6.21
N GLY D 132 24.23 -0.63 -5.56
CA GLY D 132 24.74 -1.75 -4.78
C GLY D 132 23.96 -3.00 -5.08
N GLY D 133 24.64 -4.14 -4.93
CA GLY D 133 24.03 -5.41 -5.29
C GLY D 133 24.58 -6.56 -4.48
N ARG D 134 24.09 -7.77 -4.79
CA ARG D 134 24.47 -8.98 -4.06
C ARG D 134 24.97 -10.02 -5.06
N VAL D 135 26.14 -10.60 -4.80
CA VAL D 135 26.64 -11.66 -5.69
C VAL D 135 25.94 -12.97 -5.37
N SER D 136 25.56 -13.69 -6.42
CA SER D 136 24.92 -14.99 -6.27
C SER D 136 25.88 -16.01 -5.67
N ARG D 137 25.33 -16.86 -4.79
CA ARG D 137 26.14 -17.96 -4.28
C ARG D 137 26.50 -18.96 -5.39
N ALA D 138 25.87 -18.89 -6.55
CA ALA D 138 26.27 -19.72 -7.68
C ALA D 138 27.68 -19.40 -8.18
N MET D 139 28.19 -18.21 -7.85
CA MET D 139 29.55 -17.80 -8.19
C MET D 139 30.56 -18.17 -7.11
N SER D 140 30.13 -18.78 -6.00
CA SER D 140 31.03 -19.08 -4.91
C SER D 140 32.13 -20.08 -5.32
N PRO D 141 33.37 -19.87 -4.88
CA PRO D 141 34.41 -20.89 -5.08
C PRO D 141 34.28 -22.08 -4.14
N TYR D 142 33.36 -22.02 -3.18
CA TYR D 142 33.18 -23.11 -2.23
C TYR D 142 32.21 -24.11 -2.84
N PRO D 143 32.64 -25.33 -3.17
CA PRO D 143 31.77 -26.23 -3.94
C PRO D 143 30.44 -26.57 -3.29
N GLU D 144 30.40 -26.79 -1.97
N GLU D 144 30.42 -26.77 -1.96
CA GLU D 144 29.13 -27.13 -1.36
CA GLU D 144 29.17 -27.11 -1.28
C GLU D 144 28.18 -25.93 -1.31
C GLU D 144 28.21 -25.94 -1.29
N VAL D 145 28.72 -24.71 -1.32
CA VAL D 145 27.87 -23.52 -1.37
C VAL D 145 27.21 -23.40 -2.74
N ARG D 146 27.99 -23.58 -3.81
CA ARG D 146 27.42 -23.64 -5.15
C ARG D 146 26.35 -24.71 -5.26
N LYS D 147 26.58 -25.88 -4.66
N LYS D 147 26.58 -25.87 -4.65
CA LYS D 147 25.68 -27.01 -4.88
CA LYS D 147 25.70 -27.01 -4.87
C LYS D 147 24.36 -26.83 -4.15
C LYS D 147 24.37 -26.83 -4.15
N ASN D 148 24.41 -26.40 -2.88
CA ASN D 148 23.21 -26.35 -2.07
C ASN D 148 22.58 -24.96 -1.96
N GLN D 149 23.31 -23.89 -2.31
CA GLN D 149 22.83 -22.54 -2.03
C GLN D 149 22.80 -21.66 -3.27
N SER D 150 22.73 -22.26 -4.47
CA SER D 150 22.83 -21.48 -5.69
C SER D 150 21.70 -20.49 -5.89
N ALA D 151 20.55 -20.70 -5.25
CA ALA D 151 19.45 -19.76 -5.43
C ALA D 151 19.57 -18.54 -4.52
N THR D 152 20.58 -18.51 -3.66
CA THR D 152 20.75 -17.46 -2.66
C THR D 152 21.83 -16.45 -3.09
N TYR D 153 21.88 -15.34 -2.37
CA TYR D 153 22.82 -14.26 -2.63
C TYR D 153 23.59 -13.87 -1.35
N ASP D 154 24.82 -13.39 -1.53
CA ASP D 154 25.60 -12.85 -0.42
C ASP D 154 24.90 -11.61 0.15
N GLY D 155 25.26 -11.24 1.38
CA GLY D 155 24.94 -9.90 1.85
C GLY D 155 25.63 -8.84 1.01
N TRP D 156 24.99 -7.67 0.89
CA TRP D 156 25.49 -6.56 0.05
C TRP D 156 27.00 -6.56 -0.11
N ASN D 157 27.48 -6.82 -1.32
CA ASN D 157 28.93 -6.94 -1.52
C ASN D 157 29.34 -6.62 -2.96
N HIS D 158 28.43 -6.12 -3.77
CA HIS D 158 28.81 -5.74 -5.12
C HIS D 158 28.44 -4.30 -5.42
N MET D 159 29.24 -3.65 -6.27
CA MET D 159 28.96 -2.31 -6.73
C MET D 159 28.85 -2.29 -8.24
N LEU D 160 27.86 -1.56 -8.75
CA LEU D 160 27.80 -1.25 -10.16
C LEU D 160 27.31 0.17 -10.33
N LEU D 161 27.36 0.66 -11.56
CA LEU D 161 26.94 2.01 -11.90
C LEU D 161 25.69 1.98 -12.76
N LEU D 162 24.88 3.02 -12.60
CA LEU D 162 23.82 3.34 -13.56
C LEU D 162 24.21 4.65 -14.23
N VAL D 163 24.27 4.64 -15.55
CA VAL D 163 24.67 5.79 -16.34
C VAL D 163 23.48 6.19 -17.21
N PHE D 164 23.10 7.46 -17.14
CA PHE D 164 21.90 7.93 -17.83
C PHE D 164 22.27 8.52 -19.18
N LEU D 165 21.86 7.85 -20.25
CA LEU D 165 22.19 8.25 -21.62
C LEU D 165 20.91 8.59 -22.36
N GLY D 166 20.77 9.84 -22.76
CA GLY D 166 19.57 10.26 -23.47
C GLY D 166 18.33 10.20 -22.59
N ASP D 167 17.55 9.13 -22.73
CA ASP D 167 16.33 8.97 -21.95
C ASP D 167 16.27 7.66 -21.19
N GLU D 168 17.37 6.91 -21.09
CA GLU D 168 17.36 5.62 -20.43
C GLU D 168 18.63 5.40 -19.63
N TRP D 169 18.48 4.61 -18.56
CA TRP D 169 19.58 4.22 -17.71
C TRP D 169 20.28 2.98 -18.26
N TYR D 170 21.60 2.95 -18.13
CA TYR D 170 22.43 1.81 -18.49
C TYR D 170 23.16 1.29 -17.26
N GLY D 171 23.22 -0.02 -17.14
CA GLY D 171 24.09 -0.63 -16.16
C GLY D 171 25.51 -0.69 -16.68
N VAL D 172 26.46 -0.35 -15.81
CA VAL D 172 27.88 -0.32 -16.15
C VAL D 172 28.67 -0.91 -14.99
N ASP D 173 29.55 -1.84 -15.31
CA ASP D 173 30.26 -2.61 -14.29
C ASP D 173 31.57 -3.07 -14.90
N VAL D 174 32.70 -2.56 -14.38
CA VAL D 174 34.03 -2.98 -14.80
C VAL D 174 34.74 -3.60 -13.60
N GLY D 175 33.96 -4.13 -12.66
CA GLY D 175 34.55 -4.54 -11.41
C GLY D 175 34.22 -5.96 -11.00
N MET D 176 34.10 -6.89 -11.96
CA MET D 176 33.77 -8.25 -11.58
C MET D 176 34.53 -9.29 -12.40
N GLY D 177 35.61 -8.89 -13.05
CA GLY D 177 36.40 -9.87 -13.79
C GLY D 177 35.54 -10.56 -14.81
N SER D 178 35.70 -11.87 -14.93
CA SER D 178 35.05 -12.58 -16.01
C SER D 178 33.58 -12.88 -15.74
N MET D 179 33.10 -12.74 -14.49
CA MET D 179 31.68 -12.97 -14.23
C MET D 179 30.81 -11.79 -14.62
N GLY D 180 31.40 -10.60 -14.73
CA GLY D 180 30.63 -9.39 -14.95
C GLY D 180 30.00 -9.35 -16.33
N PRO D 181 29.01 -8.48 -16.51
CA PRO D 181 28.33 -8.40 -17.81
C PRO D 181 29.27 -7.98 -18.94
N ASN D 182 30.29 -7.17 -18.63
CA ASN D 182 31.38 -6.84 -19.55
C ASN D 182 30.86 -6.16 -20.81
N LEU D 183 29.71 -5.47 -20.67
CA LEU D 183 29.03 -4.66 -21.65
C LEU D 183 28.21 -3.65 -20.85
N PRO D 184 28.08 -2.41 -21.31
CA PRO D 184 27.01 -1.57 -20.77
C PRO D 184 25.68 -2.16 -21.20
N PHE D 185 24.78 -2.36 -20.24
CA PHE D 185 23.50 -2.96 -20.60
C PHE D 185 22.37 -1.99 -20.27
N PRO D 186 21.40 -1.81 -21.16
CA PRO D 186 20.24 -0.98 -20.80
C PRO D 186 19.51 -1.61 -19.63
N LEU D 187 19.09 -0.74 -18.70
CA LEU D 187 18.30 -1.18 -17.56
C LEU D 187 16.89 -1.49 -18.05
N GLN D 188 16.74 -2.62 -18.74
N GLN D 188 16.74 -2.65 -18.68
CA GLN D 188 15.47 -3.00 -19.34
CA GLN D 188 15.52 -3.04 -19.37
C GLN D 188 15.12 -4.43 -18.95
C GLN D 188 15.14 -4.46 -18.94
N ASP D 189 13.91 -4.62 -18.44
CA ASP D 189 13.40 -5.94 -18.10
C ASP D 189 13.34 -6.81 -19.35
N GLY D 190 14.09 -7.91 -19.34
CA GLY D 190 14.14 -8.80 -20.48
C GLY D 190 15.33 -8.65 -21.41
N PHE D 191 16.21 -7.68 -21.17
CA PHE D 191 17.35 -7.49 -22.06
C PHE D 191 18.27 -8.70 -22.07
N GLU D 192 18.63 -9.17 -23.26
CA GLU D 192 19.59 -10.24 -23.44
C GLU D 192 20.57 -9.85 -24.54
N SER D 193 21.79 -10.37 -24.44
CA SER D 193 22.82 -10.04 -25.40
C SER D 193 23.91 -11.09 -25.30
N LEU D 194 24.47 -11.46 -26.45
CA LEU D 194 25.75 -12.15 -26.45
C LEU D 194 26.79 -11.26 -25.78
N SER D 195 27.59 -11.84 -24.90
CA SER D 195 28.68 -11.10 -24.25
C SER D 195 29.76 -12.10 -23.87
N ILE D 196 30.87 -12.09 -24.64
CA ILE D 196 31.98 -13.04 -24.54
C ILE D 196 31.49 -14.38 -25.07
N ALA D 197 31.44 -14.49 -26.40
CA ALA D 197 30.87 -15.65 -27.07
C ALA D 197 31.42 -16.95 -26.46
N PRO D 198 30.59 -17.97 -26.29
CA PRO D 198 29.16 -18.04 -26.61
C PRO D 198 28.25 -17.53 -25.49
N ARG D 199 28.81 -16.98 -24.41
CA ARG D 199 28.00 -16.61 -23.25
C ARG D 199 26.99 -15.52 -23.61
N GLU D 200 25.77 -15.68 -23.11
CA GLU D 200 24.76 -14.63 -23.13
C GLU D 200 24.53 -14.07 -21.73
N ILE D 201 24.13 -12.81 -21.67
CA ILE D 201 23.77 -12.17 -20.41
C ILE D 201 22.32 -11.76 -20.49
N ARG D 202 21.67 -11.66 -19.34
CA ARG D 202 20.27 -11.32 -19.28
C ARG D 202 19.99 -10.44 -18.07
N ILE D 203 19.08 -9.48 -18.24
CA ILE D 203 18.64 -8.62 -17.14
C ILE D 203 17.13 -8.80 -16.99
N GLN D 204 16.71 -9.09 -15.76
CA GLN D 204 15.30 -9.35 -15.47
C GLN D 204 14.94 -8.65 -14.18
N LYS D 205 13.74 -8.07 -14.13
CA LYS D 205 13.17 -7.49 -12.93
C LYS D 205 12.27 -8.56 -12.32
N ARG D 206 12.71 -9.17 -11.22
CA ARG D 206 12.02 -10.33 -10.67
C ARG D 206 12.31 -10.45 -9.18
N SER D 207 11.43 -11.18 -8.48
CA SER D 207 11.68 -11.54 -7.09
C SER D 207 12.79 -12.56 -6.99
N ILE D 208 13.53 -12.53 -5.88
CA ILE D 208 14.57 -13.51 -5.63
C ILE D 208 14.02 -14.57 -4.69
N SER D 209 14.69 -15.73 -4.68
CA SER D 209 14.18 -16.90 -3.96
C SER D 209 14.04 -16.66 -2.47
N GLU D 210 14.96 -15.92 -1.87
CA GLU D 210 14.96 -15.68 -0.43
C GLU D 210 14.04 -14.51 -0.12
N THR D 211 12.89 -14.79 0.49
CA THR D 211 11.97 -13.73 0.88
C THR D 211 11.11 -14.18 2.05
N HIS D 212 10.75 -13.23 2.92
CA HIS D 212 9.76 -13.49 3.94
C HIS D 212 8.35 -13.23 3.44
N ALA D 213 8.19 -12.76 2.21
CA ALA D 213 6.85 -12.53 1.67
C ALA D 213 6.07 -13.83 1.69
N THR D 214 4.85 -13.79 2.23
CA THR D 214 4.00 -14.96 2.26
C THR D 214 3.26 -15.17 0.95
N GLY D 215 3.43 -14.28 -0.02
CA GLY D 215 2.70 -14.34 -1.27
C GLY D 215 3.03 -13.14 -2.14
N PRO D 216 2.64 -13.21 -3.41
CA PRO D 216 3.07 -12.17 -4.36
C PRO D 216 2.58 -10.77 -4.03
N SER D 217 1.49 -10.64 -3.27
N SER D 217 1.50 -10.63 -3.26
CA SER D 217 0.98 -9.31 -2.90
CA SER D 217 1.00 -9.30 -2.93
C SER D 217 2.04 -8.47 -2.20
C SER D 217 2.03 -8.46 -2.18
N HIS D 218 2.91 -9.09 -1.41
CA HIS D 218 3.89 -8.37 -0.59
C HIS D 218 5.33 -8.62 -1.03
N ALA D 219 5.53 -9.24 -2.19
CA ALA D 219 6.86 -9.56 -2.70
C ALA D 219 7.51 -8.33 -3.30
N THR D 220 8.84 -8.28 -3.23
CA THR D 220 9.61 -7.24 -3.89
C THR D 220 10.35 -7.84 -5.09
N LYS D 221 10.63 -6.99 -6.06
CA LYS D 221 11.38 -7.40 -7.22
C LYS D 221 12.71 -6.67 -7.22
N MET D 222 13.72 -7.34 -7.78
N MET D 222 13.71 -7.30 -7.81
CA MET D 222 15.07 -6.84 -7.93
CA MET D 222 14.96 -6.60 -8.00
C MET D 222 15.49 -6.92 -9.39
C MET D 222 15.54 -6.95 -9.36
N TRP D 223 16.49 -6.12 -9.77
CA TRP D 223 17.18 -6.34 -11.02
C TRP D 223 18.09 -7.54 -10.87
N CYS D 224 17.96 -8.50 -11.75
CA CYS D 224 18.72 -9.73 -11.64
C CYS D 224 19.52 -9.91 -12.91
N TYR D 225 20.83 -10.03 -12.76
CA TYR D 225 21.77 -10.26 -13.85
C TYR D 225 22.15 -11.73 -13.84
N ASP D 226 21.76 -12.45 -14.89
CA ASP D 226 22.06 -13.86 -15.08
C ASP D 226 22.90 -14.04 -16.34
N VAL D 227 23.57 -15.20 -16.43
CA VAL D 227 24.27 -15.57 -17.65
C VAL D 227 23.84 -16.97 -18.08
N CYS D 228 24.03 -17.23 -19.37
CA CYS D 228 23.85 -18.55 -19.96
C CYS D 228 25.17 -18.90 -20.63
N TYR D 229 25.95 -19.78 -20.00
CA TYR D 229 27.28 -20.08 -20.53
C TYR D 229 27.21 -20.77 -21.87
N ASN D 230 26.17 -21.56 -22.12
CA ASN D 230 26.07 -22.37 -23.33
C ASN D 230 24.64 -22.33 -23.86
N PRO D 231 24.32 -21.27 -24.61
CA PRO D 231 22.96 -21.16 -25.18
C PRO D 231 22.70 -22.12 -26.33
N ALA D 232 23.65 -22.96 -26.70
CA ALA D 232 23.39 -23.98 -27.70
C ALA D 232 22.69 -25.20 -27.14
N GLU D 233 22.60 -25.32 -25.81
CA GLU D 233 21.95 -26.47 -25.20
C GLU D 233 20.47 -26.47 -25.55
N SER D 234 19.90 -27.67 -25.60
CA SER D 234 18.49 -27.82 -25.99
C SER D 234 17.58 -27.06 -25.04
N LYS D 235 17.83 -27.14 -23.75
CA LYS D 235 17.14 -26.36 -22.73
C LYS D 235 18.13 -25.36 -22.14
N LYS D 236 17.86 -24.07 -22.35
CA LYS D 236 18.79 -23.05 -21.84
C LYS D 236 18.80 -23.04 -20.31
N THR D 237 20.00 -23.08 -19.75
CA THR D 237 20.20 -22.92 -18.31
C THR D 237 20.76 -21.54 -18.03
N TRP D 238 20.09 -20.79 -17.14
CA TRP D 238 20.53 -19.46 -16.75
C TRP D 238 21.11 -19.52 -15.35
N THR D 239 22.35 -19.04 -15.20
CA THR D 239 23.06 -19.07 -13.93
C THR D 239 23.04 -17.69 -13.31
N PRO D 240 22.53 -17.50 -12.10
CA PRO D 240 22.49 -16.14 -11.54
C PRO D 240 23.89 -15.67 -11.18
N VAL D 241 24.14 -14.38 -11.38
CA VAL D 241 25.43 -13.78 -11.07
C VAL D 241 25.32 -12.71 -10.00
N TYR D 242 24.45 -11.72 -10.20
CA TYR D 242 24.17 -10.81 -9.10
C TYR D 242 22.80 -10.16 -9.25
N CYS D 243 22.32 -9.60 -8.15
CA CYS D 243 21.07 -8.83 -8.14
C CYS D 243 21.36 -7.48 -7.51
N PHE D 244 20.56 -6.47 -7.87
CA PHE D 244 20.80 -5.12 -7.35
C PHE D 244 19.51 -4.29 -7.40
N THR D 245 19.56 -3.12 -6.76
CA THR D 245 18.48 -2.14 -6.84
C THR D 245 19.00 -0.82 -7.40
N GLU D 246 18.06 0.10 -7.65
CA GLU D 246 18.38 1.44 -8.12
C GLU D 246 18.76 2.39 -6.99
N THR D 247 18.68 1.96 -5.73
CA THR D 247 19.04 2.81 -4.61
C THR D 247 20.44 3.37 -4.79
N GLU D 248 20.62 4.65 -4.49
CA GLU D 248 21.94 5.25 -4.56
C GLU D 248 22.73 4.84 -3.32
N PHE D 249 23.83 4.11 -3.53
CA PHE D 249 24.71 3.78 -2.43
C PHE D 249 25.73 4.89 -2.24
N LEU D 250 26.22 5.02 -1.02
CA LEU D 250 27.13 6.06 -0.59
C LEU D 250 28.51 5.47 -0.32
N PRO D 251 29.57 6.30 -0.34
CA PRO D 251 30.92 5.78 -0.01
C PRO D 251 30.97 5.01 1.30
N GLN D 252 30.28 5.48 2.34
CA GLN D 252 30.29 4.78 3.62
C GLN D 252 29.54 3.44 3.55
N ASP D 253 28.57 3.29 2.63
CA ASP D 253 27.97 1.97 2.39
C ASP D 253 29.01 0.98 1.85
N TYR D 254 29.75 1.40 0.80
CA TYR D 254 30.77 0.52 0.25
C TYR D 254 31.87 0.21 1.26
N GLU D 255 32.16 1.15 2.14
CA GLU D 255 33.09 0.91 3.24
C GLU D 255 32.60 -0.22 4.14
N VAL D 256 31.31 -0.22 4.49
CA VAL D 256 30.74 -1.34 5.24
C VAL D 256 30.92 -2.63 4.46
N MET D 257 30.48 -2.62 3.20
CA MET D 257 30.50 -3.82 2.37
C MET D 257 31.91 -4.36 2.17
N SER D 258 32.87 -3.47 1.88
CA SER D 258 34.23 -3.91 1.64
C SER D 258 34.89 -4.35 2.93
N TRP D 259 34.46 -3.79 4.07
CA TRP D 259 34.96 -4.25 5.35
C TRP D 259 34.67 -5.74 5.55
N PHE D 260 33.48 -6.17 5.17
CA PHE D 260 33.14 -7.59 5.32
C PHE D 260 33.97 -8.44 4.36
N THR D 261 33.98 -8.08 3.08
CA THR D 261 34.69 -8.91 2.12
C THR D 261 36.19 -8.90 2.35
N SER D 262 36.74 -7.86 2.99
CA SER D 262 38.18 -7.73 3.20
C SER D 262 38.64 -8.26 4.54
N THR D 263 37.74 -8.45 5.51
CA THR D 263 38.13 -8.87 6.84
C THR D 263 37.33 -10.03 7.42
N ASN D 264 36.16 -10.39 6.85
CA ASN D 264 35.48 -11.52 7.46
C ASN D 264 36.11 -12.81 6.95
N PRO D 265 36.50 -13.75 7.83
CA PRO D 265 37.26 -14.93 7.39
C PRO D 265 36.48 -15.91 6.54
N ARG D 266 35.18 -15.68 6.31
N ARG D 266 35.18 -15.68 6.34
CA ARG D 266 34.45 -16.50 5.37
CA ARG D 266 34.42 -16.48 5.40
C ARG D 266 34.47 -15.93 3.95
C ARG D 266 34.57 -15.97 3.97
N SER D 267 34.95 -14.71 3.78
CA SER D 267 35.15 -14.16 2.44
C SER D 267 36.35 -14.85 1.81
N PHE D 268 36.15 -15.39 0.60
CA PHE D 268 37.26 -16.09 -0.04
C PHE D 268 38.40 -15.14 -0.40
N PHE D 269 38.10 -13.85 -0.56
CA PHE D 269 39.12 -12.86 -0.87
C PHE D 269 40.16 -12.76 0.24
N THR D 270 39.79 -13.05 1.48
CA THR D 270 40.77 -13.05 2.55
C THR D 270 41.67 -14.27 2.48
N ARG D 271 41.26 -15.31 1.77
CA ARG D 271 41.95 -16.59 1.82
C ARG D 271 42.90 -16.81 0.64
N TYR D 272 42.51 -16.43 -0.57
CA TYR D 272 43.23 -16.83 -1.77
C TYR D 272 43.56 -15.65 -2.65
N ILE D 273 44.75 -15.69 -3.24
CA ILE D 273 45.19 -14.71 -4.21
C ILE D 273 44.42 -14.90 -5.51
N THR D 274 43.88 -13.81 -6.06
CA THR D 274 43.24 -13.91 -7.36
C THR D 274 43.48 -12.64 -8.18
N CYS D 275 43.55 -12.81 -9.49
CA CYS D 275 43.83 -11.70 -10.40
C CYS D 275 43.36 -12.10 -11.79
N THR D 276 42.59 -11.23 -12.44
CA THR D 276 41.99 -11.52 -13.74
C THR D 276 42.11 -10.32 -14.66
N LYS D 277 42.39 -10.58 -15.93
CA LYS D 277 42.20 -9.62 -17.00
C LYS D 277 41.44 -10.27 -18.14
N MET D 278 40.51 -9.52 -18.73
CA MET D 278 39.78 -10.05 -19.86
C MET D 278 40.63 -9.98 -21.14
N ILE D 279 40.24 -10.76 -22.14
CA ILE D 279 40.98 -10.85 -23.40
C ILE D 279 40.10 -10.31 -24.51
N MET D 280 40.63 -9.34 -25.27
CA MET D 280 39.90 -8.68 -26.34
C MET D 280 40.34 -9.20 -27.71
N ASP D 281 39.39 -9.19 -28.65
CA ASP D 281 39.69 -9.12 -30.08
C ASP D 281 39.46 -7.65 -30.43
N GLU D 282 40.55 -6.89 -30.52
CA GLU D 282 40.42 -5.44 -30.62
C GLU D 282 39.74 -5.02 -31.91
N ASP D 283 40.08 -5.68 -33.02
CA ASP D 283 39.49 -5.32 -34.30
C ASP D 283 38.00 -5.64 -34.34
N LYS D 284 37.59 -6.78 -33.75
CA LYS D 284 36.19 -7.13 -33.61
C LYS D 284 35.49 -6.35 -32.51
N GLU D 285 36.24 -5.69 -31.64
CA GLU D 285 35.70 -4.85 -30.56
C GLU D 285 34.79 -5.67 -29.63
N VAL D 286 35.20 -6.90 -29.36
CA VAL D 286 34.52 -7.78 -28.43
C VAL D 286 35.55 -8.39 -27.47
N ILE D 287 35.09 -8.71 -26.28
CA ILE D 287 35.86 -9.54 -25.37
C ILE D 287 35.63 -11.00 -25.73
N ILE D 288 36.69 -11.80 -25.74
CA ILE D 288 36.60 -13.20 -26.15
C ILE D 288 36.98 -14.18 -25.05
N GLY D 289 37.56 -13.71 -23.96
CA GLY D 289 37.87 -14.62 -22.87
C GLY D 289 38.56 -13.89 -21.75
N ASN D 290 39.36 -14.63 -20.99
CA ASN D 290 39.97 -14.06 -19.80
C ASN D 290 41.22 -14.84 -19.43
N LEU D 291 42.14 -14.14 -18.77
CA LEU D 291 43.29 -14.75 -18.10
C LEU D 291 43.08 -14.59 -16.60
N THR D 292 43.22 -15.69 -15.85
CA THR D 292 42.91 -15.62 -14.43
C THR D 292 43.96 -16.37 -13.62
N LEU D 293 44.53 -15.68 -12.64
CA LEU D 293 45.32 -16.32 -11.60
C LEU D 293 44.38 -16.64 -10.45
N PHE D 294 44.38 -17.89 -10.01
CA PHE D 294 43.64 -18.25 -8.80
C PHE D 294 44.56 -19.12 -7.97
N LYS D 295 44.88 -18.64 -6.77
CA LYS D 295 45.85 -19.31 -5.90
C LYS D 295 47.20 -19.37 -6.59
N ASP D 296 47.58 -20.52 -7.14
CA ASP D 296 48.88 -20.65 -7.77
C ASP D 296 48.84 -20.82 -9.28
N THR D 297 47.66 -20.83 -9.90
CA THR D 297 47.57 -21.30 -11.27
C THR D 297 46.91 -20.25 -12.16
N VAL D 298 47.51 -20.02 -13.32
CA VAL D 298 46.98 -19.11 -14.32
C VAL D 298 46.35 -19.93 -15.43
N ARG D 299 45.08 -19.65 -15.71
CA ARG D 299 44.37 -20.33 -16.77
C ARG D 299 43.89 -19.30 -17.79
N GLU D 300 43.96 -19.67 -19.06
CA GLU D 300 43.42 -18.87 -20.14
C GLU D 300 42.14 -19.52 -20.62
N THR D 301 41.07 -18.73 -20.70
CA THR D 301 39.80 -19.18 -21.23
C THR D 301 39.48 -18.35 -22.46
N ILE D 302 39.20 -19.02 -23.56
CA ILE D 302 38.70 -18.39 -24.78
C ILE D 302 37.35 -19.05 -25.07
N GLY D 303 36.28 -18.29 -24.97
CA GLY D 303 34.96 -18.87 -25.15
C GLY D 303 34.76 -19.98 -24.14
N SER D 304 34.47 -21.18 -24.61
CA SER D 304 34.19 -22.31 -23.74
C SER D 304 35.42 -23.17 -23.46
N ASP D 305 36.56 -22.85 -24.06
CA ASP D 305 37.76 -23.68 -23.93
C ASP D 305 38.72 -23.05 -22.93
N ARG D 306 39.22 -23.87 -22.01
CA ARG D 306 40.05 -23.40 -20.91
C ARG D 306 41.32 -24.25 -20.84
N LYS D 307 42.45 -23.59 -20.65
CA LYS D 307 43.72 -24.31 -20.51
C LYS D 307 44.57 -23.66 -19.43
N VAL D 308 45.40 -24.48 -18.78
CA VAL D 308 46.37 -23.98 -17.82
C VAL D 308 47.53 -23.34 -18.58
N VAL D 309 47.84 -22.10 -18.21
CA VAL D 309 49.01 -21.40 -18.73
C VAL D 309 50.24 -21.66 -17.86
N LYS D 310 50.07 -21.64 -16.53
N LYS D 310 50.09 -21.61 -16.54
CA LYS D 310 51.20 -21.83 -15.63
CA LYS D 310 51.21 -21.90 -15.66
C LYS D 310 50.70 -22.16 -14.23
C LYS D 310 50.71 -22.17 -14.25
N LYS D 311 51.29 -23.17 -13.61
CA LYS D 311 51.11 -23.47 -12.20
C LYS D 311 52.41 -23.07 -11.52
N PHE D 312 52.36 -21.99 -10.73
CA PHE D 312 53.57 -21.42 -10.16
C PHE D 312 54.13 -22.32 -9.07
N GLU D 313 55.45 -22.50 -9.09
CA GLU D 313 56.13 -23.39 -8.17
C GLU D 313 56.66 -22.66 -6.93
N THR D 314 57.13 -21.43 -7.12
CA THR D 314 57.77 -20.65 -6.07
C THR D 314 57.17 -19.26 -6.02
N GLU D 315 57.45 -18.54 -4.94
CA GLU D 315 57.07 -17.13 -4.86
C GLU D 315 57.67 -16.32 -6.01
N GLU D 316 58.93 -16.58 -6.34
CA GLU D 316 59.57 -15.86 -7.43
C GLU D 316 58.82 -16.07 -8.74
N GLU D 317 58.44 -17.31 -9.04
CA GLU D 317 57.67 -17.59 -10.24
C GLU D 317 56.34 -16.84 -10.25
N ARG D 318 55.66 -16.77 -9.11
CA ARG D 318 54.38 -16.06 -9.09
C ARG D 318 54.58 -14.56 -9.24
N ILE D 319 55.57 -14.00 -8.52
CA ILE D 319 55.81 -12.57 -8.61
C ILE D 319 56.17 -12.18 -10.04
N LYS D 320 57.06 -12.96 -10.65
CA LYS D 320 57.44 -12.71 -12.04
C LYS D 320 56.26 -12.92 -13.00
N GLY D 321 55.39 -13.88 -12.69
CA GLY D 321 54.23 -14.11 -13.55
C GLY D 321 53.22 -12.97 -13.49
N LEU D 322 53.04 -12.39 -12.30
CA LEU D 322 52.18 -11.22 -12.18
C LEU D 322 52.67 -10.08 -13.04
N VAL D 323 53.99 -9.86 -13.08
CA VAL D 323 54.55 -8.82 -13.94
C VAL D 323 54.34 -9.17 -15.41
N GLU D 324 54.76 -10.36 -15.82
CA GLU D 324 54.81 -10.67 -17.24
C GLU D 324 53.41 -10.89 -17.82
N ILE D 325 52.54 -11.59 -17.09
CA ILE D 325 51.24 -11.93 -17.64
C ILE D 325 50.22 -10.83 -17.41
N PHE D 326 50.24 -10.21 -16.23
CA PHE D 326 49.20 -9.28 -15.82
C PHE D 326 49.68 -7.83 -15.68
N ASP D 327 50.97 -7.57 -15.87
CA ASP D 327 51.51 -6.22 -15.70
C ASP D 327 51.16 -5.69 -14.32
N VAL D 328 51.26 -6.58 -13.32
CA VAL D 328 51.02 -6.24 -11.92
C VAL D 328 52.38 -6.19 -11.24
N ASN D 329 52.78 -4.99 -10.83
CA ASN D 329 54.11 -4.74 -10.29
C ASN D 329 53.99 -4.48 -8.79
N LEU D 330 54.73 -5.25 -8.00
CA LEU D 330 54.71 -5.10 -6.56
C LEU D 330 55.96 -4.37 -6.10
N THR D 331 55.82 -3.56 -5.05
CA THR D 331 57.00 -3.02 -4.39
C THR D 331 57.67 -4.13 -3.56
N GLU D 332 58.91 -3.86 -3.16
CA GLU D 332 59.62 -4.82 -2.31
C GLU D 332 58.82 -5.09 -1.04
N GLU D 333 58.31 -4.03 -0.41
N GLU D 333 58.31 -4.03 -0.40
CA GLU D 333 57.53 -4.19 0.82
CA GLU D 333 57.53 -4.21 0.82
C GLU D 333 56.29 -5.04 0.57
C GLU D 333 56.30 -5.07 0.56
N GLU D 334 55.60 -4.82 -0.55
CA GLU D 334 54.42 -5.61 -0.88
C GLU D 334 54.78 -7.08 -1.11
N LYS D 335 55.89 -7.35 -1.81
CA LYS D 335 56.35 -8.73 -1.98
C LYS D 335 56.62 -9.39 -0.64
N ASN D 336 57.28 -8.69 0.27
CA ASN D 336 57.70 -9.27 1.53
C ASN D 336 56.61 -9.26 2.59
N SER D 337 55.41 -8.79 2.27
CA SER D 337 54.33 -8.73 3.24
C SER D 337 53.38 -9.91 3.17
N LEU D 338 53.56 -10.81 2.20
CA LEU D 338 52.70 -11.97 2.12
C LEU D 338 52.93 -12.85 3.35
N PRO D 339 51.88 -13.23 4.08
CA PRO D 339 52.06 -14.13 5.23
C PRO D 339 52.72 -15.43 4.79
N GLN D 340 53.60 -15.96 5.65
CA GLN D 340 54.42 -17.11 5.26
C GLN D 340 53.57 -18.28 4.80
N GLU D 341 52.41 -18.48 5.42
CA GLU D 341 51.59 -19.65 5.10
C GLU D 341 50.87 -19.51 3.76
N LYS D 342 50.92 -18.34 3.12
CA LYS D 342 50.35 -18.14 1.81
C LYS D 342 51.40 -18.19 0.70
N ARG D 343 52.66 -18.40 1.06
CA ARG D 343 53.74 -18.39 0.07
C ARG D 343 53.86 -19.74 -0.62
N LEU D 344 54.44 -19.71 -1.80
CA LEU D 344 54.79 -20.92 -2.52
C LEU D 344 56.27 -21.24 -2.30
C1 PEG E . -17.60 30.86 -4.53
O1 PEG E . -17.22 32.17 -4.16
C2 PEG E . -18.24 30.12 -3.39
O2 PEG E . -19.39 29.41 -3.85
C3 PEG E . -20.59 29.87 -3.25
C4 PEG E . -21.31 30.78 -4.19
O4 PEG E . -22.60 30.30 -4.50
C1 EDO F . -15.15 14.80 22.28
O1 EDO F . -13.91 14.11 22.47
C2 EDO F . -16.32 13.82 22.37
O2 EDO F . -17.54 14.49 22.04
C1 PEG G . -38.41 10.13 9.40
O1 PEG G . -39.74 10.63 9.35
C2 PEG G . -38.36 8.68 8.98
O2 PEG G . -37.01 8.27 8.74
C3 PEG G . -36.19 9.26 8.15
C4 PEG G . -35.06 8.61 7.42
O4 PEG G . -34.12 9.58 6.98
C1 EDO H . -39.00 6.58 16.82
O1 EDO H . -37.93 5.66 17.11
C2 EDO H . -38.78 7.18 15.42
O2 EDO H . -39.33 6.32 14.42
C1 PEG I . 23.99 6.32 20.72
O1 PEG I . 25.15 6.39 21.54
C2 PEG I . 24.30 6.55 19.27
O2 PEG I . 24.26 5.32 18.57
C3 PEG I . 23.54 5.36 17.35
C4 PEG I . 23.36 3.97 16.83
O4 PEG I . 22.38 3.26 17.55
C1 PEG J . 11.03 -22.78 18.62
O1 PEG J . 10.85 -23.93 19.44
C2 PEG J . 12.48 -22.52 18.37
O2 PEG J . 12.78 -21.15 18.58
C3 PEG J . 12.73 -20.76 19.95
C4 PEG J . 13.68 -21.62 20.74
O4 PEG J . 14.73 -20.85 21.28
C1 EDO K . 18.19 -16.35 33.16
O1 EDO K . 17.39 -17.45 33.60
C2 EDO K . 17.81 -15.08 33.91
O2 EDO K . 18.68 -14.88 35.04
C1 PEG L . 21.78 18.47 13.74
O1 PEG L . 22.21 17.51 14.70
C2 PEG L . 20.90 17.87 12.68
O2 PEG L . 20.90 18.69 11.51
C3 PEG L . 21.26 17.98 10.34
C4 PEG L . 20.50 18.52 9.16
O4 PEG L . 19.89 17.48 8.41
C1 PEG M . 21.13 13.12 7.92
O1 PEG M . 21.90 13.18 9.11
C2 PEG M . 20.42 14.40 7.59
O2 PEG M . 19.83 14.31 6.30
C3 PEG M . 18.40 14.39 6.27
C4 PEG M . 17.92 13.80 4.98
O4 PEG M . 17.26 14.74 4.14
C1 EDO N . -2.19 5.93 12.91
O1 EDO N . -1.25 5.03 13.50
C2 EDO N . -3.48 5.18 12.57
O2 EDO N . -3.20 4.12 11.64
C1 PEG O . -21.25 -1.69 -18.76
O1 PEG O . -21.25 -2.00 -17.37
C2 PEG O . -21.11 -0.21 -19.00
O2 PEG O . -20.16 0.03 -20.04
C3 PEG O . -20.72 0.51 -21.26
C4 PEG O . -21.07 -0.63 -22.17
O4 PEG O . -21.51 -0.19 -23.44
C1 EDO P . -13.55 0.32 -24.37
O1 EDO P . -12.53 1.21 -23.93
C2 EDO P . -14.93 0.90 -24.05
O2 EDO P . -15.89 -0.17 -24.08
C1 EDO Q . -39.09 -4.63 -5.02
O1 EDO Q . -39.95 -5.70 -5.43
C2 EDO Q . -39.08 -3.53 -6.08
O2 EDO Q . -38.58 -4.07 -7.32
C1 PGE R . 36.17 7.13 1.08
O1 PGE R . 37.46 7.52 1.55
C2 PGE R . 35.96 7.67 -0.30
O2 PGE R . 34.68 7.38 -0.85
C3 PGE R . 34.79 6.82 -2.16
C4 PGE R . 33.51 6.87 -2.99
O4 PGE R . 31.62 7.63 -6.95
C6 PGE R . 32.53 7.27 -5.92
C5 PGE R . 32.32 8.07 -4.65
O3 PGE R . 33.48 8.01 -3.83
C1 EDO S . 30.03 -12.69 11.08
O1 EDO S . 30.78 -13.85 10.66
C2 EDO S . 29.54 -12.89 12.50
O2 EDO S . 30.59 -12.88 13.47
O1 PG4 T . 35.26 -18.35 -11.06
C1 PG4 T . 36.17 -18.96 -10.15
C2 PG4 T . 37.59 -18.75 -10.59
O2 PG4 T . 37.98 -17.43 -10.25
C3 PG4 T . 38.24 -17.27 -8.88
C4 PG4 T . 37.45 -16.12 -8.32
O3 PG4 T . 36.41 -16.61 -7.49
C5 PG4 T . 35.31 -15.75 -7.73
C6 PG4 T . 34.23 -15.94 -6.71
O4 PG4 T . 33.12 -15.09 -7.00
C7 PG4 T . 33.27 -13.85 -6.30
C8 PG4 T . 33.65 -12.75 -7.25
O5 PG4 T . 33.26 -11.49 -6.72
#